data_4SGA
# 
_entry.id   4SGA 
# 
_audit_conform.dict_name       mmcif_pdbx.dic 
_audit_conform.dict_version    5.397 
_audit_conform.dict_location   http://mmcif.pdb.org/dictionaries/ascii/mmcif_pdbx.dic 
# 
loop_
_database_2.database_id 
_database_2.database_code 
_database_2.pdbx_database_accession 
_database_2.pdbx_DOI 
PDB   4SGA         pdb_00004sga 10.2210/pdb4sga/pdb 
WWPDB D_1000179420 ?            ?                   
# 
loop_
_pdbx_audit_revision_history.ordinal 
_pdbx_audit_revision_history.data_content_type 
_pdbx_audit_revision_history.major_revision 
_pdbx_audit_revision_history.minor_revision 
_pdbx_audit_revision_history.revision_date 
1 'Structure model' 1 0 1991-10-15 
2 'Structure model' 1 1 2008-03-25 
3 'Structure model' 1 2 2011-07-13 
4 'Structure model' 1 3 2012-12-12 
5 'Structure model' 1 4 2013-03-13 
6 'Structure model' 1 5 2024-06-05 
7 'Structure model' 1 6 2024-10-23 
# 
_pdbx_audit_revision_details.ordinal             1 
_pdbx_audit_revision_details.revision_ordinal    1 
_pdbx_audit_revision_details.data_content_type   'Structure model' 
_pdbx_audit_revision_details.provider            repository 
_pdbx_audit_revision_details.type                'Initial release' 
_pdbx_audit_revision_details.description         ? 
_pdbx_audit_revision_details.details             ? 
# 
loop_
_pdbx_audit_revision_group.ordinal 
_pdbx_audit_revision_group.revision_ordinal 
_pdbx_audit_revision_group.data_content_type 
_pdbx_audit_revision_group.group 
1  2 'Structure model' 'Version format compliance' 
2  3 'Structure model' 'Atomic model'              
3  3 'Structure model' 'Database references'       
4  3 'Structure model' 'Derived calculations'      
5  3 'Structure model' 'Non-polymer description'   
6  3 'Structure model' 'Structure summary'         
7  3 'Structure model' 'Version format compliance' 
8  4 'Structure model' Other                       
9  5 'Structure model' Other                       
10 6 'Structure model' 'Data collection'           
11 6 'Structure model' 'Database references'       
12 6 'Structure model' 'Derived calculations'      
13 6 'Structure model' Other                       
14 7 'Structure model' 'Structure summary'         
# 
loop_
_pdbx_audit_revision_category.ordinal 
_pdbx_audit_revision_category.revision_ordinal 
_pdbx_audit_revision_category.data_content_type 
_pdbx_audit_revision_category.category 
1 6 'Structure model' chem_comp_atom            
2 6 'Structure model' chem_comp_bond            
3 6 'Structure model' database_2                
4 6 'Structure model' pdbx_database_status      
5 6 'Structure model' struct_conn               
6 6 'Structure model' struct_ref_seq_dif        
7 7 'Structure model' pdbx_entry_details        
8 7 'Structure model' pdbx_modification_feature 
# 
loop_
_pdbx_audit_revision_item.ordinal 
_pdbx_audit_revision_item.revision_ordinal 
_pdbx_audit_revision_item.data_content_type 
_pdbx_audit_revision_item.item 
1  6 'Structure model' '_database_2.pdbx_DOI'                
2  6 'Structure model' '_database_2.pdbx_database_accession' 
3  6 'Structure model' '_pdbx_database_status.process_site'  
4  6 'Structure model' '_struct_conn.pdbx_leaving_atom_flag' 
5  6 'Structure model' '_struct_conn.ptnr1_auth_comp_id'     
6  6 'Structure model' '_struct_conn.ptnr1_auth_seq_id'      
7  6 'Structure model' '_struct_conn.ptnr1_label_atom_id'    
8  6 'Structure model' '_struct_conn.ptnr1_label_comp_id'    
9  6 'Structure model' '_struct_conn.ptnr1_label_seq_id'     
10 6 'Structure model' '_struct_conn.ptnr2_auth_comp_id'     
11 6 'Structure model' '_struct_conn.ptnr2_auth_seq_id'      
12 6 'Structure model' '_struct_conn.ptnr2_label_atom_id'    
13 6 'Structure model' '_struct_conn.ptnr2_label_comp_id'    
14 6 'Structure model' '_struct_conn.ptnr2_label_seq_id'     
15 6 'Structure model' '_struct_ref_seq_dif.details'         
# 
_pdbx_database_status.status_code                     REL 
_pdbx_database_status.entry_id                        4SGA 
_pdbx_database_status.recvd_initial_deposition_date   1990-05-29 
_pdbx_database_status.deposit_site                    ? 
_pdbx_database_status.process_site                    BNL 
_pdbx_database_status.SG_entry                        . 
_pdbx_database_status.status_code_sf                  ? 
_pdbx_database_status.status_code_mr                  ? 
_pdbx_database_status.status_code_cs                  ? 
_pdbx_database_status.pdb_format_compatible           Y 
_pdbx_database_status.status_code_nmr_data            ? 
_pdbx_database_status.methods_development_category    ? 
# 
loop_
_audit_author.name 
_audit_author.pdbx_ordinal 
'Sielecki, A.R.' 1 
'James, M.N.G.'  2 
# 
loop_
_citation.id 
_citation.title 
_citation.journal_abbrev 
_citation.journal_volume 
_citation.page_first 
_citation.page_last 
_citation.year 
_citation.journal_id_ASTM 
_citation.country 
_citation.journal_id_ISSN 
_citation.journal_id_CSD 
_citation.book_publisher 
_citation.pdbx_database_id_PubMed 
_citation.pdbx_database_id_DOI 
primary 
;Structures of product and inhibitor complexes of Streptomyces griseus protease A at 1.8 A resolution. A model for serine protease catalysis.
;
J.Mol.Biol.                                                                    144 43  88 1980 JMOBAK UK 0022-2836 0070 ? 6783761 
'10.1016/0022-2836(80)90214-4' 
1       'The Importance of Refined Structures to the Understanding of Enzyme Action' 
'Proceedings of the Daresbury Study Weekend: Refinement of Protein Structures' ?   78  ?  1981 ?      ?  0144-5677 0811 
'Daresbury Laboratory, Daresbury, England' ?       ?                              
2       'Protein Structure Refinement. Streptomyces Griseus Serine Protease A at 1.8 Angstroms Resolution' J.Mol.Biol. 134 781 ?  
1979 JMOBAK UK 0022-2836 0070 ?                                          ?       ?                              
3       
;Electron Density Calculations as an Extension of Protein Structure Refinement. Streptomyces Griseus Protease at 1.5 Angstroms Resolution
;
J.Mol.Biol.                                                                    182 555 ?  1985 JMOBAK UK 0022-2836 0070 ? ?       
?                              
4       
;Crystallographic and Kinetic Investigations of the Covalent Complex Formed by a Specific Tetrapeptide Aldehyde and the Serine Protease from Streptomyces Griseus
;
Proc.Natl.Acad.Sci.USA                                                         76  96  ?  1979 PNASA6 US 0027-8424 0040 ? ?       
?                              
5       
;Molecular Structure of Crystalline Streptomyces Griseus Protease A at 2.8 Angstroms Resolution. II. Molecular Conformation, Comparison with Alpha-Chymotrypsin and Active-Site Geometry
;
J.Mol.Biol.                                                                    124 261 ?  1978 JMOBAK UK 0022-2836 0070 ? ?       
?                              
6       
;Molecular Structure of Crystalline Streptomyces Griseus Protease A at 2.8 Angstroms Resolution. I. Crystallization, Data Collection and Structural Analysis
;
J.Mol.Biol.                                                                    124 243 ?  1978 JMOBAK UK 0022-2836 0070 ? ?       
?                              
7       'Amino Acid Sequence Alignment of Bacterial and Mammalian Pancreatic Serine Proteases Based on Topological Equivalences' 
Can.J.Biochem.                                                                 56  396 ?  1978 CJBIAE CA 0008-4018 0415 ? ?       
?                              
8       'Tertiary Structural Differences between Microbial Serine Proteases and Pancreatic Serine Enzymes' Nature 257 758 ?  1975 
NATUAS UK 0028-0836 0006 ?                                          ?       ?                              
9       
;Structure of the Complex Formed between the Bacterial-Produced Inhibitor Chymostatin and the Serine Enzyme Streptomyces Griseus Protease A
;
J.Mol.Biol.                                                                    139 45  ?  1980 JMOBAK UK 0022-2836 0070 ? ?       
?                              
10      
'Refined Structure of Alpha-Lytic Protease at 1.7 Angstroms Resolution: Analysis of Hydrogen Bonding and Solvent Structure' 
J.Mol.Biol.                                                                    183 479 ?  1985 JMOBAK UK 0022-2836 0070 ? ?       
?                              
# 
loop_
_citation_author.citation_id 
_citation_author.name 
_citation_author.ordinal 
_citation_author.identifier_ORCID 
primary 'James, M.N.'       1  ? 
primary 'Sielecki, A.R.'    2  ? 
primary 'Brayer, G.D.'      3  ? 
primary 'Delbaere, L.T.'    4  ? 
primary 'Bauer, C.A.'       5  ? 
1       'Sielecki, A.R.'    6  ? 
1       'James, M.N.G.'     7  ? 
2       'Sielecki, A.R.'    8  ? 
2       'Hendrickson, W.A.' 9  ? 
2       'Broughton, C.G.'   10 ? 
2       'Delbaere, L.T.J.'  11 ? 
2       'Brayer, G.D.'      12 ? 
2       'James, M.N.G.'     13 ? 
3       'Moult, J.'         14 ? 
3       'Sussman, F.'       15 ? 
3       'James, M.N.G.'     16 ? 
4       'Brayer, G.D.'      17 ? 
4       'Delbaere, L.T.J.'  18 ? 
4       'James, M.N.G.'     19 ? 
4       'Bauer, C.-A.'      20 ? 
4       'Thompson, R.C.'    21 ? 
5       'Brayer, G.D.'      22 ? 
5       'Delbaere, L.T.J.'  23 ? 
5       'James, M.N.G.'     24 ? 
6       'Brayer, G.D.'      25 ? 
6       'Delbaere, L.T.J.'  26 ? 
6       'James, M.N.G.'     27 ? 
7       'James, M.N.G.'     28 ? 
7       'Delbaere, L.T.J.'  29 ? 
7       'Brayer, G.D.'      30 ? 
8       'Delbaere, L.T.J.'  31 ? 
8       'Hutcheon, W.L.B.'  32 ? 
8       'James, M.N.G.'     33 ? 
8       'Thiessen, W.E.'    34 ? 
9       'Delbaere, L.T.J.'  35 ? 
9       'Brayer, G.D.'      36 ? 
10      'Fujinaga, M.'      37 ? 
10      'Delbaere, L.T.J.'  38 ? 
10      'Brayer, G.D.'      39 ? 
10      'James, M.N.G.'     40 ? 
# 
loop_
_entity.id 
_entity.type 
_entity.src_method 
_entity.pdbx_description 
_entity.formula_weight 
_entity.pdbx_number_of_molecules 
_entity.pdbx_ec 
_entity.pdbx_mutation 
_entity.pdbx_fragment 
_entity.details 
1 polymer man 'PROTEINASE A (SGPA)'              18016.625 1   ? ? ? ? 
2 polymer man 'TETRAPEPTIDE ACE-PRO-ALA-PRO-PHE' 456.534   1   ? ? ? ? 
3 water   nat water                              18.015    184 ? ? ? ? 
# 
loop_
_entity_poly.entity_id 
_entity_poly.type 
_entity_poly.nstd_linkage 
_entity_poly.nstd_monomer 
_entity_poly.pdbx_seq_one_letter_code 
_entity_poly.pdbx_seq_one_letter_code_can 
_entity_poly.pdbx_strand_id 
_entity_poly.pdbx_target_identifier 
1 'polypeptide(L)' no no  
;IAGGEAITTGGSRCSLGFNVSVNGVAHALTAGHCTNISASWSIGTRTGTSFPNNDYGIIRHSNPAAADGRVYLYNGSYQD
ITTAGNAFVGQAVQRSGSTTGLRSGSVTGLNATVNYGSSGIVYGMIQTNVCAQPGDSGGSLFAGSTALGLTSGGSGNCRT
GGTTFYQPVTEALSAYGATVL
;
;IAGGEAITTGGSRCSLGFNVSVNGVAHALTAGHCTNISASWSIGTRTGTSFPNNDYGIIRHSNPAAADGRVYLYNGSYQD
ITTAGNAFVGQAVQRSGSTTGLRSGSVTGLNATVNYGSSGIVYGMIQTNVCAQPGDSGGSLFAGSTALGLTSGGSGNCRT
GGTTFYQPVTEALSAYGATVL
;
E ? 
2 'polypeptide(L)' no yes '(ACE)PAPF' XPAPF P ? 
# 
_pdbx_entity_nonpoly.entity_id   3 
_pdbx_entity_nonpoly.name        water 
_pdbx_entity_nonpoly.comp_id     HOH 
# 
loop_
_entity_poly_seq.entity_id 
_entity_poly_seq.num 
_entity_poly_seq.mon_id 
_entity_poly_seq.hetero 
1 1   ILE n 
1 2   ALA n 
1 3   GLY n 
1 4   GLY n 
1 5   GLU n 
1 6   ALA n 
1 7   ILE n 
1 8   THR n 
1 9   THR n 
1 10  GLY n 
1 11  GLY n 
1 12  SER n 
1 13  ARG n 
1 14  CYS n 
1 15  SER n 
1 16  LEU n 
1 17  GLY n 
1 18  PHE n 
1 19  ASN n 
1 20  VAL n 
1 21  SER n 
1 22  VAL n 
1 23  ASN n 
1 24  GLY n 
1 25  VAL n 
1 26  ALA n 
1 27  HIS n 
1 28  ALA n 
1 29  LEU n 
1 30  THR n 
1 31  ALA n 
1 32  GLY n 
1 33  HIS n 
1 34  CYS n 
1 35  THR n 
1 36  ASN n 
1 37  ILE n 
1 38  SER n 
1 39  ALA n 
1 40  SER n 
1 41  TRP n 
1 42  SER n 
1 43  ILE n 
1 44  GLY n 
1 45  THR n 
1 46  ARG n 
1 47  THR n 
1 48  GLY n 
1 49  THR n 
1 50  SER n 
1 51  PHE n 
1 52  PRO n 
1 53  ASN n 
1 54  ASN n 
1 55  ASP n 
1 56  TYR n 
1 57  GLY n 
1 58  ILE n 
1 59  ILE n 
1 60  ARG n 
1 61  HIS n 
1 62  SER n 
1 63  ASN n 
1 64  PRO n 
1 65  ALA n 
1 66  ALA n 
1 67  ALA n 
1 68  ASP n 
1 69  GLY n 
1 70  ARG n 
1 71  VAL n 
1 72  TYR n 
1 73  LEU n 
1 74  TYR n 
1 75  ASN n 
1 76  GLY n 
1 77  SER n 
1 78  TYR n 
1 79  GLN n 
1 80  ASP n 
1 81  ILE n 
1 82  THR n 
1 83  THR n 
1 84  ALA n 
1 85  GLY n 
1 86  ASN n 
1 87  ALA n 
1 88  PHE n 
1 89  VAL n 
1 90  GLY n 
1 91  GLN n 
1 92  ALA n 
1 93  VAL n 
1 94  GLN n 
1 95  ARG n 
1 96  SER n 
1 97  GLY n 
1 98  SER n 
1 99  THR n 
1 100 THR n 
1 101 GLY n 
1 102 LEU n 
1 103 ARG n 
1 104 SER n 
1 105 GLY n 
1 106 SER n 
1 107 VAL n 
1 108 THR n 
1 109 GLY n 
1 110 LEU n 
1 111 ASN n 
1 112 ALA n 
1 113 THR n 
1 114 VAL n 
1 115 ASN n 
1 116 TYR n 
1 117 GLY n 
1 118 SER n 
1 119 SER n 
1 120 GLY n 
1 121 ILE n 
1 122 VAL n 
1 123 TYR n 
1 124 GLY n 
1 125 MET n 
1 126 ILE n 
1 127 GLN n 
1 128 THR n 
1 129 ASN n 
1 130 VAL n 
1 131 CYS n 
1 132 ALA n 
1 133 GLN n 
1 134 PRO n 
1 135 GLY n 
1 136 ASP n 
1 137 SER n 
1 138 GLY n 
1 139 GLY n 
1 140 SER n 
1 141 LEU n 
1 142 PHE n 
1 143 ALA n 
1 144 GLY n 
1 145 SER n 
1 146 THR n 
1 147 ALA n 
1 148 LEU n 
1 149 GLY n 
1 150 LEU n 
1 151 THR n 
1 152 SER n 
1 153 GLY n 
1 154 GLY n 
1 155 SER n 
1 156 GLY n 
1 157 ASN n 
1 158 CYS n 
1 159 ARG n 
1 160 THR n 
1 161 GLY n 
1 162 GLY n 
1 163 THR n 
1 164 THR n 
1 165 PHE n 
1 166 TYR n 
1 167 GLN n 
1 168 PRO n 
1 169 VAL n 
1 170 THR n 
1 171 GLU n 
1 172 ALA n 
1 173 LEU n 
1 174 SER n 
1 175 ALA n 
1 176 TYR n 
1 177 GLY n 
1 178 ALA n 
1 179 THR n 
1 180 VAL n 
1 181 LEU n 
2 1   ACE n 
2 2   PRO n 
2 3   ALA n 
2 4   PRO n 
2 5   PHE n 
# 
_entity_src_gen.entity_id                          1 
_entity_src_gen.pdbx_src_id                        1 
_entity_src_gen.pdbx_alt_source_flag               sample 
_entity_src_gen.pdbx_seq_type                      ? 
_entity_src_gen.pdbx_beg_seq_num                   ? 
_entity_src_gen.pdbx_end_seq_num                   ? 
_entity_src_gen.gene_src_common_name               ? 
_entity_src_gen.gene_src_genus                     Streptomyces 
_entity_src_gen.pdbx_gene_src_gene                 ? 
_entity_src_gen.gene_src_species                   ? 
_entity_src_gen.gene_src_strain                    ? 
_entity_src_gen.gene_src_tissue                    ? 
_entity_src_gen.gene_src_tissue_fraction           ? 
_entity_src_gen.gene_src_details                   ? 
_entity_src_gen.pdbx_gene_src_fragment             ? 
_entity_src_gen.pdbx_gene_src_scientific_name      'Streptomyces griseus' 
_entity_src_gen.pdbx_gene_src_ncbi_taxonomy_id     1911 
_entity_src_gen.pdbx_gene_src_variant              ? 
_entity_src_gen.pdbx_gene_src_cell_line            ? 
_entity_src_gen.pdbx_gene_src_atcc                 ? 
_entity_src_gen.pdbx_gene_src_organ                ? 
_entity_src_gen.pdbx_gene_src_organelle            ? 
_entity_src_gen.pdbx_gene_src_cell                 ? 
_entity_src_gen.pdbx_gene_src_cellular_location    ? 
_entity_src_gen.host_org_common_name               ? 
_entity_src_gen.pdbx_host_org_scientific_name      ? 
_entity_src_gen.pdbx_host_org_ncbi_taxonomy_id     ? 
_entity_src_gen.host_org_genus                     ? 
_entity_src_gen.pdbx_host_org_gene                 ? 
_entity_src_gen.pdbx_host_org_organ                ? 
_entity_src_gen.host_org_species                   ? 
_entity_src_gen.pdbx_host_org_tissue               ? 
_entity_src_gen.pdbx_host_org_tissue_fraction      ? 
_entity_src_gen.pdbx_host_org_strain               ? 
_entity_src_gen.pdbx_host_org_variant              ? 
_entity_src_gen.pdbx_host_org_cell_line            ? 
_entity_src_gen.pdbx_host_org_atcc                 ? 
_entity_src_gen.pdbx_host_org_culture_collection   ? 
_entity_src_gen.pdbx_host_org_cell                 ? 
_entity_src_gen.pdbx_host_org_organelle            ? 
_entity_src_gen.pdbx_host_org_cellular_location    ? 
_entity_src_gen.pdbx_host_org_vector_type          ? 
_entity_src_gen.pdbx_host_org_vector               ? 
_entity_src_gen.host_org_details                   ? 
_entity_src_gen.expression_system_id               ? 
_entity_src_gen.plasmid_name                       ? 
_entity_src_gen.plasmid_details                    ? 
_entity_src_gen.pdbx_description                   ? 
# 
loop_
_chem_comp.id 
_chem_comp.type 
_chem_comp.mon_nstd_flag 
_chem_comp.name 
_chem_comp.pdbx_synonyms 
_chem_comp.formula 
_chem_comp.formula_weight 
ACE non-polymer         . 'ACETYL GROUP'  ? 'C2 H4 O'        44.053  
ALA 'L-peptide linking' y ALANINE         ? 'C3 H7 N O2'     89.093  
ARG 'L-peptide linking' y ARGININE        ? 'C6 H15 N4 O2 1' 175.209 
ASN 'L-peptide linking' y ASPARAGINE      ? 'C4 H8 N2 O3'    132.118 
ASP 'L-peptide linking' y 'ASPARTIC ACID' ? 'C4 H7 N O4'     133.103 
CYS 'L-peptide linking' y CYSTEINE        ? 'C3 H7 N O2 S'   121.158 
GLN 'L-peptide linking' y GLUTAMINE       ? 'C5 H10 N2 O3'   146.144 
GLU 'L-peptide linking' y 'GLUTAMIC ACID' ? 'C5 H9 N O4'     147.129 
GLY 'peptide linking'   y GLYCINE         ? 'C2 H5 N O2'     75.067  
HIS 'L-peptide linking' y HISTIDINE       ? 'C6 H10 N3 O2 1' 156.162 
HOH non-polymer         . WATER           ? 'H2 O'           18.015  
ILE 'L-peptide linking' y ISOLEUCINE      ? 'C6 H13 N O2'    131.173 
LEU 'L-peptide linking' y LEUCINE         ? 'C6 H13 N O2'    131.173 
MET 'L-peptide linking' y METHIONINE      ? 'C5 H11 N O2 S'  149.211 
PHE 'L-peptide linking' y PHENYLALANINE   ? 'C9 H11 N O2'    165.189 
PRO 'L-peptide linking' y PROLINE         ? 'C5 H9 N O2'     115.130 
SER 'L-peptide linking' y SERINE          ? 'C3 H7 N O3'     105.093 
THR 'L-peptide linking' y THREONINE       ? 'C4 H9 N O3'     119.119 
TRP 'L-peptide linking' y TRYPTOPHAN      ? 'C11 H12 N2 O2'  204.225 
TYR 'L-peptide linking' y TYROSINE        ? 'C9 H11 N O3'    181.189 
VAL 'L-peptide linking' y VALINE          ? 'C5 H11 N O2'    117.146 
# 
loop_
_pdbx_poly_seq_scheme.asym_id 
_pdbx_poly_seq_scheme.entity_id 
_pdbx_poly_seq_scheme.seq_id 
_pdbx_poly_seq_scheme.mon_id 
_pdbx_poly_seq_scheme.ndb_seq_num 
_pdbx_poly_seq_scheme.pdb_seq_num 
_pdbx_poly_seq_scheme.auth_seq_num 
_pdbx_poly_seq_scheme.pdb_mon_id 
_pdbx_poly_seq_scheme.auth_mon_id 
_pdbx_poly_seq_scheme.pdb_strand_id 
_pdbx_poly_seq_scheme.pdb_ins_code 
_pdbx_poly_seq_scheme.hetero 
A 1 1   ILE 1   16  16  ILE ILE E . n 
A 1 2   ALA 2   17  17  ALA ALA E . n 
A 1 3   GLY 3   18  18  GLY GLY E . n 
A 1 4   GLY 4   19  19  GLY GLY E . n 
A 1 5   GLU 5   29  29  GLU GLU E . n 
A 1 6   ALA 6   30  30  ALA ALA E . n 
A 1 7   ILE 7   31  31  ILE ILE E . n 
A 1 8   THR 8   32  32  THR THR E . n 
A 1 9   THR 9   33  33  THR THR E . n 
A 1 10  GLY 10  34  34  GLY GLY E . n 
A 1 11  GLY 11  39  39  GLY GLY E . n 
A 1 12  SER 12  40  40  SER SER E . n 
A 1 13  ARG 13  41  41  ARG ARG E . n 
A 1 14  CYS 14  42  42  CYS CYS E . n 
A 1 15  SER 15  43  43  SER SER E . n 
A 1 16  LEU 16  44  44  LEU LEU E . n 
A 1 17  GLY 17  45  45  GLY GLY E . n 
A 1 18  PHE 18  46  46  PHE PHE E . n 
A 1 19  ASN 19  47  47  ASN ASN E . n 
A 1 20  VAL 20  48  48  VAL VAL E . n 
A 1 21  SER 21  48  48  SER SER E A n 
A 1 22  VAL 22  48  48  VAL VAL E B n 
A 1 23  ASN 23  48  48  ASN ASN E C n 
A 1 24  GLY 24  48  48  GLY GLY E D n 
A 1 25  VAL 25  49  49  VAL VAL E . n 
A 1 26  ALA 26  50  50  ALA ALA E . n 
A 1 27  HIS 27  51  51  HIS HIS E . n 
A 1 28  ALA 28  52  52  ALA ALA E . n 
A 1 29  LEU 29  53  53  LEU LEU E . n 
A 1 30  THR 30  54  54  THR THR E . n 
A 1 31  ALA 31  55  55  ALA ALA E . n 
A 1 32  GLY 32  56  56  GLY GLY E . n 
A 1 33  HIS 33  57  57  HIS HIS E . n 
A 1 34  CYS 34  58  58  CYS CYS E . n 
A 1 35  THR 35  59  59  THR THR E . n 
A 1 36  ASN 36  62  62  ASN ASN E . n 
A 1 37  ILE 37  63  63  ILE ILE E . n 
A 1 38  SER 38  64  64  SER SER E . n 
A 1 39  ALA 39  65  65  ALA ALA E . n 
A 1 40  SER 40  65  65  SER SER E A n 
A 1 41  TRP 41  66  66  TRP TRP E . n 
A 1 42  SER 42  84  84  SER SER E . n 
A 1 43  ILE 43  85  85  ILE ILE E . n 
A 1 44  GLY 44  86  86  GLY GLY E . n 
A 1 45  THR 45  87  87  THR THR E . n 
A 1 46  ARG 46  88  88  ARG ARG E . n 
A 1 47  THR 47  89  89  THR THR E . n 
A 1 48  GLY 48  90  90  GLY GLY E . n 
A 1 49  THR 49  91  91  THR THR E . n 
A 1 50  SER 50  93  93  SER SER E . n 
A 1 51  PHE 51  94  94  PHE PHE E . n 
A 1 52  PRO 52  99  99  PRO PRO E A n 
A 1 53  ASN 53  100 100 ASN ASN E . n 
A 1 54  ASN 54  101 101 ASN ASN E . n 
A 1 55  ASP 55  102 102 ASP ASP E . n 
A 1 56  TYR 56  103 103 TYR TYR E . n 
A 1 57  GLY 57  104 104 GLY GLY E . n 
A 1 58  ILE 58  105 105 ILE ILE E . n 
A 1 59  ILE 59  106 106 ILE ILE E . n 
A 1 60  ARG 60  107 107 ARG ARG E . n 
A 1 61  HIS 61  108 108 HIS HIS E . n 
A 1 62  SER 62  109 109 SER SER E . n 
A 1 63  ASN 63  110 110 ASN ASN E . n 
A 1 64  PRO 64  111 111 PRO PRO E . n 
A 1 65  ALA 65  112 112 ALA ALA E . n 
A 1 66  ALA 66  113 113 ALA ALA E . n 
A 1 67  ALA 67  114 114 ALA ALA E . n 
A 1 68  ASP 68  115 115 ASP ASP E . n 
A 1 69  GLY 69  116 116 GLY GLY E . n 
A 1 70  ARG 70  117 117 ARG ARG E . n 
A 1 71  VAL 71  118 118 VAL VAL E . n 
A 1 72  TYR 72  119 119 TYR TYR E . n 
A 1 73  LEU 73  120 120 LEU LEU E . n 
A 1 74  TYR 74  120 120 TYR TYR E A n 
A 1 75  ASN 75  120 120 ASN ASN E B n 
A 1 76  GLY 76  120 120 GLY GLY E C n 
A 1 77  SER 77  120 120 SER SER E D n 
A 1 78  TYR 78  121 121 TYR TYR E . n 
A 1 79  GLN 79  122 122 GLN GLN E . n 
A 1 80  ASP 80  123 123 ASP ASP E . n 
A 1 81  ILE 81  124 124 ILE ILE E . n 
A 1 82  THR 82  125 125 THR THR E . n 
A 1 83  THR 83  126 126 THR THR E . n 
A 1 84  ALA 84  127 127 ALA ALA E . n 
A 1 85  GLY 85  128 128 GLY GLY E . n 
A 1 86  ASN 86  129 129 ASN ASN E . n 
A 1 87  ALA 87  130 130 ALA ALA E . n 
A 1 88  PHE 88  131 131 PHE PHE E . n 
A 1 89  VAL 89  132 132 VAL VAL E . n 
A 1 90  GLY 90  133 133 GLY GLY E . n 
A 1 91  GLN 91  134 134 GLN GLN E . n 
A 1 92  ALA 92  135 135 ALA ALA E . n 
A 1 93  VAL 93  136 136 VAL VAL E . n 
A 1 94  GLN 94  137 137 GLN GLN E . n 
A 1 95  ARG 95  138 138 ARG ARG E . n 
A 1 96  SER 96  139 139 SER SER E . n 
A 1 97  GLY 97  140 140 GLY GLY E . n 
A 1 98  SER 98  141 141 SER SER E . n 
A 1 99  THR 99  142 142 THR THR E . n 
A 1 100 THR 100 143 143 THR THR E . n 
A 1 101 GLY 101 156 156 GLY GLY E . n 
A 1 102 LEU 102 157 157 LEU LEU E . n 
A 1 103 ARG 103 158 158 ARG ARG E . n 
A 1 104 SER 104 159 159 SER SER E . n 
A 1 105 GLY 105 160 160 GLY GLY E . n 
A 1 106 SER 106 161 161 SER SER E . n 
A 1 107 VAL 107 162 162 VAL VAL E . n 
A 1 108 THR 108 163 163 THR THR E . n 
A 1 109 GLY 109 164 164 GLY GLY E . n 
A 1 110 LEU 110 165 165 LEU LEU E . n 
A 1 111 ASN 111 166 166 ASN ASN E . n 
A 1 112 ALA 112 167 167 ALA ALA E . n 
A 1 113 THR 113 168 168 THR THR E . n 
A 1 114 VAL 114 169 169 VAL VAL E . n 
A 1 115 ASN 115 170 170 ASN ASN E . n 
A 1 116 TYR 116 171 171 TYR TYR E . n 
A 1 117 GLY 117 172 172 GLY GLY E . n 
A 1 118 SER 118 173 173 SER SER E . n 
A 1 119 SER 119 174 174 SER SER E . n 
A 1 120 GLY 120 175 175 GLY GLY E . n 
A 1 121 ILE 121 176 176 ILE ILE E . n 
A 1 122 VAL 122 177 177 VAL VAL E . n 
A 1 123 TYR 123 178 178 TYR TYR E . n 
A 1 124 GLY 124 179 179 GLY GLY E . n 
A 1 125 MET 125 180 180 MET MET E . n 
A 1 126 ILE 126 181 181 ILE ILE E . n 
A 1 127 GLN 127 182 182 GLN GLN E . n 
A 1 128 THR 128 183 183 THR THR E . n 
A 1 129 ASN 129 184 184 ASN ASN E . n 
A 1 130 VAL 130 190 190 VAL VAL E . n 
A 1 131 CYS 131 191 191 CYS CYS E . n 
A 1 132 ALA 132 192 192 ALA ALA E . n 
A 1 133 GLN 133 192 192 GLN GLN E A n 
A 1 134 PRO 134 192 192 PRO PRO E B n 
A 1 135 GLY 135 193 193 GLY GLY E . n 
A 1 136 ASP 136 194 194 ASP ASP E . n 
A 1 137 SER 137 195 195 SER SER E . n 
A 1 138 GLY 138 196 196 GLY GLY E . n 
A 1 139 GLY 139 197 197 GLY GLY E . n 
A 1 140 SER 140 198 198 SER SER E . n 
A 1 141 LEU 141 199 199 LEU LEU E . n 
A 1 142 PHE 142 200 200 PHE PHE E . n 
A 1 143 ALA 143 201 201 ALA ALA E . n 
A 1 144 GLY 144 202 202 GLY GLY E . n 
A 1 145 SER 145 207 207 SER SER E . n 
A 1 146 THR 146 208 208 THR THR E . n 
A 1 147 ALA 147 209 209 ALA ALA E . n 
A 1 148 LEU 148 210 210 LEU LEU E . n 
A 1 149 GLY 149 211 211 GLY GLY E . n 
A 1 150 LEU 150 212 212 LEU LEU E . n 
A 1 151 THR 151 213 213 THR THR E . n 
A 1 152 SER 152 214 214 SER SER E . n 
A 1 153 GLY 153 215 215 GLY GLY E . n 
A 1 154 GLY 154 216 216 GLY GLY E . n 
A 1 155 SER 155 217 217 SER SER E . n 
A 1 156 GLY 156 218 218 GLY GLY E . n 
A 1 157 ASN 157 219 219 ASN ASN E . n 
A 1 158 CYS 158 220 220 CYS CYS E . n 
A 1 159 ARG 159 221 221 ARG ARG E . n 
A 1 160 THR 160 222 222 THR THR E . n 
A 1 161 GLY 161 223 223 GLY GLY E . n 
A 1 162 GLY 162 224 224 GLY GLY E . n 
A 1 163 THR 163 225 225 THR THR E . n 
A 1 164 THR 164 226 226 THR THR E . n 
A 1 165 PHE 165 227 227 PHE PHE E . n 
A 1 166 TYR 166 228 228 TYR TYR E . n 
A 1 167 GLN 167 229 229 GLN GLN E . n 
A 1 168 PRO 168 230 230 PRO PRO E . n 
A 1 169 VAL 169 231 231 VAL VAL E . n 
A 1 170 THR 170 232 232 THR THR E . n 
A 1 171 GLU 171 233 233 GLU GLU E . n 
A 1 172 ALA 172 234 234 ALA ALA E . n 
A 1 173 LEU 173 235 235 LEU LEU E . n 
A 1 174 SER 174 235 235 SER SER E A n 
A 1 175 ALA 175 236 236 ALA ALA E . n 
A 1 176 TYR 176 237 237 TYR TYR E . n 
A 1 177 GLY 177 238 238 GLY GLY E . n 
A 1 178 ALA 178 239 239 ALA ALA E . n 
A 1 179 THR 179 240 240 THR THR E . n 
A 1 180 VAL 180 241 241 VAL VAL E . n 
A 1 181 LEU 181 242 242 LEU LEU E . n 
B 2 1   ACE 1   5   5   ACE ACE P . n 
B 2 2   PRO 2   4   4   PRO PRO P . n 
B 2 3   ALA 3   3   3   ALA ALA P . n 
B 2 4   PRO 4   2   2   PRO PRO P . n 
B 2 5   PHE 5   1   1   PHE PHE P . n 
# 
loop_
_pdbx_nonpoly_scheme.asym_id 
_pdbx_nonpoly_scheme.entity_id 
_pdbx_nonpoly_scheme.mon_id 
_pdbx_nonpoly_scheme.ndb_seq_num 
_pdbx_nonpoly_scheme.pdb_seq_num 
_pdbx_nonpoly_scheme.auth_seq_num 
_pdbx_nonpoly_scheme.pdb_mon_id 
_pdbx_nonpoly_scheme.auth_mon_id 
_pdbx_nonpoly_scheme.pdb_strand_id 
_pdbx_nonpoly_scheme.pdb_ins_code 
C 3 HOH 1   243 186 HOH HOH E . 
C 3 HOH 2   244 187 HOH HOH E . 
C 3 HOH 3   245 188 HOH HOH E . 
C 3 HOH 4   246 189 HOH HOH E . 
C 3 HOH 5   247 190 HOH HOH E . 
C 3 HOH 6   248 191 HOH HOH E . 
C 3 HOH 7   249 192 HOH HOH E . 
C 3 HOH 8   250 193 HOH HOH E . 
C 3 HOH 9   251 194 HOH HOH E . 
C 3 HOH 10  252 195 HOH HOH E . 
C 3 HOH 11  253 196 HOH HOH E . 
C 3 HOH 12  254 198 HOH HOH E . 
C 3 HOH 13  255 199 HOH HOH E . 
C 3 HOH 14  256 200 HOH HOH E . 
C 3 HOH 15  257 201 HOH HOH E . 
C 3 HOH 16  258 202 HOH HOH E . 
C 3 HOH 17  259 203 HOH HOH E . 
C 3 HOH 18  260 204 HOH HOH E . 
C 3 HOH 19  261 205 HOH HOH E . 
C 3 HOH 20  262 206 HOH HOH E . 
C 3 HOH 21  263 207 HOH HOH E . 
C 3 HOH 22  264 208 HOH HOH E . 
C 3 HOH 23  265 209 HOH HOH E . 
C 3 HOH 24  266 210 HOH HOH E . 
C 3 HOH 25  267 211 HOH HOH E . 
C 3 HOH 26  268 212 HOH HOH E . 
C 3 HOH 27  269 213 HOH HOH E . 
C 3 HOH 28  270 214 HOH HOH E . 
C 3 HOH 29  271 215 HOH HOH E . 
C 3 HOH 30  272 217 HOH HOH E . 
C 3 HOH 31  273 218 HOH HOH E . 
C 3 HOH 32  274 219 HOH HOH E . 
C 3 HOH 33  275 220 HOH HOH E . 
C 3 HOH 34  276 221 HOH HOH E . 
C 3 HOH 35  277 222 HOH HOH E . 
C 3 HOH 36  278 223 HOH HOH E . 
C 3 HOH 37  279 224 HOH HOH E . 
C 3 HOH 38  280 225 HOH HOH E . 
C 3 HOH 39  281 226 HOH HOH E . 
C 3 HOH 40  282 227 HOH HOH E . 
C 3 HOH 41  283 228 HOH HOH E . 
C 3 HOH 42  284 229 HOH HOH E . 
C 3 HOH 43  285 230 HOH HOH E . 
C 3 HOH 44  286 231 HOH HOH E . 
C 3 HOH 45  287 232 HOH HOH E . 
C 3 HOH 46  288 233 HOH HOH E . 
C 3 HOH 47  289 234 HOH HOH E . 
C 3 HOH 48  290 235 HOH HOH E . 
C 3 HOH 49  291 236 HOH HOH E . 
C 3 HOH 50  292 237 HOH HOH E . 
C 3 HOH 51  293 238 HOH HOH E . 
C 3 HOH 52  294 239 HOH HOH E . 
C 3 HOH 53  295 240 HOH HOH E . 
C 3 HOH 54  296 241 HOH HOH E . 
C 3 HOH 55  297 242 HOH HOH E . 
C 3 HOH 56  298 244 HOH HOH E . 
C 3 HOH 57  299 245 HOH HOH E . 
C 3 HOH 58  300 246 HOH HOH E . 
C 3 HOH 59  301 247 HOH HOH E . 
C 3 HOH 60  302 249 HOH HOH E . 
C 3 HOH 61  303 250 HOH HOH E . 
C 3 HOH 62  304 251 HOH HOH E . 
C 3 HOH 63  305 252 HOH HOH E . 
C 3 HOH 64  306 253 HOH HOH E . 
C 3 HOH 65  307 254 HOH HOH E . 
C 3 HOH 66  308 255 HOH HOH E . 
C 3 HOH 67  309 256 HOH HOH E . 
C 3 HOH 68  310 257 HOH HOH E . 
C 3 HOH 69  311 258 HOH HOH E . 
C 3 HOH 70  312 259 HOH HOH E . 
C 3 HOH 71  313 260 HOH HOH E . 
C 3 HOH 72  314 261 HOH HOH E . 
C 3 HOH 73  315 262 HOH HOH E . 
C 3 HOH 74  316 263 HOH HOH E . 
C 3 HOH 75  317 264 HOH HOH E . 
C 3 HOH 76  318 266 HOH HOH E . 
C 3 HOH 77  319 267 HOH HOH E . 
C 3 HOH 78  320 268 HOH HOH E . 
C 3 HOH 79  321 269 HOH HOH E . 
C 3 HOH 80  322 270 HOH HOH E . 
C 3 HOH 81  323 271 HOH HOH E . 
C 3 HOH 82  324 272 HOH HOH E . 
C 3 HOH 83  325 273 HOH HOH E . 
C 3 HOH 84  326 274 HOH HOH E . 
C 3 HOH 85  327 275 HOH HOH E . 
C 3 HOH 86  328 276 HOH HOH E . 
C 3 HOH 87  329 277 HOH HOH E . 
C 3 HOH 88  330 278 HOH HOH E . 
C 3 HOH 89  331 279 HOH HOH E . 
C 3 HOH 90  332 280 HOH HOH E . 
C 3 HOH 91  333 281 HOH HOH E . 
C 3 HOH 92  334 282 HOH HOH E . 
C 3 HOH 93  335 283 HOH HOH E . 
C 3 HOH 94  336 284 HOH HOH E . 
C 3 HOH 95  337 285 HOH HOH E . 
C 3 HOH 96  338 286 HOH HOH E . 
C 3 HOH 97  339 287 HOH HOH E . 
C 3 HOH 98  340 288 HOH HOH E . 
C 3 HOH 99  341 289 HOH HOH E . 
C 3 HOH 100 342 290 HOH HOH E . 
C 3 HOH 101 343 292 HOH HOH E . 
C 3 HOH 102 344 293 HOH HOH E . 
C 3 HOH 103 345 294 HOH HOH E . 
C 3 HOH 104 346 295 HOH HOH E . 
C 3 HOH 105 347 296 HOH HOH E . 
C 3 HOH 106 348 297 HOH HOH E . 
C 3 HOH 107 349 298 HOH HOH E . 
C 3 HOH 108 350 300 HOH HOH E . 
C 3 HOH 109 351 301 HOH HOH E . 
C 3 HOH 110 352 302 HOH HOH E . 
C 3 HOH 111 353 303 HOH HOH E . 
C 3 HOH 112 354 304 HOH HOH E . 
C 3 HOH 113 355 305 HOH HOH E . 
C 3 HOH 114 356 306 HOH HOH E . 
C 3 HOH 115 357 307 HOH HOH E . 
C 3 HOH 116 358 308 HOH HOH E . 
C 3 HOH 117 359 310 HOH HOH E . 
C 3 HOH 118 360 311 HOH HOH E . 
C 3 HOH 119 361 312 HOH HOH E . 
C 3 HOH 120 362 313 HOH HOH E . 
C 3 HOH 121 363 314 HOH HOH E . 
C 3 HOH 122 364 315 HOH HOH E . 
C 3 HOH 123 365 316 HOH HOH E . 
C 3 HOH 124 366 317 HOH HOH E . 
C 3 HOH 125 367 318 HOH HOH E . 
C 3 HOH 126 368 320 HOH HOH E . 
C 3 HOH 127 369 321 HOH HOH E . 
C 3 HOH 128 370 323 HOH HOH E . 
C 3 HOH 129 371 324 HOH HOH E . 
C 3 HOH 130 372 325 HOH HOH E . 
C 3 HOH 131 373 326 HOH HOH E . 
C 3 HOH 132 374 327 HOH HOH E . 
C 3 HOH 133 375 328 HOH HOH E . 
C 3 HOH 134 376 329 HOH HOH E . 
C 3 HOH 135 377 330 HOH HOH E . 
C 3 HOH 136 378 332 HOH HOH E . 
C 3 HOH 137 379 333 HOH HOH E . 
C 3 HOH 138 380 335 HOH HOH E . 
C 3 HOH 139 381 336 HOH HOH E . 
C 3 HOH 140 382 337 HOH HOH E . 
C 3 HOH 141 383 338 HOH HOH E . 
C 3 HOH 142 384 339 HOH HOH E . 
C 3 HOH 143 385 340 HOH HOH E . 
C 3 HOH 144 386 341 HOH HOH E . 
C 3 HOH 145 387 342 HOH HOH E . 
C 3 HOH 146 388 343 HOH HOH E . 
C 3 HOH 147 389 344 HOH HOH E . 
C 3 HOH 148 390 345 HOH HOH E . 
C 3 HOH 149 391 346 HOH HOH E . 
C 3 HOH 150 392 347 HOH HOH E . 
C 3 HOH 151 393 348 HOH HOH E . 
C 3 HOH 152 394 349 HOH HOH E . 
C 3 HOH 153 395 351 HOH HOH E . 
C 3 HOH 154 396 352 HOH HOH E . 
C 3 HOH 155 397 353 HOH HOH E . 
C 3 HOH 156 398 354 HOH HOH E . 
C 3 HOH 157 399 355 HOH HOH E . 
C 3 HOH 158 400 358 HOH HOH E . 
C 3 HOH 159 401 359 HOH HOH E . 
C 3 HOH 160 402 360 HOH HOH E . 
C 3 HOH 161 403 362 HOH HOH E . 
C 3 HOH 162 404 363 HOH HOH E . 
C 3 HOH 163 405 365 HOH HOH E . 
C 3 HOH 164 406 367 HOH HOH E . 
C 3 HOH 165 407 369 HOH HOH E . 
C 3 HOH 166 408 370 HOH HOH E . 
C 3 HOH 167 409 372 HOH HOH E . 
C 3 HOH 168 410 373 HOH HOH E . 
C 3 HOH 169 411 374 HOH HOH E . 
C 3 HOH 170 412 376 HOH HOH E . 
C 3 HOH 171 413 377 HOH HOH E . 
C 3 HOH 172 414 378 HOH HOH E . 
C 3 HOH 173 415 380 HOH HOH E . 
C 3 HOH 174 416 381 HOH HOH E . 
C 3 HOH 175 417 382 HOH HOH E . 
C 3 HOH 176 418 383 HOH HOH E . 
C 3 HOH 177 419 384 HOH HOH E . 
C 3 HOH 178 420 386 HOH HOH E . 
C 3 HOH 179 421 387 HOH HOH E . 
C 3 HOH 180 422 388 HOH HOH E . 
C 3 HOH 181 423 390 HOH HOH E . 
D 3 HOH 1   356 356 HOH HOH P . 
D 3 HOH 2   357 357 HOH HOH P . 
D 3 HOH 3   361 361 HOH HOH P . 
# 
loop_
_pdbx_unobs_or_zero_occ_atoms.id 
_pdbx_unobs_or_zero_occ_atoms.PDB_model_num 
_pdbx_unobs_or_zero_occ_atoms.polymer_flag 
_pdbx_unobs_or_zero_occ_atoms.occupancy_flag 
_pdbx_unobs_or_zero_occ_atoms.auth_asym_id 
_pdbx_unobs_or_zero_occ_atoms.auth_comp_id 
_pdbx_unobs_or_zero_occ_atoms.auth_seq_id 
_pdbx_unobs_or_zero_occ_atoms.PDB_ins_code 
_pdbx_unobs_or_zero_occ_atoms.auth_atom_id 
_pdbx_unobs_or_zero_occ_atoms.label_alt_id 
_pdbx_unobs_or_zero_occ_atoms.label_asym_id 
_pdbx_unobs_or_zero_occ_atoms.label_comp_id 
_pdbx_unobs_or_zero_occ_atoms.label_seq_id 
_pdbx_unobs_or_zero_occ_atoms.label_atom_id 
1 1 Y 1 E ARG 221 ? CG  ? A ARG 159 CG  
2 1 Y 1 E ARG 221 ? CD  ? A ARG 159 CD  
3 1 Y 1 E ARG 221 ? NE  ? A ARG 159 NE  
4 1 Y 1 E ARG 221 ? CZ  ? A ARG 159 CZ  
5 1 Y 1 E ARG 221 ? NH1 ? A ARG 159 NH1 
6 1 Y 1 E ARG 221 ? NH2 ? A ARG 159 NH2 
# 
_software.name             PROLSQ 
_software.classification   refinement 
_software.version          . 
_software.citation_id      ? 
_software.pdbx_ordinal     1 
# 
_cell.entry_id           4SGA 
_cell.length_a           55.200 
_cell.length_b           55.200 
_cell.length_c           54.790 
_cell.angle_alpha        90.00 
_cell.angle_beta         90.00 
_cell.angle_gamma        90.00 
_cell.Z_PDB              4 
_cell.pdbx_unique_axis   ? 
_cell.length_a_esd       ? 
_cell.length_b_esd       ? 
_cell.length_c_esd       ? 
_cell.angle_alpha_esd    ? 
_cell.angle_beta_esd     ? 
_cell.angle_gamma_esd    ? 
# 
_symmetry.entry_id                         4SGA 
_symmetry.space_group_name_H-M             'P 42' 
_symmetry.pdbx_full_space_group_name_H-M   ? 
_symmetry.cell_setting                     ? 
_symmetry.Int_Tables_number                77 
_symmetry.space_group_name_Hall            ? 
# 
_exptl.entry_id          4SGA 
_exptl.method            'X-RAY DIFFRACTION' 
_exptl.crystals_number   ? 
# 
_exptl_crystal.id                    1 
_exptl_crystal.density_meas          ? 
_exptl_crystal.density_Matthews      2.26 
_exptl_crystal.density_percent_sol   45.54 
_exptl_crystal.description           ? 
_exptl_crystal.F_000                 ? 
_exptl_crystal.preparation           ? 
# 
_diffrn.id                     1 
_diffrn.ambient_temp           ? 
_diffrn.ambient_temp_details   ? 
_diffrn.crystal_id             1 
# 
_diffrn_radiation.diffrn_id                        1 
_diffrn_radiation.wavelength_id                    1 
_diffrn_radiation.monochromator                    ? 
_diffrn_radiation.pdbx_monochromatic_or_laue_m_l   ? 
_diffrn_radiation.pdbx_diffrn_protocol             ? 
_diffrn_radiation.pdbx_scattering_type             x-ray 
# 
_diffrn_radiation_wavelength.id           1 
_diffrn_radiation_wavelength.wavelength   . 
_diffrn_radiation_wavelength.wt           1.0 
# 
_refine.entry_id                                 4SGA 
_refine.ls_number_reflns_obs                     ? 
_refine.ls_number_reflns_all                     ? 
_refine.pdbx_ls_sigma_I                          ? 
_refine.pdbx_ls_sigma_F                          ? 
_refine.pdbx_data_cutoff_high_absF               ? 
_refine.pdbx_data_cutoff_low_absF                ? 
_refine.pdbx_data_cutoff_high_rms_absF           ? 
_refine.ls_d_res_low                             10.0 
_refine.ls_d_res_high                            1.8 
_refine.ls_percent_reflns_obs                    ? 
_refine.ls_R_factor_obs                          0.116 
_refine.ls_R_factor_all                          ? 
_refine.ls_R_factor_R_work                       ? 
_refine.ls_R_factor_R_free                       ? 
_refine.ls_R_factor_R_free_error                 ? 
_refine.ls_R_factor_R_free_error_details         ? 
_refine.ls_percent_reflns_R_free                 ? 
_refine.ls_number_reflns_R_free                  ? 
_refine.ls_number_parameters                     ? 
_refine.ls_number_restraints                     ? 
_refine.occupancy_min                            ? 
_refine.occupancy_max                            ? 
_refine.B_iso_mean                               ? 
_refine.aniso_B[1][1]                            ? 
_refine.aniso_B[2][2]                            ? 
_refine.aniso_B[3][3]                            ? 
_refine.aniso_B[1][2]                            ? 
_refine.aniso_B[1][3]                            ? 
_refine.aniso_B[2][3]                            ? 
_refine.solvent_model_details                    ? 
_refine.solvent_model_param_ksol                 ? 
_refine.solvent_model_param_bsol                 ? 
_refine.pdbx_ls_cross_valid_method               ? 
_refine.details                                  ? 
_refine.pdbx_starting_model                      ? 
_refine.pdbx_method_to_determine_struct          ? 
_refine.pdbx_isotropic_thermal_model             ? 
_refine.pdbx_stereochemistry_target_values       ? 
_refine.pdbx_stereochem_target_val_spec_case     ? 
_refine.pdbx_R_Free_selection_details            ? 
_refine.pdbx_overall_ESU_R_Free                  ? 
_refine.overall_SU_ML                            ? 
_refine.overall_SU_B                             ? 
_refine.pdbx_refine_id                           'X-RAY DIFFRACTION' 
_refine.ls_redundancy_reflns_obs                 ? 
_refine.pdbx_overall_phase_error                 ? 
_refine.B_iso_min                                ? 
_refine.B_iso_max                                ? 
_refine.correlation_coeff_Fo_to_Fc               ? 
_refine.correlation_coeff_Fo_to_Fc_free          ? 
_refine.pdbx_solvent_vdw_probe_radii             ? 
_refine.pdbx_solvent_ion_probe_radii             ? 
_refine.pdbx_solvent_shrinkage_radii             ? 
_refine.overall_SU_R_Cruickshank_DPI             ? 
_refine.overall_SU_R_free                        ? 
_refine.ls_wR_factor_R_free                      ? 
_refine.ls_wR_factor_R_work                      ? 
_refine.overall_FOM_free_R_set                   ? 
_refine.overall_FOM_work_R_set                   ? 
_refine.pdbx_overall_ESU_R                       ? 
_refine.pdbx_diffrn_id                           1 
_refine.pdbx_TLS_residual_ADP_flag               ? 
_refine.pdbx_overall_SU_R_free_Cruickshank_DPI   ? 
_refine.pdbx_overall_SU_R_Blow_DPI               ? 
_refine.pdbx_overall_SU_R_free_Blow_DPI          ? 
# 
_refine_hist.pdbx_refine_id                   'X-RAY DIFFRACTION' 
_refine_hist.cycle_id                         LAST 
_refine_hist.pdbx_number_atoms_protein        1293 
_refine_hist.pdbx_number_atoms_nucleic_acid   0 
_refine_hist.pdbx_number_atoms_ligand         0 
_refine_hist.number_atoms_solvent             184 
_refine_hist.number_atoms_total               1477 
_refine_hist.d_res_high                       1.8 
_refine_hist.d_res_low                        10.0 
# 
loop_
_refine_ls_restr.type 
_refine_ls_restr.dev_ideal 
_refine_ls_restr.dev_ideal_target 
_refine_ls_restr.weight 
_refine_ls_restr.number 
_refine_ls_restr.pdbx_refine_id 
_refine_ls_restr.pdbx_restraint_function 
p_bond_d            0.019 0.030 ? ? 'X-RAY DIFFRACTION' ? 
p_angle_d           0.036 0.046 ? ? 'X-RAY DIFFRACTION' ? 
p_angle_deg         ?     ?     ? ? 'X-RAY DIFFRACTION' ? 
p_planar_d          ?     ?     ? ? 'X-RAY DIFFRACTION' ? 
p_hb_or_metal_coord ?     ?     ? ? 'X-RAY DIFFRACTION' ? 
p_mcbond_it         ?     ?     ? ? 'X-RAY DIFFRACTION' ? 
p_mcangle_it        ?     ?     ? ? 'X-RAY DIFFRACTION' ? 
p_scbond_it         ?     ?     ? ? 'X-RAY DIFFRACTION' ? 
p_scangle_it        ?     ?     ? ? 'X-RAY DIFFRACTION' ? 
p_plane_restr       0.015 0.018 ? ? 'X-RAY DIFFRACTION' ? 
p_chiral_restr      0.148 0.180 ? ? 'X-RAY DIFFRACTION' ? 
p_singtor_nbd       0.207 0.400 ? ? 'X-RAY DIFFRACTION' ? 
p_multtor_nbd       ?     ?     ? ? 'X-RAY DIFFRACTION' ? 
p_xhyhbond_nbd      0.147 ?     ? ? 'X-RAY DIFFRACTION' ? 
p_xyhbond_nbd       ?     ?     ? ? 'X-RAY DIFFRACTION' ? 
p_planar_tor        2.9   6.0   ? ? 'X-RAY DIFFRACTION' ? 
p_staggered_tor     ?     ?     ? ? 'X-RAY DIFFRACTION' ? 
p_orthonormal_tor   ?     ?     ? ? 'X-RAY DIFFRACTION' ? 
p_transverse_tor    ?     ?     ? ? 'X-RAY DIFFRACTION' ? 
p_special_tor       ?     ?     ? ? 'X-RAY DIFFRACTION' ? 
# 
_struct.entry_id                  4SGA 
_struct.title                     
;STRUCTURES OF PRODUCT AND INHIBITOR COMPLEXES OF STREPTOMYCES GRISEUS PROTEASE A AT 1.8 ANGSTROMS RESOLUTION. A MODEL FOR SERINE PROTEASE CATALYSIS
;
_struct.pdbx_model_details        ? 
_struct.pdbx_CASP_flag            ? 
_struct.pdbx_model_type_details   ? 
# 
_struct_keywords.entry_id        4SGA 
_struct_keywords.pdbx_keywords   'HYDROLASE/HYDROLASE INHIBITOR' 
_struct_keywords.text            'SERINE PROTEINASE, HYDROLASE-HYDROLASE INHIBITOR complex' 
# 
loop_
_struct_asym.id 
_struct_asym.pdbx_blank_PDB_chainid_flag 
_struct_asym.pdbx_modified 
_struct_asym.entity_id 
_struct_asym.details 
A N N 1 ? 
B N N 2 ? 
C N N 3 ? 
D N N 3 ? 
# 
loop_
_struct_ref.id 
_struct_ref.db_name 
_struct_ref.db_code 
_struct_ref.pdbx_db_accession 
_struct_ref.entity_id 
_struct_ref.pdbx_align_begin 
_struct_ref.pdbx_seq_one_letter_code 
_struct_ref.pdbx_db_isoform 
1 UNP PRTA_STRGR P00776 1 117 ? ? 
2 PDB 4SGA       4SGA   2 ?   ? ? 
# 
loop_
_struct_ref_seq.align_id 
_struct_ref_seq.ref_id 
_struct_ref_seq.pdbx_PDB_id_code 
_struct_ref_seq.pdbx_strand_id 
_struct_ref_seq.seq_align_beg 
_struct_ref_seq.pdbx_seq_align_beg_ins_code 
_struct_ref_seq.seq_align_end 
_struct_ref_seq.pdbx_seq_align_end_ins_code 
_struct_ref_seq.pdbx_db_accession 
_struct_ref_seq.db_align_beg 
_struct_ref_seq.pdbx_db_align_beg_ins_code 
_struct_ref_seq.db_align_end 
_struct_ref_seq.pdbx_db_align_end_ins_code 
_struct_ref_seq.pdbx_auth_seq_align_beg 
_struct_ref_seq.pdbx_auth_seq_align_end 
1 1 4SGA E 1 ? 181 ? P00776 117 ? 297 ? 16 242 
2 2 4SGA P 1 ? 5   ? 4SGA   5   ? 1   ? 5  1   
# 
_struct_ref_seq_dif.align_id                     1 
_struct_ref_seq_dif.pdbx_pdb_id_code             4SGA 
_struct_ref_seq_dif.mon_id                       GLN 
_struct_ref_seq_dif.pdbx_pdb_strand_id           E 
_struct_ref_seq_dif.seq_num                      133 
_struct_ref_seq_dif.pdbx_pdb_ins_code            A 
_struct_ref_seq_dif.pdbx_seq_db_name             UNP 
_struct_ref_seq_dif.pdbx_seq_db_accession_code   P00776 
_struct_ref_seq_dif.db_mon_id                    GLU 
_struct_ref_seq_dif.pdbx_seq_db_seq_num          249 
_struct_ref_seq_dif.details                      conflict 
_struct_ref_seq_dif.pdbx_auth_seq_num            192 
_struct_ref_seq_dif.pdbx_ordinal                 1 
# 
_pdbx_struct_assembly.id                   1 
_pdbx_struct_assembly.details              author_and_software_defined_assembly 
_pdbx_struct_assembly.method_details       PISA 
_pdbx_struct_assembly.oligomeric_details   dimeric 
_pdbx_struct_assembly.oligomeric_count     2 
# 
loop_
_pdbx_struct_assembly_prop.biol_id 
_pdbx_struct_assembly_prop.type 
_pdbx_struct_assembly_prop.value 
_pdbx_struct_assembly_prop.details 
1 'ABSA (A^2)' 930  ? 
1 MORE         -8   ? 
1 'SSA (A^2)'  7020 ? 
# 
_pdbx_struct_assembly_gen.assembly_id       1 
_pdbx_struct_assembly_gen.oper_expression   1 
_pdbx_struct_assembly_gen.asym_id_list      A,B,C,D 
# 
_pdbx_struct_oper_list.id                   1 
_pdbx_struct_oper_list.type                 'identity operation' 
_pdbx_struct_oper_list.name                 1_555 
_pdbx_struct_oper_list.symmetry_operation   x,y,z 
_pdbx_struct_oper_list.matrix[1][1]         1.0000000000 
_pdbx_struct_oper_list.matrix[1][2]         0.0000000000 
_pdbx_struct_oper_list.matrix[1][3]         0.0000000000 
_pdbx_struct_oper_list.vector[1]            0.0000000000 
_pdbx_struct_oper_list.matrix[2][1]         0.0000000000 
_pdbx_struct_oper_list.matrix[2][2]         1.0000000000 
_pdbx_struct_oper_list.matrix[2][3]         0.0000000000 
_pdbx_struct_oper_list.vector[2]            0.0000000000 
_pdbx_struct_oper_list.matrix[3][1]         0.0000000000 
_pdbx_struct_oper_list.matrix[3][2]         0.0000000000 
_pdbx_struct_oper_list.matrix[3][3]         1.0000000000 
_pdbx_struct_oper_list.vector[3]            0.0000000000 
# 
_struct_biol.id        1 
_struct_biol.details   ? 
# 
loop_
_struct_conf.conf_type_id 
_struct_conf.id 
_struct_conf.pdbx_PDB_helix_id 
_struct_conf.beg_label_comp_id 
_struct_conf.beg_label_asym_id 
_struct_conf.beg_label_seq_id 
_struct_conf.pdbx_beg_PDB_ins_code 
_struct_conf.end_label_comp_id 
_struct_conf.end_label_asym_id 
_struct_conf.end_label_seq_id 
_struct_conf.pdbx_end_PDB_ins_code 
_struct_conf.beg_auth_comp_id 
_struct_conf.beg_auth_asym_id 
_struct_conf.beg_auth_seq_id 
_struct_conf.end_auth_comp_id 
_struct_conf.end_auth_asym_id 
_struct_conf.end_auth_seq_id 
_struct_conf.pdbx_PDB_helix_class 
_struct_conf.details 
_struct_conf.pdbx_PDB_helix_length 
HELX_P HELX_P1 H1 GLY A 32  ? ILE A 37  ? GLY E 56  ILE E 63  1 ? 6 
HELX_P HELX_P2 H2 PRO A 168 ? ALA A 175 ? PRO E 230 ALA E 236 1 ? 8 
# 
_struct_conf_type.id          HELX_P 
_struct_conf_type.criteria    ? 
_struct_conf_type.reference   ? 
# 
loop_
_struct_conn.id 
_struct_conn.conn_type_id 
_struct_conn.pdbx_leaving_atom_flag 
_struct_conn.pdbx_PDB_id 
_struct_conn.ptnr1_label_asym_id 
_struct_conn.ptnr1_label_comp_id 
_struct_conn.ptnr1_label_seq_id 
_struct_conn.ptnr1_label_atom_id 
_struct_conn.pdbx_ptnr1_label_alt_id 
_struct_conn.pdbx_ptnr1_PDB_ins_code 
_struct_conn.pdbx_ptnr1_standard_comp_id 
_struct_conn.ptnr1_symmetry 
_struct_conn.ptnr2_label_asym_id 
_struct_conn.ptnr2_label_comp_id 
_struct_conn.ptnr2_label_seq_id 
_struct_conn.ptnr2_label_atom_id 
_struct_conn.pdbx_ptnr2_label_alt_id 
_struct_conn.pdbx_ptnr2_PDB_ins_code 
_struct_conn.ptnr1_auth_asym_id 
_struct_conn.ptnr1_auth_comp_id 
_struct_conn.ptnr1_auth_seq_id 
_struct_conn.ptnr2_auth_asym_id 
_struct_conn.ptnr2_auth_comp_id 
_struct_conn.ptnr2_auth_seq_id 
_struct_conn.ptnr2_symmetry 
_struct_conn.pdbx_ptnr3_label_atom_id 
_struct_conn.pdbx_ptnr3_label_seq_id 
_struct_conn.pdbx_ptnr3_label_comp_id 
_struct_conn.pdbx_ptnr3_label_asym_id 
_struct_conn.pdbx_ptnr3_label_alt_id 
_struct_conn.pdbx_ptnr3_PDB_ins_code 
_struct_conn.details 
_struct_conn.pdbx_dist_value 
_struct_conn.pdbx_value_order 
_struct_conn.pdbx_role 
disulf1 disulf ?    ? A CYS 14  SG ? ? ? 1_555 A CYS 34  SG ? ? E CYS 42  E CYS 58  1_555 ? ? ? ? ? ? ? 2.009 ? ? 
disulf2 disulf ?    ? A CYS 131 SG ? ? ? 1_555 A CYS 158 SG ? ? E CYS 191 E CYS 220 1_555 ? ? ? ? ? ? ? 2.041 ? ? 
covale1 covale both ? B PRO 2   N  ? ? ? 1_555 B ACE 1   C  ? ? P PRO 4   P ACE 5   1_555 ? ? ? ? ? ? ? 1.390 ? ? 
# 
loop_
_struct_conn_type.id 
_struct_conn_type.criteria 
_struct_conn_type.reference 
disulf ? ? 
covale ? ? 
# 
loop_
_pdbx_modification_feature.ordinal 
_pdbx_modification_feature.label_comp_id 
_pdbx_modification_feature.label_asym_id 
_pdbx_modification_feature.label_seq_id 
_pdbx_modification_feature.label_alt_id 
_pdbx_modification_feature.modified_residue_label_comp_id 
_pdbx_modification_feature.modified_residue_label_asym_id 
_pdbx_modification_feature.modified_residue_label_seq_id 
_pdbx_modification_feature.modified_residue_label_alt_id 
_pdbx_modification_feature.auth_comp_id 
_pdbx_modification_feature.auth_asym_id 
_pdbx_modification_feature.auth_seq_id 
_pdbx_modification_feature.PDB_ins_code 
_pdbx_modification_feature.symmetry 
_pdbx_modification_feature.modified_residue_auth_comp_id 
_pdbx_modification_feature.modified_residue_auth_asym_id 
_pdbx_modification_feature.modified_residue_auth_seq_id 
_pdbx_modification_feature.modified_residue_PDB_ins_code 
_pdbx_modification_feature.modified_residue_symmetry 
_pdbx_modification_feature.comp_id_linking_atom 
_pdbx_modification_feature.modified_residue_id_linking_atom 
_pdbx_modification_feature.modified_residue_id 
_pdbx_modification_feature.ref_pcm_id 
_pdbx_modification_feature.ref_comp_id 
_pdbx_modification_feature.type 
_pdbx_modification_feature.category 
1 ACE B 1   ? PRO B 2   ? ACE P 5   ? 1_555 PRO P 4   ? 1_555 .  .  PRO 13 ACE None 'Terminal acetylation' 
2 CYS A 14  ? CYS A 34  ? CYS E 42  ? 1_555 CYS E 58  ? 1_555 SG SG .   .  .   None 'Disulfide bridge'     
3 CYS A 131 ? CYS A 158 ? CYS E 191 ? 1_555 CYS E 220 ? 1_555 SG SG .   .  .   None 'Disulfide bridge'     
# 
_struct_mon_prot_cis.pdbx_id                1 
_struct_mon_prot_cis.label_comp_id          PHE 
_struct_mon_prot_cis.label_seq_id           51 
_struct_mon_prot_cis.label_asym_id          A 
_struct_mon_prot_cis.label_alt_id           . 
_struct_mon_prot_cis.pdbx_PDB_ins_code      ? 
_struct_mon_prot_cis.auth_comp_id           PHE 
_struct_mon_prot_cis.auth_seq_id            94 
_struct_mon_prot_cis.auth_asym_id           E 
_struct_mon_prot_cis.pdbx_label_comp_id_2   PRO 
_struct_mon_prot_cis.pdbx_label_seq_id_2    52 
_struct_mon_prot_cis.pdbx_label_asym_id_2   A 
_struct_mon_prot_cis.pdbx_PDB_ins_code_2    A 
_struct_mon_prot_cis.pdbx_auth_comp_id_2    PRO 
_struct_mon_prot_cis.pdbx_auth_seq_id_2     99 
_struct_mon_prot_cis.pdbx_auth_asym_id_2    E 
_struct_mon_prot_cis.pdbx_PDB_model_num     1 
_struct_mon_prot_cis.pdbx_omega_angle       -5.09 
# 
loop_
_struct_sheet.id 
_struct_sheet.type 
_struct_sheet.number_strands 
_struct_sheet.details 
S1 ? 3 ? 
S2 ? 2 ? 
S3 ? 5 ? 
S4 ? 3 ? 
S5 ? 6 ? 
S6 ? 2 ? 
# 
loop_
_struct_sheet_order.sheet_id 
_struct_sheet_order.range_id_1 
_struct_sheet_order.range_id_2 
_struct_sheet_order.offset 
_struct_sheet_order.sense 
S1 1 2 ? parallel      
S1 2 3 ? anti-parallel 
S2 1 2 ? anti-parallel 
S3 1 2 ? anti-parallel 
S3 2 3 ? anti-parallel 
S3 3 4 ? anti-parallel 
S3 4 5 ? anti-parallel 
S4 1 2 ? parallel      
S4 2 3 ? anti-parallel 
S5 1 2 ? anti-parallel 
S5 2 3 ? anti-parallel 
S5 3 4 ? anti-parallel 
S5 4 5 ? anti-parallel 
S5 5 6 ? anti-parallel 
S6 1 2 ? anti-parallel 
# 
loop_
_struct_sheet_range.sheet_id 
_struct_sheet_range.id 
_struct_sheet_range.beg_label_comp_id 
_struct_sheet_range.beg_label_asym_id 
_struct_sheet_range.beg_label_seq_id 
_struct_sheet_range.pdbx_beg_PDB_ins_code 
_struct_sheet_range.end_label_comp_id 
_struct_sheet_range.end_label_asym_id 
_struct_sheet_range.end_label_seq_id 
_struct_sheet_range.pdbx_end_PDB_ins_code 
_struct_sheet_range.beg_auth_comp_id 
_struct_sheet_range.beg_auth_asym_id 
_struct_sheet_range.beg_auth_seq_id 
_struct_sheet_range.end_auth_comp_id 
_struct_sheet_range.end_auth_asym_id 
_struct_sheet_range.end_auth_seq_id 
S1 1 ILE A 1   ? GLY A 3   ? ILE E 16  GLY E 18  
S1 2 ASP A 68  ? LEU A 73  ? ASP E 115 LEU E 120 
S1 3 SER A 77  D ILE A 81  ? SER E 120 ILE E 124 
S2 1 GLY A 4   ? THR A 9   ? GLY E 19  THR E 33  
S2 2 GLY A 11  ? LEU A 16  ? GLY E 39  LEU E 44  
S3 1 GLY A 17  ? VAL A 22  B GLY E 45  VAL E 48  
S3 2 VAL A 25  ? THR A 30  ? VAL E 49  THR E 54  
S3 3 GLY A 57  ? HIS A 61  ? GLY E 104 HIS E 108 
S3 4 GLY A 44  ? SER A 50  ? GLY E 86  SER E 93  
S3 5 ALA A 39  ? TRP A 41  ? ALA E 65  TRP E 66  
S4 1 THR A 83  ? GLY A 85  ? THR E 126 GLY E 128 
S4 2 SER A 145 ? ALA A 147 ? SER E 207 ALA E 209 
S4 3 PHE A 142 ? ALA A 143 ? PHE E 200 ALA E 201 
S5 1 GLY A 139 ? LEU A 141 ? GLY E 197 LEU E 199 
S5 2 LEU A 148 ? ASN A 157 ? LEU E 210 ASN E 219 
S5 3 GLY A 161 ? GLN A 167 ? GLY E 223 GLN E 229 
S5 4 ILE A 126 ? THR A 128 ? ILE E 181 THR E 183 
S5 5 SER A 106 ? ASN A 111 ? SER E 161 ASN E 166 
S5 6 GLN A 91  ? GLY A 97  ? GLN E 134 GLY E 140 
S6 1 ALA A 112 ? TYR A 116 ? ALA E 167 TYR E 171 
S6 2 GLY A 120 ? MET A 125 ? GLY E 175 MET E 180 
# 
_struct_site.id                   AC1 
_struct_site.pdbx_evidence_code   Software 
_struct_site.pdbx_auth_asym_id    ? 
_struct_site.pdbx_auth_comp_id    ? 
_struct_site.pdbx_auth_seq_id     ? 
_struct_site.pdbx_auth_ins_code   ? 
_struct_site.pdbx_num_residues    16 
_struct_site.details              'BINDING SITE FOR CHAIN P OF TETRAPEPTIDE ACE-PRO-ALA-PRO-PHE' 
# 
loop_
_struct_site_gen.id 
_struct_site_gen.site_id 
_struct_site_gen.pdbx_num_res 
_struct_site_gen.label_comp_id 
_struct_site_gen.label_asym_id 
_struct_site_gen.label_seq_id 
_struct_site_gen.pdbx_auth_ins_code 
_struct_site_gen.auth_comp_id 
_struct_site_gen.auth_asym_id 
_struct_site_gen.auth_seq_id 
_struct_site_gen.label_atom_id 
_struct_site_gen.label_alt_id 
_struct_site_gen.symmetry 
_struct_site_gen.details 
1  AC1 16 HIS A 33  ? HIS E 57  . ? 1_555 ? 
2  AC1 16 VAL A 114 ? VAL E 169 . ? 1_555 ? 
3  AC1 16 ASN A 115 ? ASN E 170 . ? 1_555 ? 
4  AC1 16 TYR A 116 ? TYR E 171 . ? 1_555 ? 
5  AC1 16 ALA A 132 ? ALA E 192 . ? 1_555 ? 
6  AC1 16 GLN A 133 A GLN E 192 . ? 1_555 ? 
7  AC1 16 PRO A 134 B PRO E 192 . ? 1_555 ? 
8  AC1 16 GLY A 135 ? GLY E 193 . ? 1_555 ? 
9  AC1 16 ASP A 136 ? ASP E 194 . ? 1_555 ? 
10 AC1 16 SER A 137 ? SER E 195 . ? 1_555 ? 
11 AC1 16 SER A 152 ? SER E 214 . ? 1_555 ? 
12 AC1 16 GLY A 153 ? GLY E 215 . ? 1_555 ? 
13 AC1 16 GLY A 154 ? GLY E 216 . ? 1_555 ? 
14 AC1 16 HOH C .   ? HOH E 391 . ? 1_555 ? 
15 AC1 16 HOH D .   ? HOH P 356 . ? 1_555 ? 
16 AC1 16 HOH D .   ? HOH P 357 . ? 1_555 ? 
# 
_pdbx_entry_details.entry_id                   4SGA 
_pdbx_entry_details.compound_details           ? 
_pdbx_entry_details.source_details             ? 
_pdbx_entry_details.nonpolymer_details         ? 
_pdbx_entry_details.sequence_details           ? 
_pdbx_entry_details.has_ligand_of_interest     ? 
_pdbx_entry_details.has_protein_modification   Y 
# 
loop_
_pdbx_validate_rmsd_angle.id 
_pdbx_validate_rmsd_angle.PDB_model_num 
_pdbx_validate_rmsd_angle.auth_atom_id_1 
_pdbx_validate_rmsd_angle.auth_asym_id_1 
_pdbx_validate_rmsd_angle.auth_comp_id_1 
_pdbx_validate_rmsd_angle.auth_seq_id_1 
_pdbx_validate_rmsd_angle.PDB_ins_code_1 
_pdbx_validate_rmsd_angle.label_alt_id_1 
_pdbx_validate_rmsd_angle.auth_atom_id_2 
_pdbx_validate_rmsd_angle.auth_asym_id_2 
_pdbx_validate_rmsd_angle.auth_comp_id_2 
_pdbx_validate_rmsd_angle.auth_seq_id_2 
_pdbx_validate_rmsd_angle.PDB_ins_code_2 
_pdbx_validate_rmsd_angle.label_alt_id_2 
_pdbx_validate_rmsd_angle.auth_atom_id_3 
_pdbx_validate_rmsd_angle.auth_asym_id_3 
_pdbx_validate_rmsd_angle.auth_comp_id_3 
_pdbx_validate_rmsd_angle.auth_seq_id_3 
_pdbx_validate_rmsd_angle.PDB_ins_code_3 
_pdbx_validate_rmsd_angle.label_alt_id_3 
_pdbx_validate_rmsd_angle.angle_value 
_pdbx_validate_rmsd_angle.angle_target_value 
_pdbx_validate_rmsd_angle.angle_deviation 
_pdbx_validate_rmsd_angle.angle_standard_deviation 
_pdbx_validate_rmsd_angle.linker_flag 
1  1 NE E ARG 41  ? ? CZ E ARG 41  ? ? NH1 E ARG 41  ? ? 126.74 120.30 6.44  0.50 N 
2  1 NE E ARG 41  ? ? CZ E ARG 41  ? ? NH2 E ARG 41  ? ? 116.46 120.30 -3.84 0.50 N 
3  1 NE E ARG 107 ? ? CZ E ARG 107 ? ? NH1 E ARG 107 ? ? 126.66 120.30 6.36  0.50 N 
4  1 NE E ARG 107 ? ? CZ E ARG 107 ? ? NH2 E ARG 107 ? ? 116.19 120.30 -4.11 0.50 N 
5  1 NE E ARG 117 ? ? CZ E ARG 117 ? ? NH2 E ARG 117 ? ? 123.77 120.30 3.47  0.50 N 
6  1 CB E ASP 123 ? ? CG E ASP 123 ? ? OD1 E ASP 123 ? ? 124.92 118.30 6.62  0.90 N 
7  1 CD E ARG 138 ? ? NE E ARG 138 ? ? CZ  E ARG 138 ? ? 133.50 123.60 9.90  1.40 N 
8  1 NE E ARG 138 ? ? CZ E ARG 138 ? ? NH1 E ARG 138 ? ? 131.06 120.30 10.76 0.50 N 
9  1 NE E ARG 138 ? ? CZ E ARG 138 ? ? NH2 E ARG 138 ? ? 114.72 120.30 -5.58 0.50 N 
10 1 CB E TYR 178 ? ? CG E TYR 178 ? ? CD2 E TYR 178 ? ? 117.28 121.00 -3.72 0.60 N 
# 
loop_
_pdbx_validate_torsion.id 
_pdbx_validate_torsion.PDB_model_num 
_pdbx_validate_torsion.auth_comp_id 
_pdbx_validate_torsion.auth_asym_id 
_pdbx_validate_torsion.auth_seq_id 
_pdbx_validate_torsion.PDB_ins_code 
_pdbx_validate_torsion.label_alt_id 
_pdbx_validate_torsion.phi 
_pdbx_validate_torsion.psi 
1 1 PRO E 99  A ? -80.88  -154.18 
2 1 ASN E 100 ? ? 81.82   -74.79  
3 1 ASN E 120 B ? -144.90 24.87   
# 
_pdbx_validate_planes.id              1 
_pdbx_validate_planes.PDB_model_num   1 
_pdbx_validate_planes.auth_comp_id    ARG 
_pdbx_validate_planes.auth_asym_id    E 
_pdbx_validate_planes.auth_seq_id     158 
_pdbx_validate_planes.PDB_ins_code    ? 
_pdbx_validate_planes.label_alt_id    ? 
_pdbx_validate_planes.rmsd            0.084 
_pdbx_validate_planes.type            'SIDE CHAIN' 
# 
loop_
_pdbx_struct_special_symmetry.id 
_pdbx_struct_special_symmetry.PDB_model_num 
_pdbx_struct_special_symmetry.auth_asym_id 
_pdbx_struct_special_symmetry.auth_comp_id 
_pdbx_struct_special_symmetry.auth_seq_id 
_pdbx_struct_special_symmetry.PDB_ins_code 
_pdbx_struct_special_symmetry.label_asym_id 
_pdbx_struct_special_symmetry.label_comp_id 
_pdbx_struct_special_symmetry.label_seq_id 
1 1 E HOH 252 ? C HOH . 
2 1 E HOH 279 ? C HOH . 
3 1 E HOH 292 ? C HOH . 
4 1 E HOH 351 ? C HOH . 
# 
loop_
_chem_comp_atom.comp_id 
_chem_comp_atom.atom_id 
_chem_comp_atom.type_symbol 
_chem_comp_atom.pdbx_aromatic_flag 
_chem_comp_atom.pdbx_stereo_config 
_chem_comp_atom.pdbx_ordinal 
ACE C    C N N 1   
ACE O    O N N 2   
ACE CH3  C N N 3   
ACE H    H N N 4   
ACE H1   H N N 5   
ACE H2   H N N 6   
ACE H3   H N N 7   
ALA N    N N N 8   
ALA CA   C N S 9   
ALA C    C N N 10  
ALA O    O N N 11  
ALA CB   C N N 12  
ALA OXT  O N N 13  
ALA H    H N N 14  
ALA H2   H N N 15  
ALA HA   H N N 16  
ALA HB1  H N N 17  
ALA HB2  H N N 18  
ALA HB3  H N N 19  
ALA HXT  H N N 20  
ARG N    N N N 21  
ARG CA   C N S 22  
ARG C    C N N 23  
ARG O    O N N 24  
ARG CB   C N N 25  
ARG CG   C N N 26  
ARG CD   C N N 27  
ARG NE   N N N 28  
ARG CZ   C N N 29  
ARG NH1  N N N 30  
ARG NH2  N N N 31  
ARG OXT  O N N 32  
ARG H    H N N 33  
ARG H2   H N N 34  
ARG HA   H N N 35  
ARG HB2  H N N 36  
ARG HB3  H N N 37  
ARG HG2  H N N 38  
ARG HG3  H N N 39  
ARG HD2  H N N 40  
ARG HD3  H N N 41  
ARG HE   H N N 42  
ARG HH11 H N N 43  
ARG HH12 H N N 44  
ARG HH21 H N N 45  
ARG HH22 H N N 46  
ARG HXT  H N N 47  
ASN N    N N N 48  
ASN CA   C N S 49  
ASN C    C N N 50  
ASN O    O N N 51  
ASN CB   C N N 52  
ASN CG   C N N 53  
ASN OD1  O N N 54  
ASN ND2  N N N 55  
ASN OXT  O N N 56  
ASN H    H N N 57  
ASN H2   H N N 58  
ASN HA   H N N 59  
ASN HB2  H N N 60  
ASN HB3  H N N 61  
ASN HD21 H N N 62  
ASN HD22 H N N 63  
ASN HXT  H N N 64  
ASP N    N N N 65  
ASP CA   C N S 66  
ASP C    C N N 67  
ASP O    O N N 68  
ASP CB   C N N 69  
ASP CG   C N N 70  
ASP OD1  O N N 71  
ASP OD2  O N N 72  
ASP OXT  O N N 73  
ASP H    H N N 74  
ASP H2   H N N 75  
ASP HA   H N N 76  
ASP HB2  H N N 77  
ASP HB3  H N N 78  
ASP HD2  H N N 79  
ASP HXT  H N N 80  
CYS N    N N N 81  
CYS CA   C N R 82  
CYS C    C N N 83  
CYS O    O N N 84  
CYS CB   C N N 85  
CYS SG   S N N 86  
CYS OXT  O N N 87  
CYS H    H N N 88  
CYS H2   H N N 89  
CYS HA   H N N 90  
CYS HB2  H N N 91  
CYS HB3  H N N 92  
CYS HG   H N N 93  
CYS HXT  H N N 94  
GLN N    N N N 95  
GLN CA   C N S 96  
GLN C    C N N 97  
GLN O    O N N 98  
GLN CB   C N N 99  
GLN CG   C N N 100 
GLN CD   C N N 101 
GLN OE1  O N N 102 
GLN NE2  N N N 103 
GLN OXT  O N N 104 
GLN H    H N N 105 
GLN H2   H N N 106 
GLN HA   H N N 107 
GLN HB2  H N N 108 
GLN HB3  H N N 109 
GLN HG2  H N N 110 
GLN HG3  H N N 111 
GLN HE21 H N N 112 
GLN HE22 H N N 113 
GLN HXT  H N N 114 
GLU N    N N N 115 
GLU CA   C N S 116 
GLU C    C N N 117 
GLU O    O N N 118 
GLU CB   C N N 119 
GLU CG   C N N 120 
GLU CD   C N N 121 
GLU OE1  O N N 122 
GLU OE2  O N N 123 
GLU OXT  O N N 124 
GLU H    H N N 125 
GLU H2   H N N 126 
GLU HA   H N N 127 
GLU HB2  H N N 128 
GLU HB3  H N N 129 
GLU HG2  H N N 130 
GLU HG3  H N N 131 
GLU HE2  H N N 132 
GLU HXT  H N N 133 
GLY N    N N N 134 
GLY CA   C N N 135 
GLY C    C N N 136 
GLY O    O N N 137 
GLY OXT  O N N 138 
GLY H    H N N 139 
GLY H2   H N N 140 
GLY HA2  H N N 141 
GLY HA3  H N N 142 
GLY HXT  H N N 143 
HIS N    N N N 144 
HIS CA   C N S 145 
HIS C    C N N 146 
HIS O    O N N 147 
HIS CB   C N N 148 
HIS CG   C Y N 149 
HIS ND1  N Y N 150 
HIS CD2  C Y N 151 
HIS CE1  C Y N 152 
HIS NE2  N Y N 153 
HIS OXT  O N N 154 
HIS H    H N N 155 
HIS H2   H N N 156 
HIS HA   H N N 157 
HIS HB2  H N N 158 
HIS HB3  H N N 159 
HIS HD1  H N N 160 
HIS HD2  H N N 161 
HIS HE1  H N N 162 
HIS HE2  H N N 163 
HIS HXT  H N N 164 
HOH O    O N N 165 
HOH H1   H N N 166 
HOH H2   H N N 167 
ILE N    N N N 168 
ILE CA   C N S 169 
ILE C    C N N 170 
ILE O    O N N 171 
ILE CB   C N S 172 
ILE CG1  C N N 173 
ILE CG2  C N N 174 
ILE CD1  C N N 175 
ILE OXT  O N N 176 
ILE H    H N N 177 
ILE H2   H N N 178 
ILE HA   H N N 179 
ILE HB   H N N 180 
ILE HG12 H N N 181 
ILE HG13 H N N 182 
ILE HG21 H N N 183 
ILE HG22 H N N 184 
ILE HG23 H N N 185 
ILE HD11 H N N 186 
ILE HD12 H N N 187 
ILE HD13 H N N 188 
ILE HXT  H N N 189 
LEU N    N N N 190 
LEU CA   C N S 191 
LEU C    C N N 192 
LEU O    O N N 193 
LEU CB   C N N 194 
LEU CG   C N N 195 
LEU CD1  C N N 196 
LEU CD2  C N N 197 
LEU OXT  O N N 198 
LEU H    H N N 199 
LEU H2   H N N 200 
LEU HA   H N N 201 
LEU HB2  H N N 202 
LEU HB3  H N N 203 
LEU HG   H N N 204 
LEU HD11 H N N 205 
LEU HD12 H N N 206 
LEU HD13 H N N 207 
LEU HD21 H N N 208 
LEU HD22 H N N 209 
LEU HD23 H N N 210 
LEU HXT  H N N 211 
MET N    N N N 212 
MET CA   C N S 213 
MET C    C N N 214 
MET O    O N N 215 
MET CB   C N N 216 
MET CG   C N N 217 
MET SD   S N N 218 
MET CE   C N N 219 
MET OXT  O N N 220 
MET H    H N N 221 
MET H2   H N N 222 
MET HA   H N N 223 
MET HB2  H N N 224 
MET HB3  H N N 225 
MET HG2  H N N 226 
MET HG3  H N N 227 
MET HE1  H N N 228 
MET HE2  H N N 229 
MET HE3  H N N 230 
MET HXT  H N N 231 
PHE N    N N N 232 
PHE CA   C N S 233 
PHE C    C N N 234 
PHE O    O N N 235 
PHE CB   C N N 236 
PHE CG   C Y N 237 
PHE CD1  C Y N 238 
PHE CD2  C Y N 239 
PHE CE1  C Y N 240 
PHE CE2  C Y N 241 
PHE CZ   C Y N 242 
PHE OXT  O N N 243 
PHE H    H N N 244 
PHE H2   H N N 245 
PHE HA   H N N 246 
PHE HB2  H N N 247 
PHE HB3  H N N 248 
PHE HD1  H N N 249 
PHE HD2  H N N 250 
PHE HE1  H N N 251 
PHE HE2  H N N 252 
PHE HZ   H N N 253 
PHE HXT  H N N 254 
PRO N    N N N 255 
PRO CA   C N S 256 
PRO C    C N N 257 
PRO O    O N N 258 
PRO CB   C N N 259 
PRO CG   C N N 260 
PRO CD   C N N 261 
PRO OXT  O N N 262 
PRO H    H N N 263 
PRO HA   H N N 264 
PRO HB2  H N N 265 
PRO HB3  H N N 266 
PRO HG2  H N N 267 
PRO HG3  H N N 268 
PRO HD2  H N N 269 
PRO HD3  H N N 270 
PRO HXT  H N N 271 
SER N    N N N 272 
SER CA   C N S 273 
SER C    C N N 274 
SER O    O N N 275 
SER CB   C N N 276 
SER OG   O N N 277 
SER OXT  O N N 278 
SER H    H N N 279 
SER H2   H N N 280 
SER HA   H N N 281 
SER HB2  H N N 282 
SER HB3  H N N 283 
SER HG   H N N 284 
SER HXT  H N N 285 
THR N    N N N 286 
THR CA   C N S 287 
THR C    C N N 288 
THR O    O N N 289 
THR CB   C N R 290 
THR OG1  O N N 291 
THR CG2  C N N 292 
THR OXT  O N N 293 
THR H    H N N 294 
THR H2   H N N 295 
THR HA   H N N 296 
THR HB   H N N 297 
THR HG1  H N N 298 
THR HG21 H N N 299 
THR HG22 H N N 300 
THR HG23 H N N 301 
THR HXT  H N N 302 
TRP N    N N N 303 
TRP CA   C N S 304 
TRP C    C N N 305 
TRP O    O N N 306 
TRP CB   C N N 307 
TRP CG   C Y N 308 
TRP CD1  C Y N 309 
TRP CD2  C Y N 310 
TRP NE1  N Y N 311 
TRP CE2  C Y N 312 
TRP CE3  C Y N 313 
TRP CZ2  C Y N 314 
TRP CZ3  C Y N 315 
TRP CH2  C Y N 316 
TRP OXT  O N N 317 
TRP H    H N N 318 
TRP H2   H N N 319 
TRP HA   H N N 320 
TRP HB2  H N N 321 
TRP HB3  H N N 322 
TRP HD1  H N N 323 
TRP HE1  H N N 324 
TRP HE3  H N N 325 
TRP HZ2  H N N 326 
TRP HZ3  H N N 327 
TRP HH2  H N N 328 
TRP HXT  H N N 329 
TYR N    N N N 330 
TYR CA   C N S 331 
TYR C    C N N 332 
TYR O    O N N 333 
TYR CB   C N N 334 
TYR CG   C Y N 335 
TYR CD1  C Y N 336 
TYR CD2  C Y N 337 
TYR CE1  C Y N 338 
TYR CE2  C Y N 339 
TYR CZ   C Y N 340 
TYR OH   O N N 341 
TYR OXT  O N N 342 
TYR H    H N N 343 
TYR H2   H N N 344 
TYR HA   H N N 345 
TYR HB2  H N N 346 
TYR HB3  H N N 347 
TYR HD1  H N N 348 
TYR HD2  H N N 349 
TYR HE1  H N N 350 
TYR HE2  H N N 351 
TYR HH   H N N 352 
TYR HXT  H N N 353 
VAL N    N N N 354 
VAL CA   C N S 355 
VAL C    C N N 356 
VAL O    O N N 357 
VAL CB   C N N 358 
VAL CG1  C N N 359 
VAL CG2  C N N 360 
VAL OXT  O N N 361 
VAL H    H N N 362 
VAL H2   H N N 363 
VAL HA   H N N 364 
VAL HB   H N N 365 
VAL HG11 H N N 366 
VAL HG12 H N N 367 
VAL HG13 H N N 368 
VAL HG21 H N N 369 
VAL HG22 H N N 370 
VAL HG23 H N N 371 
VAL HXT  H N N 372 
# 
loop_
_chem_comp_bond.comp_id 
_chem_comp_bond.atom_id_1 
_chem_comp_bond.atom_id_2 
_chem_comp_bond.value_order 
_chem_comp_bond.pdbx_aromatic_flag 
_chem_comp_bond.pdbx_stereo_config 
_chem_comp_bond.pdbx_ordinal 
ACE C   O    doub N N 1   
ACE C   CH3  sing N N 2   
ACE C   H    sing N N 3   
ACE CH3 H1   sing N N 4   
ACE CH3 H2   sing N N 5   
ACE CH3 H3   sing N N 6   
ALA N   CA   sing N N 7   
ALA N   H    sing N N 8   
ALA N   H2   sing N N 9   
ALA CA  C    sing N N 10  
ALA CA  CB   sing N N 11  
ALA CA  HA   sing N N 12  
ALA C   O    doub N N 13  
ALA C   OXT  sing N N 14  
ALA CB  HB1  sing N N 15  
ALA CB  HB2  sing N N 16  
ALA CB  HB3  sing N N 17  
ALA OXT HXT  sing N N 18  
ARG N   CA   sing N N 19  
ARG N   H    sing N N 20  
ARG N   H2   sing N N 21  
ARG CA  C    sing N N 22  
ARG CA  CB   sing N N 23  
ARG CA  HA   sing N N 24  
ARG C   O    doub N N 25  
ARG C   OXT  sing N N 26  
ARG CB  CG   sing N N 27  
ARG CB  HB2  sing N N 28  
ARG CB  HB3  sing N N 29  
ARG CG  CD   sing N N 30  
ARG CG  HG2  sing N N 31  
ARG CG  HG3  sing N N 32  
ARG CD  NE   sing N N 33  
ARG CD  HD2  sing N N 34  
ARG CD  HD3  sing N N 35  
ARG NE  CZ   sing N N 36  
ARG NE  HE   sing N N 37  
ARG CZ  NH1  sing N N 38  
ARG CZ  NH2  doub N N 39  
ARG NH1 HH11 sing N N 40  
ARG NH1 HH12 sing N N 41  
ARG NH2 HH21 sing N N 42  
ARG NH2 HH22 sing N N 43  
ARG OXT HXT  sing N N 44  
ASN N   CA   sing N N 45  
ASN N   H    sing N N 46  
ASN N   H2   sing N N 47  
ASN CA  C    sing N N 48  
ASN CA  CB   sing N N 49  
ASN CA  HA   sing N N 50  
ASN C   O    doub N N 51  
ASN C   OXT  sing N N 52  
ASN CB  CG   sing N N 53  
ASN CB  HB2  sing N N 54  
ASN CB  HB3  sing N N 55  
ASN CG  OD1  doub N N 56  
ASN CG  ND2  sing N N 57  
ASN ND2 HD21 sing N N 58  
ASN ND2 HD22 sing N N 59  
ASN OXT HXT  sing N N 60  
ASP N   CA   sing N N 61  
ASP N   H    sing N N 62  
ASP N   H2   sing N N 63  
ASP CA  C    sing N N 64  
ASP CA  CB   sing N N 65  
ASP CA  HA   sing N N 66  
ASP C   O    doub N N 67  
ASP C   OXT  sing N N 68  
ASP CB  CG   sing N N 69  
ASP CB  HB2  sing N N 70  
ASP CB  HB3  sing N N 71  
ASP CG  OD1  doub N N 72  
ASP CG  OD2  sing N N 73  
ASP OD2 HD2  sing N N 74  
ASP OXT HXT  sing N N 75  
CYS N   CA   sing N N 76  
CYS N   H    sing N N 77  
CYS N   H2   sing N N 78  
CYS CA  C    sing N N 79  
CYS CA  CB   sing N N 80  
CYS CA  HA   sing N N 81  
CYS C   O    doub N N 82  
CYS C   OXT  sing N N 83  
CYS CB  SG   sing N N 84  
CYS CB  HB2  sing N N 85  
CYS CB  HB3  sing N N 86  
CYS SG  HG   sing N N 87  
CYS OXT HXT  sing N N 88  
GLN N   CA   sing N N 89  
GLN N   H    sing N N 90  
GLN N   H2   sing N N 91  
GLN CA  C    sing N N 92  
GLN CA  CB   sing N N 93  
GLN CA  HA   sing N N 94  
GLN C   O    doub N N 95  
GLN C   OXT  sing N N 96  
GLN CB  CG   sing N N 97  
GLN CB  HB2  sing N N 98  
GLN CB  HB3  sing N N 99  
GLN CG  CD   sing N N 100 
GLN CG  HG2  sing N N 101 
GLN CG  HG3  sing N N 102 
GLN CD  OE1  doub N N 103 
GLN CD  NE2  sing N N 104 
GLN NE2 HE21 sing N N 105 
GLN NE2 HE22 sing N N 106 
GLN OXT HXT  sing N N 107 
GLU N   CA   sing N N 108 
GLU N   H    sing N N 109 
GLU N   H2   sing N N 110 
GLU CA  C    sing N N 111 
GLU CA  CB   sing N N 112 
GLU CA  HA   sing N N 113 
GLU C   O    doub N N 114 
GLU C   OXT  sing N N 115 
GLU CB  CG   sing N N 116 
GLU CB  HB2  sing N N 117 
GLU CB  HB3  sing N N 118 
GLU CG  CD   sing N N 119 
GLU CG  HG2  sing N N 120 
GLU CG  HG3  sing N N 121 
GLU CD  OE1  doub N N 122 
GLU CD  OE2  sing N N 123 
GLU OE2 HE2  sing N N 124 
GLU OXT HXT  sing N N 125 
GLY N   CA   sing N N 126 
GLY N   H    sing N N 127 
GLY N   H2   sing N N 128 
GLY CA  C    sing N N 129 
GLY CA  HA2  sing N N 130 
GLY CA  HA3  sing N N 131 
GLY C   O    doub N N 132 
GLY C   OXT  sing N N 133 
GLY OXT HXT  sing N N 134 
HIS N   CA   sing N N 135 
HIS N   H    sing N N 136 
HIS N   H2   sing N N 137 
HIS CA  C    sing N N 138 
HIS CA  CB   sing N N 139 
HIS CA  HA   sing N N 140 
HIS C   O    doub N N 141 
HIS C   OXT  sing N N 142 
HIS CB  CG   sing N N 143 
HIS CB  HB2  sing N N 144 
HIS CB  HB3  sing N N 145 
HIS CG  ND1  sing Y N 146 
HIS CG  CD2  doub Y N 147 
HIS ND1 CE1  doub Y N 148 
HIS ND1 HD1  sing N N 149 
HIS CD2 NE2  sing Y N 150 
HIS CD2 HD2  sing N N 151 
HIS CE1 NE2  sing Y N 152 
HIS CE1 HE1  sing N N 153 
HIS NE2 HE2  sing N N 154 
HIS OXT HXT  sing N N 155 
HOH O   H1   sing N N 156 
HOH O   H2   sing N N 157 
ILE N   CA   sing N N 158 
ILE N   H    sing N N 159 
ILE N   H2   sing N N 160 
ILE CA  C    sing N N 161 
ILE CA  CB   sing N N 162 
ILE CA  HA   sing N N 163 
ILE C   O    doub N N 164 
ILE C   OXT  sing N N 165 
ILE CB  CG1  sing N N 166 
ILE CB  CG2  sing N N 167 
ILE CB  HB   sing N N 168 
ILE CG1 CD1  sing N N 169 
ILE CG1 HG12 sing N N 170 
ILE CG1 HG13 sing N N 171 
ILE CG2 HG21 sing N N 172 
ILE CG2 HG22 sing N N 173 
ILE CG2 HG23 sing N N 174 
ILE CD1 HD11 sing N N 175 
ILE CD1 HD12 sing N N 176 
ILE CD1 HD13 sing N N 177 
ILE OXT HXT  sing N N 178 
LEU N   CA   sing N N 179 
LEU N   H    sing N N 180 
LEU N   H2   sing N N 181 
LEU CA  C    sing N N 182 
LEU CA  CB   sing N N 183 
LEU CA  HA   sing N N 184 
LEU C   O    doub N N 185 
LEU C   OXT  sing N N 186 
LEU CB  CG   sing N N 187 
LEU CB  HB2  sing N N 188 
LEU CB  HB3  sing N N 189 
LEU CG  CD1  sing N N 190 
LEU CG  CD2  sing N N 191 
LEU CG  HG   sing N N 192 
LEU CD1 HD11 sing N N 193 
LEU CD1 HD12 sing N N 194 
LEU CD1 HD13 sing N N 195 
LEU CD2 HD21 sing N N 196 
LEU CD2 HD22 sing N N 197 
LEU CD2 HD23 sing N N 198 
LEU OXT HXT  sing N N 199 
MET N   CA   sing N N 200 
MET N   H    sing N N 201 
MET N   H2   sing N N 202 
MET CA  C    sing N N 203 
MET CA  CB   sing N N 204 
MET CA  HA   sing N N 205 
MET C   O    doub N N 206 
MET C   OXT  sing N N 207 
MET CB  CG   sing N N 208 
MET CB  HB2  sing N N 209 
MET CB  HB3  sing N N 210 
MET CG  SD   sing N N 211 
MET CG  HG2  sing N N 212 
MET CG  HG3  sing N N 213 
MET SD  CE   sing N N 214 
MET CE  HE1  sing N N 215 
MET CE  HE2  sing N N 216 
MET CE  HE3  sing N N 217 
MET OXT HXT  sing N N 218 
PHE N   CA   sing N N 219 
PHE N   H    sing N N 220 
PHE N   H2   sing N N 221 
PHE CA  C    sing N N 222 
PHE CA  CB   sing N N 223 
PHE CA  HA   sing N N 224 
PHE C   O    doub N N 225 
PHE C   OXT  sing N N 226 
PHE CB  CG   sing N N 227 
PHE CB  HB2  sing N N 228 
PHE CB  HB3  sing N N 229 
PHE CG  CD1  doub Y N 230 
PHE CG  CD2  sing Y N 231 
PHE CD1 CE1  sing Y N 232 
PHE CD1 HD1  sing N N 233 
PHE CD2 CE2  doub Y N 234 
PHE CD2 HD2  sing N N 235 
PHE CE1 CZ   doub Y N 236 
PHE CE1 HE1  sing N N 237 
PHE CE2 CZ   sing Y N 238 
PHE CE2 HE2  sing N N 239 
PHE CZ  HZ   sing N N 240 
PHE OXT HXT  sing N N 241 
PRO N   CA   sing N N 242 
PRO N   CD   sing N N 243 
PRO N   H    sing N N 244 
PRO CA  C    sing N N 245 
PRO CA  CB   sing N N 246 
PRO CA  HA   sing N N 247 
PRO C   O    doub N N 248 
PRO C   OXT  sing N N 249 
PRO CB  CG   sing N N 250 
PRO CB  HB2  sing N N 251 
PRO CB  HB3  sing N N 252 
PRO CG  CD   sing N N 253 
PRO CG  HG2  sing N N 254 
PRO CG  HG3  sing N N 255 
PRO CD  HD2  sing N N 256 
PRO CD  HD3  sing N N 257 
PRO OXT HXT  sing N N 258 
SER N   CA   sing N N 259 
SER N   H    sing N N 260 
SER N   H2   sing N N 261 
SER CA  C    sing N N 262 
SER CA  CB   sing N N 263 
SER CA  HA   sing N N 264 
SER C   O    doub N N 265 
SER C   OXT  sing N N 266 
SER CB  OG   sing N N 267 
SER CB  HB2  sing N N 268 
SER CB  HB3  sing N N 269 
SER OG  HG   sing N N 270 
SER OXT HXT  sing N N 271 
THR N   CA   sing N N 272 
THR N   H    sing N N 273 
THR N   H2   sing N N 274 
THR CA  C    sing N N 275 
THR CA  CB   sing N N 276 
THR CA  HA   sing N N 277 
THR C   O    doub N N 278 
THR C   OXT  sing N N 279 
THR CB  OG1  sing N N 280 
THR CB  CG2  sing N N 281 
THR CB  HB   sing N N 282 
THR OG1 HG1  sing N N 283 
THR CG2 HG21 sing N N 284 
THR CG2 HG22 sing N N 285 
THR CG2 HG23 sing N N 286 
THR OXT HXT  sing N N 287 
TRP N   CA   sing N N 288 
TRP N   H    sing N N 289 
TRP N   H2   sing N N 290 
TRP CA  C    sing N N 291 
TRP CA  CB   sing N N 292 
TRP CA  HA   sing N N 293 
TRP C   O    doub N N 294 
TRP C   OXT  sing N N 295 
TRP CB  CG   sing N N 296 
TRP CB  HB2  sing N N 297 
TRP CB  HB3  sing N N 298 
TRP CG  CD1  doub Y N 299 
TRP CG  CD2  sing Y N 300 
TRP CD1 NE1  sing Y N 301 
TRP CD1 HD1  sing N N 302 
TRP CD2 CE2  doub Y N 303 
TRP CD2 CE3  sing Y N 304 
TRP NE1 CE2  sing Y N 305 
TRP NE1 HE1  sing N N 306 
TRP CE2 CZ2  sing Y N 307 
TRP CE3 CZ3  doub Y N 308 
TRP CE3 HE3  sing N N 309 
TRP CZ2 CH2  doub Y N 310 
TRP CZ2 HZ2  sing N N 311 
TRP CZ3 CH2  sing Y N 312 
TRP CZ3 HZ3  sing N N 313 
TRP CH2 HH2  sing N N 314 
TRP OXT HXT  sing N N 315 
TYR N   CA   sing N N 316 
TYR N   H    sing N N 317 
TYR N   H2   sing N N 318 
TYR CA  C    sing N N 319 
TYR CA  CB   sing N N 320 
TYR CA  HA   sing N N 321 
TYR C   O    doub N N 322 
TYR C   OXT  sing N N 323 
TYR CB  CG   sing N N 324 
TYR CB  HB2  sing N N 325 
TYR CB  HB3  sing N N 326 
TYR CG  CD1  doub Y N 327 
TYR CG  CD2  sing Y N 328 
TYR CD1 CE1  sing Y N 329 
TYR CD1 HD1  sing N N 330 
TYR CD2 CE2  doub Y N 331 
TYR CD2 HD2  sing N N 332 
TYR CE1 CZ   doub Y N 333 
TYR CE1 HE1  sing N N 334 
TYR CE2 CZ   sing Y N 335 
TYR CE2 HE2  sing N N 336 
TYR CZ  OH   sing N N 337 
TYR OH  HH   sing N N 338 
TYR OXT HXT  sing N N 339 
VAL N   CA   sing N N 340 
VAL N   H    sing N N 341 
VAL N   H2   sing N N 342 
VAL CA  C    sing N N 343 
VAL CA  CB   sing N N 344 
VAL CA  HA   sing N N 345 
VAL C   O    doub N N 346 
VAL C   OXT  sing N N 347 
VAL CB  CG1  sing N N 348 
VAL CB  CG2  sing N N 349 
VAL CB  HB   sing N N 350 
VAL CG1 HG11 sing N N 351 
VAL CG1 HG12 sing N N 352 
VAL CG1 HG13 sing N N 353 
VAL CG2 HG21 sing N N 354 
VAL CG2 HG22 sing N N 355 
VAL CG2 HG23 sing N N 356 
VAL OXT HXT  sing N N 357 
# 
_atom_sites.entry_id                    4SGA 
_atom_sites.fract_transf_matrix[1][1]   0.00368637 
_atom_sites.fract_transf_matrix[1][2]   0.00979854 
_atom_sites.fract_transf_matrix[1][3]   -0.01478475 
_atom_sites.fract_transf_matrix[2][1]   0.01585552 
_atom_sites.fract_transf_matrix[2][2]   0.00494791 
_atom_sites.fract_transf_matrix[2][3]   0.00723256 
_atom_sites.fract_transf_matrix[3][1]   0.00800924 
_atom_sites.fract_transf_matrix[3][2]   -0.01451907 
_atom_sites.fract_transf_matrix[3][3]   -0.00762547 
_atom_sites.fract_transf_vector[1]      -0.156354 
_atom_sites.fract_transf_vector[2]      0.272198 
_atom_sites.fract_transf_vector[3]      0.371201 
# 
loop_
_atom_sites_footnote.id 
_atom_sites_footnote.text 
1 'THE SIDE CHAIN OF ARG E 221 IS VERY DISORDERED. COORDINATES FOR THE ATOMS BEYOND CB HAVE BEEN OMITTED.' 
2 'RESIDUE E 99A IS A CIS-PROLINE.' 
3 
'SOLVENT 229, ALTHOUGH REFINED AS AN OXYGEN ATOM, HAS BEEN INTERPRETED AS A NA+ ION.  SEE REFERENCE 2 ABOVE FOR FURTHER DETAILS.' 
# 
loop_
_atom_type.symbol 
C 
N 
O 
S 
# 
loop_
_atom_site.group_PDB 
_atom_site.id 
_atom_site.type_symbol 
_atom_site.label_atom_id 
_atom_site.label_alt_id 
_atom_site.label_comp_id 
_atom_site.label_asym_id 
_atom_site.label_entity_id 
_atom_site.label_seq_id 
_atom_site.pdbx_PDB_ins_code 
_atom_site.Cartn_x 
_atom_site.Cartn_y 
_atom_site.Cartn_z 
_atom_site.occupancy 
_atom_site.B_iso_or_equiv 
_atom_site.pdbx_formal_charge 
_atom_site.auth_seq_id 
_atom_site.auth_comp_id 
_atom_site.auth_asym_id 
_atom_site.auth_atom_id 
_atom_site.pdbx_PDB_model_num 
ATOM   1    N N   . ILE A 1 1   ? -4.827  -6.470  -12.858 1.00 7.46  ? 16  ILE E N   1 
ATOM   2    C CA  . ILE A 1 1   ? -4.361  -6.638  -11.445 1.00 10.43 ? 16  ILE E CA  1 
ATOM   3    C C   . ILE A 1 1   ? -4.887  -5.445  -10.646 1.00 8.91  ? 16  ILE E C   1 
ATOM   4    O O   . ILE A 1 1   ? -4.765  -4.266  -11.053 1.00 12.62 ? 16  ILE E O   1 
ATOM   5    C CB  . ILE A 1 1   ? -2.784  -6.806  -11.401 1.00 8.98  ? 16  ILE E CB  1 
ATOM   6    C CG1 . ILE A 1 1   ? -2.416  -7.165  -9.926  1.00 11.71 ? 16  ILE E CG1 1 
ATOM   7    C CG2 . ILE A 1 1   ? -2.128  -5.515  -11.933 1.00 9.71  ? 16  ILE E CG2 1 
ATOM   8    C CD1 . ILE A 1 1   ? -0.921  -7.512  -9.702  1.00 13.19 ? 16  ILE E CD1 1 
ATOM   9    N N   . ALA A 1 2   ? -5.471  -5.721  -9.487  1.00 9.56  ? 17  ALA E N   1 
ATOM   10   C CA  . ALA A 1 2   ? -6.109  -4.728  -8.628  1.00 7.27  ? 17  ALA E CA  1 
ATOM   11   C C   . ALA A 1 2   ? -5.360  -4.527  -7.321  1.00 10.43 ? 17  ALA E C   1 
ATOM   12   O O   . ALA A 1 2   ? -4.358  -5.231  -7.072  1.00 8.78  ? 17  ALA E O   1 
ATOM   13   C CB  . ALA A 1 2   ? -7.587  -5.182  -8.390  1.00 6.82  ? 17  ALA E CB  1 
ATOM   14   N N   . GLY A 1 3   ? -5.828  -3.592  -6.518  1.00 8.97  ? 18  GLY E N   1 
ATOM   15   C CA  . GLY A 1 3   ? -5.194  -3.306  -5.227  1.00 6.38  ? 18  GLY E CA  1 
ATOM   16   C C   . GLY A 1 3   ? -5.196  -4.631  -4.420  1.00 9.33  ? 18  GLY E C   1 
ATOM   17   O O   . GLY A 1 3   ? -6.130  -5.452  -4.434  1.00 8.78  ? 18  GLY E O   1 
ATOM   18   N N   . GLY A 1 4   ? -4.121  -4.781  -3.654  1.00 9.18  ? 19  GLY E N   1 
ATOM   19   C CA  . GLY A 1 4   ? -3.934  -5.909  -2.753  1.00 7.37  ? 19  GLY E CA  1 
ATOM   20   C C   . GLY A 1 4   ? -3.375  -7.164  -3.360  1.00 9.00  ? 19  GLY E C   1 
ATOM   21   O O   . GLY A 1 4   ? -3.107  -8.101  -2.548  1.00 11.17 ? 19  GLY E O   1 
ATOM   22   N N   . GLU A 1 5   ? -3.185  -7.182  -4.692  1.00 9.28  ? 29  GLU E N   1 
ATOM   23   C CA  . GLU A 1 5   ? -2.663  -8.418  -5.309  1.00 7.73  ? 29  GLU E CA  1 
ATOM   24   C C   . GLU A 1 5   ? -1.153  -8.452  -5.353  1.00 8.05  ? 29  GLU E C   1 
ATOM   25   O O   . GLU A 1 5   ? -0.564  -7.408  -5.225  1.00 9.52  ? 29  GLU E O   1 
ATOM   26   C CB  . GLU A 1 5   ? -3.296  -8.611  -6.703  1.00 7.57  ? 29  GLU E CB  1 
ATOM   27   C CG  . GLU A 1 5   ? -4.840  -8.821  -6.487  1.00 9.41  ? 29  GLU E CG  1 
ATOM   28   C CD  . GLU A 1 5   ? -5.460  -9.207  -7.837  1.00 15.03 ? 29  GLU E CD  1 
ATOM   29   O OE1 . GLU A 1 5   ? -5.902  -8.426  -8.639  1.00 11.02 ? 29  GLU E OE1 1 
ATOM   30   O OE2 . GLU A 1 5   ? -5.444  -10.434 -8.037  1.00 22.48 ? 29  GLU E OE2 1 
ATOM   31   N N   . ALA A 1 6   ? -0.609  -9.638  -5.510  1.00 12.20 ? 30  ALA E N   1 
ATOM   32   C CA  . ALA A 1 6   ? 0.865   -9.789  -5.515  1.00 8.66  ? 30  ALA E CA  1 
ATOM   33   C C   . ALA A 1 6   ? 1.532   -9.199  -6.707  1.00 9.80  ? 30  ALA E C   1 
ATOM   34   O O   . ALA A 1 6   ? 1.085   -9.269  -7.839  1.00 8.32  ? 30  ALA E O   1 
ATOM   35   C CB  . ALA A 1 6   ? 1.178   -11.280 -5.362  1.00 5.48  ? 30  ALA E CB  1 
ATOM   36   N N   . ILE A 1 7   ? 2.704   -8.577  -6.423  1.00 10.45 ? 31  ILE E N   1 
ATOM   37   C CA  . ILE A 1 7   ? 3.621   -7.998  -7.425  1.00 9.23  ? 31  ILE E CA  1 
ATOM   38   C C   . ILE A 1 7   ? 5.006   -8.579  -6.953  1.00 11.49 ? 31  ILE E C   1 
ATOM   39   O O   . ILE A 1 7   ? 5.258   -8.701  -5.755  1.00 9.04  ? 31  ILE E O   1 
ATOM   40   C CB  . ILE A 1 7   ? 3.575   -6.457  -7.585  1.00 7.10  ? 31  ILE E CB  1 
ATOM   41   C CG1 . ILE A 1 7   ? 3.819   -5.856  -6.175  1.00 13.13 ? 31  ILE E CG1 1 
ATOM   42   C CG2 . ILE A 1 7   ? 2.241   -5.996  -8.257  1.00 10.29 ? 31  ILE E CG2 1 
ATOM   43   C CD1 . ILE A 1 7   ? 4.266   -4.343  -6.178  1.00 13.10 ? 31  ILE E CD1 1 
ATOM   44   N N   . THR A 1 8   ? 5.812   -9.018  -7.926  1.00 14.57 ? 32  THR E N   1 
ATOM   45   C CA  . THR A 1 8   ? 7.086   -9.648  -7.510  1.00 10.43 ? 32  THR E CA  1 
ATOM   46   C C   . THR A 1 8   ? 8.242   -9.122  -8.335  1.00 12.64 ? 32  THR E C   1 
ATOM   47   O O   . THR A 1 8   ? 8.028   -8.509  -9.396  1.00 12.02 ? 32  THR E O   1 
ATOM   48   C CB  . THR A 1 8   ? 6.894   -11.218 -7.641  1.00 12.80 ? 32  THR E CB  1 
ATOM   49   O OG1 . THR A 1 8   ? 6.604   -11.442 -9.066  1.00 15.05 ? 32  THR E OG1 1 
ATOM   50   C CG2 . THR A 1 8   ? 5.712   -11.715 -6.822  1.00 14.84 ? 32  THR E CG2 1 
ATOM   51   N N   . THR A 1 9   ? 9.424   -9.414  -7.823  1.00 12.15 ? 33  THR E N   1 
ATOM   52   C CA  . THR A 1 9   ? 10.707  -9.060  -8.470  1.00 14.98 ? 33  THR E CA  1 
ATOM   53   C C   . THR A 1 9   ? 11.663  -10.178 -8.018  1.00 20.00 ? 33  THR E C   1 
ATOM   54   O O   . THR A 1 9   ? 11.818  -10.300 -6.798  1.00 20.27 ? 33  THR E O   1 
ATOM   55   C CB  . THR A 1 9   ? 11.211  -7.657  -8.124  1.00 15.00 ? 33  THR E CB  1 
ATOM   56   O OG1 . THR A 1 9   ? 12.465  -7.428  -8.863  1.00 16.89 ? 33  THR E OG1 1 
ATOM   57   C CG2 . THR A 1 9   ? 11.461  -7.365  -6.617  1.00 16.51 ? 33  THR E CG2 1 
ATOM   58   N N   . GLY A 1 10  ? 12.216  -10.935 -8.915  1.00 22.87 ? 34  GLY E N   1 
ATOM   59   C CA  . GLY A 1 10  ? 13.136  -12.059 -8.521  1.00 25.62 ? 34  GLY E CA  1 
ATOM   60   C C   . GLY A 1 10  ? 12.330  -12.858 -7.460  1.00 29.01 ? 34  GLY E C   1 
ATOM   61   O O   . GLY A 1 10  ? 11.137  -13.088 -7.722  1.00 29.58 ? 34  GLY E O   1 
ATOM   62   N N   . GLY A 1 11  ? 12.980  -13.161 -6.340  1.00 27.21 ? 39  GLY E N   1 
ATOM   63   C CA  . GLY A 1 11  ? 12.232  -13.907 -5.298  1.00 30.25 ? 39  GLY E CA  1 
ATOM   64   C C   . GLY A 1 11  ? 11.424  -13.101 -4.293  1.00 29.69 ? 39  GLY E C   1 
ATOM   65   O O   . GLY A 1 11  ? 10.885  -13.754 -3.362  1.00 32.05 ? 39  GLY E O   1 
ATOM   66   N N   . SER A 1 12  ? 11.318  -11.785 -4.414  1.00 22.75 ? 40  SER E N   1 
ATOM   67   C CA  . SER A 1 12  ? 10.598  -10.932 -3.479  1.00 17.73 ? 40  SER E CA  1 
ATOM   68   C C   . SER A 1 12  ? 9.142   -10.661 -3.859  1.00 17.68 ? 40  SER E C   1 
ATOM   69   O O   . SER A 1 12  ? 8.903   -10.484 -5.049  1.00 18.82 ? 40  SER E O   1 
ATOM   70   C CB  . SER A 1 12  ? 11.300  -9.559  -3.398  1.00 22.47 ? 40  SER E CB  1 
ATOM   71   O OG  . SER A 1 12  ? 12.645  -9.850  -2.991  1.00 28.78 ? 40  SER E OG  1 
ATOM   72   N N   . ARG A 1 13  ? 8.321   -10.585 -2.815  1.00 14.14 ? 41  ARG E N   1 
ATOM   73   C CA  . ARG A 1 13  ? 6.891   -10.305 -3.086  1.00 14.29 ? 41  ARG E CA  1 
ATOM   74   C C   . ARG A 1 13  ? 6.350   -9.200  -2.203  1.00 13.30 ? 41  ARG E C   1 
ATOM   75   O O   . ARG A 1 13  ? 6.637   -9.158  -1.013  1.00 11.39 ? 41  ARG E O   1 
ATOM   76   C CB  . ARG A 1 13  ? 6.100   -11.622 -2.912  1.00 13.24 ? 41  ARG E CB  1 
ATOM   77   C CG  . ARG A 1 13  ? 4.587   -11.436 -3.075  1.00 17.09 ? 41  ARG E CG  1 
ATOM   78   C CD  . ARG A 1 13  ? 3.866   -12.771 -3.048  1.00 18.92 ? 41  ARG E CD  1 
ATOM   79   N NE  . ARG A 1 13  ? 4.095   -13.457 -1.763  1.00 12.95 ? 41  ARG E NE  1 
ATOM   80   C CZ  . ARG A 1 13  ? 3.508   -13.225 -0.588  1.00 18.41 ? 41  ARG E CZ  1 
ATOM   81   N NH1 . ARG A 1 13  ? 2.599   -12.306 -0.328  1.00 18.18 ? 41  ARG E NH1 1 
ATOM   82   N NH2 . ARG A 1 13  ? 3.861   -14.053 0.444   1.00 20.45 ? 41  ARG E NH2 1 
ATOM   83   N N   . CYS A 1 14  ? 5.588   -8.294  -2.810  1.00 11.46 ? 42  CYS E N   1 
ATOM   84   C CA  . CYS A 1 14  ? 4.901   -7.202  -2.080  1.00 10.46 ? 42  CYS E CA  1 
ATOM   85   C C   . CYS A 1 14  ? 3.460   -7.241  -2.586  1.00 6.80  ? 42  CYS E C   1 
ATOM   86   O O   . CYS A 1 14  ? 3.191   -8.205  -3.349  1.00 9.53  ? 42  CYS E O   1 
ATOM   87   C CB  . CYS A 1 14  ? 5.557   -5.853  -2.282  1.00 13.02 ? 42  CYS E CB  1 
ATOM   88   S SG  . CYS A 1 14  ? 7.194   -5.889  -1.392  1.00 11.76 ? 42  CYS E SG  1 
ATOM   89   N N   . SER A 1 15  ? 2.669   -6.276  -2.235  1.00 7.75  ? 43  SER E N   1 
ATOM   90   C CA  . SER A 1 15  ? 1.258   -6.204  -2.744  1.00 7.42  ? 43  SER E CA  1 
ATOM   91   C C   . SER A 1 15  ? 1.099   -4.885  -3.485  1.00 8.09  ? 43  SER E C   1 
ATOM   92   O O   . SER A 1 15  ? 1.790   -3.882  -3.155  1.00 6.03  ? 43  SER E O   1 
ATOM   93   C CB  . SER A 1 15  ? 0.295   -6.294  -1.605  1.00 5.06  ? 43  SER E CB  1 
ATOM   94   O OG  . SER A 1 15  ? 0.439   -7.576  -0.953  1.00 10.46 ? 43  SER E OG  1 
ATOM   95   N N   . LEU A 1 16  ? 0.177   -4.833  -4.451  1.00 7.13  ? 44  LEU E N   1 
ATOM   96   C CA  . LEU A 1 16  ? -0.078  -3.596  -5.188  1.00 6.59  ? 44  LEU E CA  1 
ATOM   97   C C   . LEU A 1 16  ? -0.900  -2.702  -4.287  1.00 5.33  ? 44  LEU E C   1 
ATOM   98   O O   . LEU A 1 16  ? -1.863  -3.207  -3.624  1.00 4.80  ? 44  LEU E O   1 
ATOM   99   C CB  . LEU A 1 16  ? -0.747  -3.991  -6.534  1.00 7.03  ? 44  LEU E CB  1 
ATOM   100  C CG  . LEU A 1 16  ? -0.834  -2.878  -7.563  1.00 13.29 ? 44  LEU E CG  1 
ATOM   101  C CD1 . LEU A 1 16  ? -0.982  -3.488  -8.950  1.00 12.12 ? 44  LEU E CD1 1 
ATOM   102  C CD2 . LEU A 1 16  ? -2.066  -1.979  -7.284  1.00 12.61 ? 44  LEU E CD2 1 
ATOM   103  N N   . GLY A 1 17  ? -0.663  -1.420  -4.250  1.00 3.98  ? 45  GLY E N   1 
ATOM   104  C CA  . GLY A 1 17  ? -1.412  -0.443  -3.456  1.00 5.70  ? 45  GLY E CA  1 
ATOM   105  C C   . GLY A 1 17  ? -2.670  0.004   -4.222  1.00 6.75  ? 45  GLY E C   1 
ATOM   106  O O   . GLY A 1 17  ? -3.790  -0.437  -3.856  1.00 9.79  ? 45  GLY E O   1 
ATOM   107  N N   . PHE A 1 18  ? -2.479  0.866   -5.220  1.00 7.32  ? 46  PHE E N   1 
ATOM   108  C CA  . PHE A 1 18  ? -3.559  1.417   -6.014  1.00 9.33  ? 46  PHE E CA  1 
ATOM   109  C C   . PHE A 1 18  ? -3.048  1.668   -7.418  1.00 10.65 ? 46  PHE E C   1 
ATOM   110  O O   . PHE A 1 18  ? -1.899  2.047   -7.575  1.00 10.19 ? 46  PHE E O   1 
ATOM   111  C CB  . PHE A 1 18  ? -4.148  2.777   -5.481  1.00 6.92  ? 46  PHE E CB  1 
ATOM   112  C CG  . PHE A 1 18  ? -4.757  2.623   -4.086  1.00 7.84  ? 46  PHE E CG  1 
ATOM   113  C CD1 . PHE A 1 18  ? -6.047  2.069   -3.963  1.00 7.55  ? 46  PHE E CD1 1 
ATOM   114  C CD2 . PHE A 1 18  ? -4.037  2.974   -2.979  1.00 6.09  ? 46  PHE E CD2 1 
ATOM   115  C CE1 . PHE A 1 18  ? -6.607  1.891   -2.664  1.00 7.41  ? 46  PHE E CE1 1 
ATOM   116  C CE2 . PHE A 1 18  ? -4.603  2.806   -1.700  1.00 4.67  ? 46  PHE E CE2 1 
ATOM   117  C CZ  . PHE A 1 18  ? -5.872  2.241   -1.544  1.00 7.90  ? 46  PHE E CZ  1 
ATOM   118  N N   . ASN A 1 19  ? -3.919  1.430   -8.396  1.00 6.82  ? 47  ASN E N   1 
ATOM   119  C CA  . ASN A 1 19  ? -3.587  1.749   -9.805  1.00 6.00  ? 47  ASN E CA  1 
ATOM   120  C C   . ASN A 1 19  ? -3.913  3.248   -9.901  1.00 8.28  ? 47  ASN E C   1 
ATOM   121  O O   . ASN A 1 19  ? -4.940  3.706   -9.355  1.00 9.96  ? 47  ASN E O   1 
ATOM   122  C CB  . ASN A 1 19  ? -4.293  0.856   -10.783 1.00 8.99  ? 47  ASN E CB  1 
ATOM   123  C CG  . ASN A 1 19  ? -3.668  -0.524  -10.754 1.00 10.45 ? 47  ASN E CG  1 
ATOM   124  O OD1 . ASN A 1 19  ? -2.462  -0.582  -11.002 1.00 7.57  ? 47  ASN E OD1 1 
ATOM   125  N ND2 . ASN A 1 19  ? -4.421  -1.564  -10.444 1.00 10.49 ? 47  ASN E ND2 1 
ATOM   126  N N   . VAL A 1 20  ? -2.997  3.995   -10.569 1.00 7.99  ? 48  VAL E N   1 
ATOM   127  C CA  . VAL A 1 20  ? -3.156  5.437   -10.673 1.00 8.20  ? 48  VAL E CA  1 
ATOM   128  C C   . VAL A 1 20  ? -2.765  5.897   -12.098 1.00 7.99  ? 48  VAL E C   1 
ATOM   129  O O   . VAL A 1 20  ? -2.217  5.120   -12.831 1.00 9.90  ? 48  VAL E O   1 
ATOM   130  C CB  . VAL A 1 20  ? -2.270  6.166   -9.634  1.00 9.85  ? 48  VAL E CB  1 
ATOM   131  C CG1 . VAL A 1 20  ? -2.695  5.807   -8.189  1.00 12.60 ? 48  VAL E CG1 1 
ATOM   132  C CG2 . VAL A 1 20  ? -0.777  5.920   -9.921  1.00 8.58  ? 48  VAL E CG2 1 
ATOM   133  N N   . SER A 1 21  A -3.067  7.163   -12.305 1.00 7.12  ? 48  SER E N   1 
ATOM   134  C CA  . SER A 1 21  A -2.747  7.765   -13.599 1.00 8.41  ? 48  SER E CA  1 
ATOM   135  C C   . SER A 1 21  A -1.827  8.953   -13.381 1.00 8.89  ? 48  SER E C   1 
ATOM   136  O O   . SER A 1 21  A -2.054  9.737   -12.438 1.00 11.20 ? 48  SER E O   1 
ATOM   137  C CB  . SER A 1 21  A -4.094  8.216   -14.218 1.00 13.07 ? 48  SER E CB  1 
ATOM   138  O OG  . SER A 1 21  A -3.743  8.828   -15.439 1.00 18.91 ? 48  SER E OG  1 
ATOM   139  N N   . VAL A 1 22  B -0.860  9.086   -14.291 1.00 12.69 ? 48  VAL E N   1 
ATOM   140  C CA  . VAL A 1 22  B 0.063   10.237  -14.266 1.00 11.37 ? 48  VAL E CA  1 
ATOM   141  C C   . VAL A 1 22  B -0.062  10.788  -15.703 1.00 13.21 ? 48  VAL E C   1 
ATOM   142  O O   . VAL A 1 22  B 0.467   10.118  -16.586 1.00 12.79 ? 48  VAL E O   1 
ATOM   143  C CB  . VAL A 1 22  B 1.523   9.931   -13.918 1.00 12.71 ? 48  VAL E CB  1 
ATOM   144  C CG1 . VAL A 1 22  B 2.369   11.190  -14.030 1.00 13.09 ? 48  VAL E CG1 1 
ATOM   145  C CG2 . VAL A 1 22  B 1.659   9.264   -12.555 1.00 9.11  ? 48  VAL E CG2 1 
ATOM   146  N N   . ASN A 1 23  C -0.763  11.883  -15.853 1.00 15.31 ? 48  ASN E N   1 
ATOM   147  C CA  . ASN A 1 23  C -0.928  12.465  -17.209 1.00 21.11 ? 48  ASN E CA  1 
ATOM   148  C C   . ASN A 1 23  C -1.449  11.410  -18.199 1.00 20.63 ? 48  ASN E C   1 
ATOM   149  O O   . ASN A 1 23  C -0.893  11.343  -19.307 1.00 17.67 ? 48  ASN E O   1 
ATOM   150  C CB  . ASN A 1 23  C 0.402   12.980  -17.792 1.00 32.52 ? 48  ASN E CB  1 
ATOM   151  C CG  . ASN A 1 23  C 0.932   14.232  -17.141 1.00 42.93 ? 48  ASN E CG  1 
ATOM   152  O OD1 . ASN A 1 23  C 0.347   14.742  -16.167 1.00 47.40 ? 48  ASN E OD1 1 
ATOM   153  N ND2 . ASN A 1 23  C 2.033   14.759  -17.689 1.00 52.28 ? 48  ASN E ND2 1 
ATOM   154  N N   . GLY A 1 24  D -2.436  10.671  -17.726 1.00 18.90 ? 48  GLY E N   1 
ATOM   155  C CA  . GLY A 1 24  D -3.020  9.628   -18.572 1.00 20.04 ? 48  GLY E CA  1 
ATOM   156  C C   . GLY A 1 24  D -2.231  8.323   -18.677 1.00 17.78 ? 48  GLY E C   1 
ATOM   157  O O   . GLY A 1 24  D -2.802  7.415   -19.305 1.00 21.86 ? 48  GLY E O   1 
ATOM   158  N N   . VAL A 1 25  ? -1.038  8.211   -18.134 1.00 13.36 ? 49  VAL E N   1 
ATOM   159  C CA  . VAL A 1 25  ? -0.218  7.010   -18.183 1.00 11.96 ? 49  VAL E CA  1 
ATOM   160  C C   . VAL A 1 25  ? -0.416  6.154   -16.908 1.00 10.41 ? 49  VAL E C   1 
ATOM   161  O O   . VAL A 1 25  ? -0.255  6.683   -15.805 1.00 8.37  ? 49  VAL E O   1 
ATOM   162  C CB  . VAL A 1 25  ? 1.278   7.421   -18.350 1.00 12.56 ? 49  VAL E CB  1 
ATOM   163  C CG1 . VAL A 1 25  ? 2.167   6.182   -18.332 1.00 13.27 ? 49  VAL E CG1 1 
ATOM   164  C CG2 . VAL A 1 25  ? 1.466   8.298   -19.566 1.00 15.84 ? 49  VAL E CG2 1 
ATOM   165  N N   . ALA A 1 26  ? -0.820  4.909   -17.101 1.00 6.84  ? 50  ALA E N   1 
ATOM   166  C CA  . ALA A 1 26  ? -1.065  3.947   -16.016 1.00 8.03  ? 50  ALA E CA  1 
ATOM   167  C C   . ALA A 1 26  ? 0.155   3.518   -15.242 1.00 7.72  ? 50  ALA E C   1 
ATOM   168  O O   . ALA A 1 26  ? 1.167   3.069   -15.807 1.00 9.73  ? 50  ALA E O   1 
ATOM   169  C CB  . ALA A 1 26  ? -1.701  2.647   -16.614 1.00 10.74 ? 50  ALA E CB  1 
ATOM   170  N N   . HIS A 1 27  ? 0.051   3.654   -13.904 1.00 5.34  ? 51  HIS E N   1 
ATOM   171  C CA  . HIS A 1 27  ? 1.074   3.296   -12.964 1.00 7.35  ? 51  HIS E CA  1 
ATOM   172  C C   . HIS A 1 27  ? 0.398   2.617   -11.769 1.00 5.80  ? 51  HIS E C   1 
ATOM   173  O O   . HIS A 1 27  ? -0.853  2.516   -11.674 1.00 9.15  ? 51  HIS E O   1 
ATOM   174  C CB  . HIS A 1 27  ? 1.857   4.514   -12.415 1.00 4.70  ? 51  HIS E CB  1 
ATOM   175  C CG  . HIS A 1 27  ? 2.706   5.238   -13.406 1.00 7.87  ? 51  HIS E CG  1 
ATOM   176  N ND1 . HIS A 1 27  ? 2.175   6.079   -14.415 1.00 7.74  ? 51  HIS E ND1 1 
ATOM   177  C CD2 . HIS A 1 27  ? 4.063   5.334   -13.497 1.00 7.20  ? 51  HIS E CD2 1 
ATOM   178  C CE1 . HIS A 1 27  ? 3.156   6.634   -15.071 1.00 12.43 ? 51  HIS E CE1 1 
ATOM   179  N NE2 . HIS A 1 27  ? 4.297   6.173   -14.580 1.00 6.15  ? 51  HIS E NE2 1 
ATOM   180  N N   . ALA A 1 28  ? 1.244   2.073   -10.919 1.00 9.14  ? 52  ALA E N   1 
ATOM   181  C CA  . ALA A 1 28  ? 0.804   1.413   -9.711  1.00 4.73  ? 52  ALA E CA  1 
ATOM   182  C C   . ALA A 1 28  ? 1.623   1.925   -8.503  1.00 8.31  ? 52  ALA E C   1 
ATOM   183  O O   . ALA A 1 28  ? 2.825   1.967   -8.669  1.00 7.69  ? 52  ALA E O   1 
ATOM   184  C CB  . ALA A 1 28  ? 0.938   -0.108  -9.793  1.00 7.22  ? 52  ALA E CB  1 
ATOM   185  N N   . LEU A 1 29  ? 0.935   2.259   -7.444  1.00 6.63  ? 53  LEU E N   1 
ATOM   186  C CA  . LEU A 1 29  ? 1.668   2.697   -6.209  1.00 6.72  ? 53  LEU E CA  1 
ATOM   187  C C   . LEU A 1 29  ? 1.848   1.440   -5.351  1.00 8.89  ? 53  LEU E C   1 
ATOM   188  O O   . LEU A 1 29  ? 0.953   0.597   -5.343  1.00 7.02  ? 53  LEU E O   1 
ATOM   189  C CB  . LEU A 1 29  ? 0.815   3.639   -5.399  1.00 11.63 ? 53  LEU E CB  1 
ATOM   190  C CG  . LEU A 1 29  ? 1.008   5.118   -5.309  1.00 20.68 ? 53  LEU E CG  1 
ATOM   191  C CD1 . LEU A 1 29  ? 1.885   5.703   -6.390  1.00 12.71 ? 53  LEU E CD1 1 
ATOM   192  C CD2 . LEU A 1 29  ? -0.319  5.838   -5.260  1.00 10.55 ? 53  LEU E CD2 1 
ATOM   193  N N   . THR A 1 30  ? 2.959   1.422   -4.629  1.00 7.17  ? 54  THR E N   1 
ATOM   194  C CA  . THR A 1 30  ? 3.267   0.299   -3.698  1.00 5.58  ? 54  THR E CA  1 
ATOM   195  C C   . THR A 1 30  ? 4.235   0.881   -2.604  1.00 3.56  ? 54  THR E C   1 
ATOM   196  O O   . THR A 1 30  ? 4.361   2.131   -2.543  1.00 5.70  ? 54  THR E O   1 
ATOM   197  C CB  . THR A 1 30  ? 3.864   -0.920  -4.406  1.00 6.54  ? 54  THR E CB  1 
ATOM   198  O OG1 . THR A 1 30  ? 3.915   -2.009  -3.420  1.00 8.29  ? 54  THR E OG1 1 
ATOM   199  C CG2 . THR A 1 30  ? 5.312   -0.683  -5.023  1.00 8.73  ? 54  THR E CG2 1 
ATOM   200  N N   . ALA A 1 31  ? 4.760   -0.008  -1.757  1.00 4.43  ? 55  ALA E N   1 
ATOM   201  C CA  . ALA A 1 31  ? 5.660   0.562   -0.684  1.00 7.39  ? 55  ALA E CA  1 
ATOM   202  C C   . ALA A 1 31  ? 7.024   0.884   -1.249  1.00 7.02  ? 55  ALA E C   1 
ATOM   203  O O   . ALA A 1 31  ? 7.505   0.176   -2.132  1.00 7.39  ? 55  ALA E O   1 
ATOM   204  C CB  . ALA A 1 31  ? 5.747   -0.502  0.455   1.00 6.16  ? 55  ALA E CB  1 
ATOM   205  N N   . GLY A 1 32  ? 7.660   1.938   -0.724  1.00 4.71  ? 56  GLY E N   1 
ATOM   206  C CA  . GLY A 1 32  ? 8.974   2.328   -1.182  1.00 5.83  ? 56  GLY E CA  1 
ATOM   207  C C   . GLY A 1 32  ? 10.013  1.273   -0.758  1.00 6.64  ? 56  GLY E C   1 
ATOM   208  O O   . GLY A 1 32  ? 10.980  1.119   -1.494  1.00 8.71  ? 56  GLY E O   1 
ATOM   209  N N   . HIS A 1 33  ? 9.802   0.596   0.365   1.00 7.20  ? 57  HIS E N   1 
ATOM   210  C CA  . HIS A 1 33  ? 10.810  -0.412  0.812   1.00 9.95  ? 57  HIS E CA  1 
ATOM   211  C C   . HIS A 1 33  ? 10.759  -1.597  -0.129  1.00 10.65 ? 57  HIS E C   1 
ATOM   212  O O   . HIS A 1 33  ? 11.748  -2.372  -0.220  1.00 9.56  ? 57  HIS E O   1 
ATOM   213  C CB  . HIS A 1 33  ? 10.669  -0.751  2.296   1.00 5.18  ? 57  HIS E CB  1 
ATOM   214  C CG  . HIS A 1 33  ? 9.462   -1.574  2.689   1.00 8.29  ? 57  HIS E CG  1 
ATOM   215  N ND1 . HIS A 1 33  ? 8.342   -1.059  3.260   1.00 13.13 ? 57  HIS E ND1 1 
ATOM   216  C CD2 . HIS A 1 33  ? 9.289   -2.931  2.687   1.00 9.56  ? 57  HIS E CD2 1 
ATOM   217  C CE1 . HIS A 1 33  ? 7.467   -2.014  3.520   1.00 5.07  ? 57  HIS E CE1 1 
ATOM   218  N NE2 . HIS A 1 33  ? 8.053   -3.149  3.220   1.00 8.86  ? 57  HIS E NE2 1 
ATOM   219  N N   . CYS A 1 34  ? 9.656   -1.704  -0.896  1.00 8.85  ? 58  CYS E N   1 
ATOM   220  C CA  . CYS A 1 34  ? 9.559   -2.711  -1.934  1.00 7.20  ? 58  CYS E CA  1 
ATOM   221  C C   . CYS A 1 34  ? 10.248  -2.216  -3.226  1.00 9.21  ? 58  CYS E C   1 
ATOM   222  O O   . CYS A 1 34  ? 11.126  -2.937  -3.702  1.00 9.37  ? 58  CYS E O   1 
ATOM   223  C CB  . CYS A 1 34  ? 8.090   -3.086  -2.264  1.00 8.68  ? 58  CYS E CB  1 
ATOM   224  S SG  . CYS A 1 34  ? 7.353   -3.963  -0.842  1.00 12.05 ? 58  CYS E SG  1 
ATOM   225  N N   . THR A 1 35  ? 9.932   -1.052  -3.747  1.00 8.97  ? 59  THR E N   1 
ATOM   226  C CA  . THR A 1 35  ? 10.531  -0.557  -4.975  1.00 7.08  ? 59  THR E CA  1 
ATOM   227  C C   . THR A 1 35  ? 12.065  -0.312  -4.781  1.00 6.62  ? 59  THR E C   1 
ATOM   228  O O   . THR A 1 35  ? 12.741  -0.355  -5.810  1.00 9.05  ? 59  THR E O   1 
ATOM   229  C CB  . THR A 1 35  ? 9.804   0.695   -5.603  1.00 6.63  ? 59  THR E CB  1 
ATOM   230  O OG1 . THR A 1 35  ? 9.469   1.540   -4.486  1.00 7.26  ? 59  THR E OG1 1 
ATOM   231  C CG2 . THR A 1 35  ? 8.491   0.285   -6.294  1.00 9.57  ? 59  THR E CG2 1 
ATOM   232  N N   . ASN A 1 36  ? 12.510  -0.136  -3.525  1.00 7.93  ? 62  ASN E N   1 
ATOM   233  C CA  . ASN A 1 36  ? 14.003  0.065   -3.405  1.00 10.75 ? 62  ASN E CA  1 
ATOM   234  C C   . ASN A 1 36  ? 14.752  -1.179  -3.867  1.00 10.53 ? 62  ASN E C   1 
ATOM   235  O O   . ASN A 1 36  ? 15.936  -1.090  -4.239  1.00 10.87 ? 62  ASN E O   1 
ATOM   236  C CB  . ASN A 1 36  ? 14.368  0.359   -1.941  1.00 8.52  ? 62  ASN E CB  1 
ATOM   237  C CG  . ASN A 1 36  ? 14.237  1.795   -1.516  1.00 9.18  ? 62  ASN E CG  1 
ATOM   238  O OD1 . ASN A 1 36  ? 13.655  2.634   -2.234  1.00 12.27 ? 62  ASN E OD1 1 
ATOM   239  N ND2 . ASN A 1 36  ? 14.742  2.126   -0.295  1.00 6.61  ? 62  ASN E ND2 1 
ATOM   240  N N   . ILE A 1 37  ? 14.110  -2.361  -3.772  1.00 9.05  ? 63  ILE E N   1 
ATOM   241  C CA  . ILE A 1 37  ? 14.741  -3.631  -4.122  1.00 9.67  ? 63  ILE E CA  1 
ATOM   242  C C   . ILE A 1 37  ? 15.263  -3.730  -5.543  1.00 9.88  ? 63  ILE E C   1 
ATOM   243  O O   . ILE A 1 37  ? 16.443  -4.109  -5.825  1.00 10.44 ? 63  ILE E O   1 
ATOM   244  C CB  . ILE A 1 37  ? 13.751  -4.851  -3.871  1.00 12.04 ? 63  ILE E CB  1 
ATOM   245  C CG1 . ILE A 1 37  ? 13.334  -4.987  -2.401  1.00 13.77 ? 63  ILE E CG1 1 
ATOM   246  C CG2 . ILE A 1 37  ? 14.381  -6.197  -4.388  1.00 15.80 ? 63  ILE E CG2 1 
ATOM   247  C CD1 . ILE A 1 37  ? 12.139  -6.018  -2.195  1.00 17.56 ? 63  ILE E CD1 1 
ATOM   248  N N   . SER A 1 38  ? 14.388  -3.370  -6.483  1.00 10.76 ? 64  SER E N   1 
ATOM   249  C CA  . SER A 1 38  ? 14.735  -3.474  -7.914  1.00 10.19 ? 64  SER E CA  1 
ATOM   250  C C   . SER A 1 38  ? 13.907  -2.534  -8.779  1.00 9.59  ? 64  SER E C   1 
ATOM   251  O O   . SER A 1 38  ? 12.805  -2.102  -8.340  1.00 11.92 ? 64  SER E O   1 
ATOM   252  C CB  . SER A 1 38  ? 14.333  -4.907  -8.314  1.00 12.91 ? 64  SER E CB  1 
ATOM   253  O OG  . SER A 1 38  ? 14.639  -5.143  -9.682  1.00 18.54 ? 64  SER E OG  1 
ATOM   254  N N   . ALA A 1 39  ? 14.391  -2.330  -10.007 1.00 10.05 ? 65  ALA E N   1 
ATOM   255  C CA  . ALA A 1 39  ? 13.657  -1.510  -10.956 1.00 9.40  ? 65  ALA E CA  1 
ATOM   256  C C   . ALA A 1 39  ? 12.711  -2.425  -11.765 1.00 13.47 ? 65  ALA E C   1 
ATOM   257  O O   . ALA A 1 39  ? 11.842  -1.859  -12.448 1.00 14.65 ? 65  ALA E O   1 
ATOM   258  C CB  . ALA A 1 39  ? 14.511  -0.824  -12.007 1.00 10.92 ? 65  ALA E CB  1 
ATOM   259  N N   . SER A 1 40  A 12.908  -3.713  -11.718 1.00 11.35 ? 65  SER E N   1 
ATOM   260  C CA  . SER A 1 40  A 12.101  -4.610  -12.586 1.00 12.75 ? 65  SER E CA  1 
ATOM   261  C C   . SER A 1 40  A 11.082  -5.420  -11.816 1.00 13.53 ? 65  SER E C   1 
ATOM   262  O O   . SER A 1 40  A 11.455  -6.226  -10.960 1.00 16.09 ? 65  SER E O   1 
ATOM   263  C CB  . SER A 1 40  A 13.102  -5.445  -13.394 1.00 16.37 ? 65  SER E CB  1 
ATOM   264  O OG  . SER A 1 40  A 12.402  -6.378  -14.229 1.00 27.58 ? 65  SER E OG  1 
ATOM   265  N N   . TRP A 1 41  ? 9.817   -5.195  -12.144 1.00 11.63 ? 66  TRP E N   1 
ATOM   266  C CA  . TRP A 1 41  ? 8.692   -5.869  -11.499 1.00 10.11 ? 66  TRP E CA  1 
ATOM   267  C C   . TRP A 1 41  ? 7.897   -6.690  -12.493 1.00 8.18  ? 66  TRP E C   1 
ATOM   268  O O   . TRP A 1 41  ? 7.897   -6.444  -13.701 1.00 9.70  ? 66  TRP E O   1 
ATOM   269  C CB  . TRP A 1 41  ? 7.832   -4.748  -10.811 1.00 9.38  ? 66  TRP E CB  1 
ATOM   270  C CG  . TRP A 1 41  ? 8.628   -4.201  -9.667  1.00 9.83  ? 66  TRP E CG  1 
ATOM   271  C CD1 . TRP A 1 41  ? 9.631   -3.261  -9.683  1.00 7.69  ? 66  TRP E CD1 1 
ATOM   272  C CD2 . TRP A 1 41  ? 8.551   -4.691  -8.311  1.00 6.71  ? 66  TRP E CD2 1 
ATOM   273  N NE1 . TRP A 1 41  ? 10.124  -3.118  -8.368  1.00 10.01 ? 66  TRP E NE1 1 
ATOM   274  C CE2 . TRP A 1 41  ? 9.494   -4.006  -7.554  1.00 9.42  ? 66  TRP E CE2 1 
ATOM   275  C CE3 . TRP A 1 41  ? 7.750   -5.670  -7.723  1.00 10.93 ? 66  TRP E CE3 1 
ATOM   276  C CZ2 . TRP A 1 41  ? 9.675   -4.260  -6.204  1.00 9.90  ? 66  TRP E CZ2 1 
ATOM   277  C CZ3 . TRP A 1 41  ? 7.928   -5.907  -6.359  1.00 13.49 ? 66  TRP E CZ3 1 
ATOM   278  C CH2 . TRP A 1 41  ? 8.876   -5.205  -5.592  1.00 11.92 ? 66  TRP E CH2 1 
ATOM   279  N N   . SER A 1 42  ? 7.139   -7.655  -11.964 1.00 9.43  ? 84  SER E N   1 
ATOM   280  C CA  . SER A 1 42  ? 6.232   -8.485  -12.763 1.00 13.69 ? 84  SER E CA  1 
ATOM   281  C C   . SER A 1 42  ? 5.315   -7.602  -13.623 1.00 13.08 ? 84  SER E C   1 
ATOM   282  O O   . SER A 1 42  ? 5.046   -8.022  -14.782 1.00 15.13 ? 84  SER E O   1 
ATOM   283  C CB  . SER A 1 42  ? 5.371   -9.350  -11.851 1.00 11.10 ? 84  SER E CB  1 
ATOM   284  O OG  . SER A 1 42  ? 4.715   -8.650  -10.824 1.00 10.98 ? 84  SER E OG  1 
ATOM   285  N N   . ILE A 1 43  ? 4.911   -6.450  -13.090 1.00 10.58 ? 85  ILE E N   1 
ATOM   286  C CA  . ILE A 1 43  ? 3.972   -5.576  -13.839 1.00 7.86  ? 85  ILE E CA  1 
ATOM   287  C C   . ILE A 1 43  ? 4.552   -4.457  -14.658 1.00 8.40  ? 85  ILE E C   1 
ATOM   288  O O   . ILE A 1 43  ? 3.787   -3.777  -15.394 1.00 9.65  ? 85  ILE E O   1 
ATOM   289  C CB  . ILE A 1 43  ? 2.866   -4.944  -12.907 1.00 8.89  ? 85  ILE E CB  1 
ATOM   290  C CG1 . ILE A 1 43  ? 3.510   -4.099  -11.763 1.00 9.65  ? 85  ILE E CG1 1 
ATOM   291  C CG2 . ILE A 1 43  ? 1.920   -6.036  -12.326 1.00 12.82 ? 85  ILE E CG2 1 
ATOM   292  C CD1 . ILE A 1 43  ? 2.555   -3.101  -11.053 1.00 14.73 ? 85  ILE E CD1 1 
ATOM   293  N N   . GLY A 1 44  ? 5.887   -4.279  -14.476 1.00 7.67  ? 86  GLY E N   1 
ATOM   294  C CA  . GLY A 1 44  ? 6.456   -3.147  -15.232 1.00 6.07  ? 86  GLY E CA  1 
ATOM   295  C C   . GLY A 1 44  ? 7.763   -2.686  -14.611 1.00 8.19  ? 86  GLY E C   1 
ATOM   296  O O   . GLY A 1 44  ? 8.404   -3.439  -13.857 1.00 8.72  ? 86  GLY E O   1 
ATOM   297  N N   . THR A 1 45  ? 8.063   -1.457  -14.978 1.00 8.20  ? 87  THR E N   1 
ATOM   298  C CA  . THR A 1 45  ? 9.315   -0.784  -14.513 1.00 4.81  ? 87  THR E CA  1 
ATOM   299  C C   . THR A 1 45  ? 9.056   0.292   -13.491 1.00 6.75  ? 87  THR E C   1 
ATOM   300  O O   . THR A 1 45  ? 8.221   1.209   -13.580 1.00 6.38  ? 87  THR E O   1 
ATOM   301  C CB  . THR A 1 45  ? 10.055  -0.113  -15.767 1.00 12.85 ? 87  THR E CB  1 
ATOM   302  O OG1 . THR A 1 45  ? 10.217  -1.155  -16.746 1.00 10.73 ? 87  THR E OG1 1 
ATOM   303  C CG2 . THR A 1 45  ? 11.414  0.515   -15.400 1.00 12.55 ? 87  THR E CG2 1 
ATOM   304  N N   . ARG A 1 46  ? 9.919   0.290   -12.444 1.00 7.37  ? 88  ARG E N   1 
ATOM   305  C CA  . ARG A 1 46  ? 9.843   1.271   -11.354 1.00 5.30  ? 88  ARG E CA  1 
ATOM   306  C C   . ARG A 1 46  ? 10.150  2.642   -11.885 1.00 7.01  ? 88  ARG E C   1 
ATOM   307  O O   . ARG A 1 46  ? 11.227  2.736   -12.552 1.00 7.53  ? 88  ARG E O   1 
ATOM   308  C CB  . ARG A 1 46  ? 10.878  0.867   -10.259 1.00 7.08  ? 88  ARG E CB  1 
ATOM   309  C CG  . ARG A 1 46  ? 10.962  1.893   -9.089  1.00 7.54  ? 88  ARG E CG  1 
ATOM   310  C CD  . ARG A 1 46  ? 12.204  1.595   -8.264  1.00 10.55 ? 88  ARG E CD  1 
ATOM   311  N NE  . ARG A 1 46  ? 13.421  1.800   -9.033  1.00 10.84 ? 88  ARG E NE  1 
ATOM   312  C CZ  . ARG A 1 46  ? 14.614  1.403   -8.590  1.00 12.30 ? 88  ARG E CZ  1 
ATOM   313  N NH1 . ARG A 1 46  ? 14.761  0.657   -7.475  1.00 6.65  ? 88  ARG E NH1 1 
ATOM   314  N NH2 . ARG A 1 46  ? 15.704  1.773   -9.270  1.00 8.83  ? 88  ARG E NH2 1 
ATOM   315  N N   . THR A 1 47  ? 9.410   3.665   -11.587 1.00 7.39  ? 89  THR E N   1 
ATOM   316  C CA  . THR A 1 47  ? 9.767   5.034   -12.032 1.00 9.39  ? 89  THR E CA  1 
ATOM   317  C C   . THR A 1 47  ? 9.951   5.960   -10.855 1.00 8.17  ? 89  THR E C   1 
ATOM   318  O O   . THR A 1 47  ? 10.279  7.146   -11.070 1.00 11.92 ? 89  THR E O   1 
ATOM   319  C CB  . THR A 1 47  ? 8.746   5.610   -13.060 1.00 9.24  ? 89  THR E CB  1 
ATOM   320  O OG1 . THR A 1 47  ? 7.443   5.568   -12.432 1.00 11.99 ? 89  THR E OG1 1 
ATOM   321  C CG2 . THR A 1 47  ? 8.813   4.812   -14.379 1.00 10.84 ? 89  THR E CG2 1 
ATOM   322  N N   . GLY A 1 48  ? 9.821   5.438   -9.626  1.00 8.68  ? 90  GLY E N   1 
ATOM   323  C CA  . GLY A 1 48  ? 10.010  6.333   -8.455  1.00 8.44  ? 90  GLY E CA  1 
ATOM   324  C C   . GLY A 1 48  ? 10.060  5.502   -7.171  1.00 10.43 ? 90  GLY E C   1 
ATOM   325  O O   . GLY A 1 48  ? 9.346   4.487   -7.114  1.00 7.09  ? 90  GLY E O   1 
ATOM   326  N N   . THR A 1 49  ? 10.839  5.980   -6.212  1.00 5.02  ? 91  THR E N   1 
ATOM   327  C CA  . THR A 1 49  ? 10.903  5.258   -4.914  1.00 6.98  ? 91  THR E CA  1 
ATOM   328  C C   . THR A 1 49  ? 11.311  6.239   -3.781  1.00 5.69  ? 91  THR E C   1 
ATOM   329  O O   . THR A 1 49  ? 12.135  7.117   -4.064  1.00 6.87  ? 91  THR E O   1 
ATOM   330  C CB  . THR A 1 49  ? 11.780  3.991   -4.986  1.00 6.12  ? 91  THR E CB  1 
ATOM   331  O OG1 . THR A 1 49  ? 11.436  3.212   -3.805  1.00 5.53  ? 91  THR E OG1 1 
ATOM   332  C CG2 . THR A 1 49  ? 13.302  4.202   -5.123  1.00 8.17  ? 91  THR E CG2 1 
ATOM   333  N N   . SER A 1 50  ? 10.777  6.035   -2.595  1.00 5.30  ? 93  SER E N   1 
ATOM   334  C CA  . SER A 1 50  ? 11.108  6.882   -1.466  1.00 7.02  ? 93  SER E CA  1 
ATOM   335  C C   . SER A 1 50  ? 11.029  6.054   -0.179  1.00 6.54  ? 93  SER E C   1 
ATOM   336  O O   . SER A 1 50  ? 9.914   5.850   0.313   1.00 6.82  ? 93  SER E O   1 
ATOM   337  C CB  . SER A 1 50  ? 10.217  8.120   -1.326  1.00 7.27  ? 93  SER E CB  1 
ATOM   338  O OG  . SER A 1 50  ? 10.867  9.089   -0.470  1.00 8.61  ? 93  SER E OG  1 
ATOM   339  N N   . PHE A 1 51  ? 12.150  5.649   0.336   1.00 7.35  ? 94  PHE E N   1 
ATOM   340  C CA  . PHE A 1 51  ? 12.169  4.902   1.643   1.00 6.67  ? 94  PHE E CA  1 
ATOM   341  C C   . PHE A 1 51  ? 13.599  4.959   2.176   1.00 4.15  ? 94  PHE E C   1 
ATOM   342  O O   . PHE A 1 51  ? 14.561  4.679   1.420   1.00 7.53  ? 94  PHE E O   1 
ATOM   343  C CB  . PHE A 1 51  ? 11.646  3.483   1.501   1.00 5.13  ? 94  PHE E CB  1 
ATOM   344  C CG  . PHE A 1 51  ? 11.790  2.650   2.801   1.00 7.62  ? 94  PHE E CG  1 
ATOM   345  C CD1 . PHE A 1 51  ? 10.767  2.653   3.717   1.00 8.76  ? 94  PHE E CD1 1 
ATOM   346  C CD2 . PHE A 1 51  ? 12.945  1.893   3.007   1.00 5.60  ? 94  PHE E CD2 1 
ATOM   347  C CE1 . PHE A 1 51  ? 10.886  1.930   4.906   1.00 7.65  ? 94  PHE E CE1 1 
ATOM   348  C CE2 . PHE A 1 51  ? 13.100  1.122   4.129   1.00 6.62  ? 94  PHE E CE2 1 
ATOM   349  C CZ  . PHE A 1 51  ? 12.047  1.161   5.112   1.00 7.87  ? 94  PHE E CZ  1 
ATOM   350  N N   . PRO A 1 52  A 13.819  5.159   3.466   1.00 5.97  ? 99  PRO E N   1 
ATOM   351  C CA  . PRO A 1 52  A 12.862  5.447   4.533   1.00 4.49  ? 99  PRO E CA  1 
ATOM   352  C C   . PRO A 1 52  A 12.454  6.870   4.597   1.00 6.88  ? 99  PRO E C   1 
ATOM   353  O O   . PRO A 1 52  A 12.437  7.558   3.561   1.00 7.67  ? 99  PRO E O   1 
ATOM   354  C CB  . PRO A 1 52  A 13.600  4.858   5.785   1.00 6.32  ? 99  PRO E CB  1 
ATOM   355  C CG  . PRO A 1 52  A 15.019  5.344   5.573   1.00 5.46  ? 99  PRO E CG  1 
ATOM   356  C CD  . PRO A 1 52  A 15.206  5.141   4.020   1.00 4.85  ? 99  PRO E CD  1 
ATOM   357  N N   . ASN A 1 53  ? 12.028  7.406   5.756   1.00 6.55  ? 100 ASN E N   1 
ATOM   358  C CA  . ASN A 1 53  ? 11.475  8.788   5.850   1.00 8.09  ? 100 ASN E CA  1 
ATOM   359  C C   . ASN A 1 53  ? 9.984   8.587   5.393   1.00 9.89  ? 100 ASN E C   1 
ATOM   360  O O   . ASN A 1 53  ? 9.086   8.611   6.238   1.00 9.43  ? 100 ASN E O   1 
ATOM   361  C CB  . ASN A 1 53  ? 12.190  9.885   5.121   1.00 11.13 ? 100 ASN E CB  1 
ATOM   362  C CG  . ASN A 1 53  ? 11.520  11.246  5.323   1.00 15.54 ? 100 ASN E CG  1 
ATOM   363  O OD1 . ASN A 1 53  ? 10.999  11.600  6.365   1.00 17.41 ? 100 ASN E OD1 1 
ATOM   364  N ND2 . ASN A 1 53  ? 11.514  12.141  4.313   1.00 9.89  ? 100 ASN E ND2 1 
ATOM   365  N N   . ASN A 1 54  ? 9.845   8.410   4.095   1.00 8.93  ? 101 ASN E N   1 
ATOM   366  C CA  . ASN A 1 54  ? 8.534   8.059   3.498   1.00 6.57  ? 101 ASN E CA  1 
ATOM   367  C C   . ASN A 1 54  ? 8.567   6.540   3.300   1.00 5.92  ? 101 ASN E C   1 
ATOM   368  O O   . ASN A 1 54  ? 9.562   5.794   3.503   1.00 7.77  ? 101 ASN E O   1 
ATOM   369  C CB  . ASN A 1 54  ? 8.329   8.679   2.122   1.00 9.72  ? 101 ASN E CB  1 
ATOM   370  C CG  . ASN A 1 54  ? 8.512   10.156  2.010   1.00 9.21  ? 101 ASN E CG  1 
ATOM   371  O OD1 . ASN A 1 54  ? 9.308   10.717  1.232   1.00 14.66 ? 101 ASN E OD1 1 
ATOM   372  N ND2 . ASN A 1 54  ? 7.790   10.833  2.882   1.00 11.97 ? 101 ASN E ND2 1 
ATOM   373  N N   . ASP A 1 55  ? 7.419   5.988   2.823   1.00 7.36  ? 102 ASP E N   1 
ATOM   374  C CA  . ASP A 1 55  ? 7.329   4.585   2.441   1.00 7.54  ? 102 ASP E CA  1 
ATOM   375  C C   . ASP A 1 55  ? 6.406   4.477   1.193   1.00 6.96  ? 102 ASP E C   1 
ATOM   376  O O   . ASP A 1 55  ? 5.344   3.858   1.351   1.00 8.59  ? 102 ASP E O   1 
ATOM   377  C CB  . ASP A 1 55  ? 6.971   3.576   3.543   1.00 6.51  ? 102 ASP E CB  1 
ATOM   378  C CG  . ASP A 1 55  ? 7.421   2.182   3.189   1.00 6.03  ? 102 ASP E CG  1 
ATOM   379  O OD1 . ASP A 1 55  ? 7.376   1.234   4.040   1.00 9.35  ? 102 ASP E OD1 1 
ATOM   380  O OD2 . ASP A 1 55  ? 7.853   1.888   2.057   1.00 8.06  ? 102 ASP E OD2 1 
ATOM   381  N N   . TYR A 1 56  ? 6.857   5.014   0.079   1.00 5.85  ? 103 TYR E N   1 
ATOM   382  C CA  . TYR A 1 56  ? 6.051   4.853   -1.186  1.00 9.53  ? 103 TYR E CA  1 
ATOM   383  C C   . TYR A 1 56  ? 6.944   4.712   -2.400  1.00 9.40  ? 103 TYR E C   1 
ATOM   384  O O   . TYR A 1 56  ? 8.112   5.109   -2.360  1.00 9.00  ? 103 TYR E O   1 
ATOM   385  C CB  . TYR A 1 56  ? 5.078   6.030   -1.365  1.00 7.98  ? 103 TYR E CB  1 
ATOM   386  C CG  . TYR A 1 56  ? 5.637   7.430   -1.370  1.00 8.45  ? 103 TYR E CG  1 
ATOM   387  C CD1 . TYR A 1 56  ? 5.300   8.352   -0.381  1.00 9.46  ? 103 TYR E CD1 1 
ATOM   388  C CD2 . TYR A 1 56  ? 6.505   7.842   -2.387  1.00 8.28  ? 103 TYR E CD2 1 
ATOM   389  C CE1 . TYR A 1 56  ? 5.790   9.655   -0.388  1.00 7.43  ? 103 TYR E CE1 1 
ATOM   390  C CE2 . TYR A 1 56  ? 7.019   9.144   -2.434  1.00 8.21  ? 103 TYR E CE2 1 
ATOM   391  C CZ  . TYR A 1 56  ? 6.654   10.022  -1.420  1.00 10.68 ? 103 TYR E CZ  1 
ATOM   392  O OH  . TYR A 1 56  ? 7.144   11.291  -1.476  1.00 10.35 ? 103 TYR E OH  1 
ATOM   393  N N   . GLY A 1 57  ? 6.404   4.138   -3.475  1.00 6.76  ? 104 GLY E N   1 
ATOM   394  C CA  . GLY A 1 57  ? 7.177   3.942   -4.733  1.00 6.06  ? 104 GLY E CA  1 
ATOM   395  C C   . GLY A 1 57  ? 6.100   3.790   -5.837  1.00 9.27  ? 104 GLY E C   1 
ATOM   396  O O   . GLY A 1 57  ? 4.913   3.587   -5.492  1.00 5.16  ? 104 GLY E O   1 
ATOM   397  N N   . ILE A 1 58  ? 6.521   3.918   -7.081  1.00 8.65  ? 105 ILE E N   1 
ATOM   398  C CA  . ILE A 1 58  ? 5.563   3.827   -8.214  1.00 5.54  ? 105 ILE E CA  1 
ATOM   399  C C   . ILE A 1 58  ? 6.233   3.041   -9.328  1.00 6.07  ? 105 ILE E C   1 
ATOM   400  O O   . ILE A 1 58  ? 7.465   3.083   -9.518  1.00 6.40  ? 105 ILE E O   1 
ATOM   401  C CB  . ILE A 1 58  ? 5.156   5.288   -8.628  1.00 6.76  ? 105 ILE E CB  1 
ATOM   402  C CG1 . ILE A 1 58  ? 4.054   5.297   -9.717  1.00 6.76  ? 105 ILE E CG1 1 
ATOM   403  C CG2 . ILE A 1 58  ? 6.377   6.136   -9.084  1.00 5.20  ? 105 ILE E CG2 1 
ATOM   404  C CD1 . ILE A 1 58  ? 3.441   6.759   -9.739  1.00 3.61  ? 105 ILE E CD1 1 
ATOM   405  N N   . ILE A 1 59  ? 5.444   2.286   -10.050 1.00 4.42  ? 106 ILE E N   1 
ATOM   406  C CA  . ILE A 1 59  ? 5.801   1.424   -11.140 1.00 6.81  ? 106 ILE E CA  1 
ATOM   407  C C   . ILE A 1 59  ? 4.887   1.726   -12.365 1.00 7.00  ? 106 ILE E C   1 
ATOM   408  O O   . ILE A 1 59  ? 3.677   1.807   -12.170 1.00 7.49  ? 106 ILE E O   1 
ATOM   409  C CB  . ILE A 1 59  ? 5.643   -0.082  -10.740 1.00 7.44  ? 106 ILE E CB  1 
ATOM   410  C CG1 . ILE A 1 59  ? 6.557   -0.334  -9.473  1.00 5.19  ? 106 ILE E CG1 1 
ATOM   411  C CG2 . ILE A 1 59  ? 5.915   -1.073  -11.877 1.00 6.03  ? 106 ILE E CG2 1 
ATOM   412  C CD1 . ILE A 1 59  ? 6.113   -1.631  -8.757  1.00 7.34  ? 106 ILE E CD1 1 
ATOM   413  N N   . ARG A 1 60  ? 5.571   1.884   -13.480 1.00 4.93  ? 107 ARG E N   1 
ATOM   414  C CA  . ARG A 1 60  ? 4.762   2.157   -14.716 1.00 4.13  ? 107 ARG E CA  1 
ATOM   415  C C   . ARG A 1 60  ? 4.383   0.784   -15.254 1.00 5.27  ? 107 ARG E C   1 
ATOM   416  O O   . ARG A 1 60  ? 5.206   -0.149  -15.428 1.00 5.76  ? 107 ARG E O   1 
ATOM   417  C CB  . ARG A 1 60  ? 5.602   2.954   -15.668 1.00 4.57  ? 107 ARG E CB  1 
ATOM   418  C CG  . ARG A 1 60  ? 4.773   3.176   -17.002 1.00 8.00  ? 107 ARG E CG  1 
ATOM   419  C CD  . ARG A 1 60  ? 5.580   4.013   -17.942 1.00 10.97 ? 107 ARG E CD  1 
ATOM   420  N NE  . ARG A 1 60  ? 4.764   4.159   -19.172 1.00 9.82  ? 107 ARG E NE  1 
ATOM   421  C CZ  . ARG A 1 60  ? 5.024   5.095   -20.106 1.00 16.38 ? 107 ARG E CZ  1 
ATOM   422  N NH1 . ARG A 1 60  ? 5.934   6.030   -20.040 1.00 14.47 ? 107 ARG E NH1 1 
ATOM   423  N NH2 . ARG A 1 60  ? 4.267   5.052   -21.219 1.00 15.81 ? 107 ARG E NH2 1 
ATOM   424  N N   . HIS A 1 61  ? 3.088   0.569   -15.550 1.00 6.21  ? 108 HIS E N   1 
ATOM   425  C CA  . HIS A 1 61  ? 2.629   -0.695  -16.143 1.00 5.64  ? 108 HIS E CA  1 
ATOM   426  C C   . HIS A 1 61  ? 3.141   -0.959  -17.557 1.00 8.68  ? 108 HIS E C   1 
ATOM   427  O O   . HIS A 1 61  ? 3.035   -0.073  -18.388 1.00 8.80  ? 108 HIS E O   1 
ATOM   428  C CB  . HIS A 1 61  ? 1.098   -0.694  -16.280 1.00 3.87  ? 108 HIS E CB  1 
ATOM   429  C CG  . HIS A 1 61  ? 0.335   -0.956  -15.016 1.00 7.88  ? 108 HIS E CG  1 
ATOM   430  N ND1 . HIS A 1 61  ? 0.054   -2.231  -14.614 1.00 7.44  ? 108 HIS E ND1 1 
ATOM   431  C CD2 . HIS A 1 61  ? -0.222  -0.098  -14.101 1.00 6.07  ? 108 HIS E CD2 1 
ATOM   432  C CE1 . HIS A 1 61  ? -0.612  -2.170  -13.434 1.00 8.19  ? 108 HIS E CE1 1 
ATOM   433  N NE2 . HIS A 1 61  ? -0.794  -0.902  -13.149 1.00 7.61  ? 108 HIS E NE2 1 
ATOM   434  N N   . SER A 1 62  ? 3.620   -2.158  -17.815 1.00 6.97  ? 109 SER E N   1 
ATOM   435  C CA  . SER A 1 62  ? 4.010   -2.661  -19.121 1.00 12.58 ? 109 SER E CA  1 
ATOM   436  C C   . SER A 1 62  ? 2.743   -2.857  -19.994 1.00 10.72 ? 109 SER E C   1 
ATOM   437  O O   . SER A 1 62  ? 2.789   -2.693  -21.206 1.00 11.06 ? 109 SER E O   1 
ATOM   438  C CB  . SER A 1 62  ? 4.651   -4.062  -19.071 1.00 13.76 ? 109 SER E CB  1 
ATOM   439  O OG  . SER A 1 62  ? 5.992   -3.873  -18.607 1.00 23.98 ? 109 SER E OG  1 
ATOM   440  N N   . ASN A 1 63  ? 1.662   -3.172  -19.266 1.00 10.11 ? 110 ASN E N   1 
ATOM   441  C CA  . ASN A 1 63  ? 0.342   -3.423  -19.917 1.00 9.63  ? 110 ASN E CA  1 
ATOM   442  C C   . ASN A 1 63  ? -0.724  -2.502  -19.281 1.00 5.92  ? 110 ASN E C   1 
ATOM   443  O O   . ASN A 1 63  ? -1.238  -2.889  -18.212 1.00 10.58 ? 110 ASN E O   1 
ATOM   444  C CB  . ASN A 1 63  ? -0.038  -4.873  -19.720 1.00 10.96 ? 110 ASN E CB  1 
ATOM   445  C CG  . ASN A 1 63  ? -1.442  -5.176  -20.252 1.00 11.25 ? 110 ASN E CG  1 
ATOM   446  O OD1 . ASN A 1 63  ? -1.916  -4.449  -21.121 1.00 11.75 ? 110 ASN E OD1 1 
ATOM   447  N ND2 . ASN A 1 63  ? -1.990  -6.270  -19.778 1.00 13.64 ? 110 ASN E ND2 1 
ATOM   448  N N   . PRO A 1 64  ? -1.006  -1.410  -19.908 1.00 9.50  ? 111 PRO E N   1 
ATOM   449  C CA  . PRO A 1 64  ? -1.966  -0.436  -19.419 1.00 11.29 ? 111 PRO E CA  1 
ATOM   450  C C   . PRO A 1 64  ? -3.360  -1.059  -19.230 1.00 9.78  ? 111 PRO E C   1 
ATOM   451  O O   . PRO A 1 64  ? -4.084  -0.539  -18.395 1.00 9.97  ? 111 PRO E O   1 
ATOM   452  C CB  . PRO A 1 64  ? -1.918  0.716   -20.385 1.00 12.43 ? 111 PRO E CB  1 
ATOM   453  C CG  . PRO A 1 64  ? -0.950  0.366   -21.435 1.00 16.49 ? 111 PRO E CG  1 
ATOM   454  C CD  . PRO A 1 64  ? -0.328  -0.979  -21.176 1.00 13.04 ? 111 PRO E CD  1 
ATOM   455  N N   . ALA A 1 65  ? -3.661  -2.125  -19.915 1.00 8.40  ? 112 ALA E N   1 
ATOM   456  C CA  . ALA A 1 65  ? -5.001  -2.748  -19.736 1.00 9.96  ? 112 ALA E CA  1 
ATOM   457  C C   . ALA A 1 65  ? -5.111  -3.393  -18.372 1.00 9.70  ? 112 ALA E C   1 
ATOM   458  O O   . ALA A 1 65  ? -6.241  -3.723  -17.952 1.00 11.56 ? 112 ALA E O   1 
ATOM   459  C CB  . ALA A 1 65  ? -5.185  -3.817  -20.819 1.00 12.76 ? 112 ALA E CB  1 
ATOM   460  N N   . ALA A 1 66  ? -3.962  -3.609  -17.721 1.00 9.67  ? 113 ALA E N   1 
ATOM   461  C CA  . ALA A 1 66  ? -3.977  -4.259  -16.410 1.00 9.10  ? 113 ALA E CA  1 
ATOM   462  C C   . ALA A 1 66  ? -4.237  -3.307  -15.275 1.00 9.35  ? 113 ALA E C   1 
ATOM   463  O O   . ALA A 1 66  ? -4.330  -3.792  -14.099 1.00 10.28 ? 113 ALA E O   1 
ATOM   464  C CB  . ALA A 1 66  ? -2.647  -5.015  -16.200 1.00 9.79  ? 113 ALA E CB  1 
ATOM   465  N N   . ALA A 1 67  ? -4.311  -2.024  -15.508 1.00 9.23  ? 114 ALA E N   1 
ATOM   466  C CA  . ALA A 1 67  ? -4.500  -1.018  -14.448 1.00 9.77  ? 114 ALA E CA  1 
ATOM   467  C C   . ALA A 1 67  ? -5.980  -0.957  -14.026 1.00 9.10  ? 114 ALA E C   1 
ATOM   468  O O   . ALA A 1 67  ? -6.716  -0.049  -14.396 1.00 11.01 ? 114 ALA E O   1 
ATOM   469  C CB  . ALA A 1 67  ? -3.940  0.311   -14.993 1.00 9.20  ? 114 ALA E CB  1 
ATOM   470  N N   . ASP A 1 68  ? -6.327  -1.891  -13.205 1.00 7.91  ? 115 ASP E N   1 
ATOM   471  C CA  . ASP A 1 68  ? -7.703  -2.076  -12.650 1.00 5.08  ? 115 ASP E CA  1 
ATOM   472  C C   . ASP A 1 68  ? -7.935  -1.133  -11.480 1.00 6.43  ? 115 ASP E C   1 
ATOM   473  O O   . ASP A 1 68  ? -7.260  -1.387  -10.436 1.00 9.44  ? 115 ASP E O   1 
ATOM   474  C CB  . ASP A 1 68  ? -7.793  -3.556  -12.252 1.00 6.81  ? 115 ASP E CB  1 
ATOM   475  C CG  . ASP A 1 68  ? -9.218  -3.947  -11.880 1.00 12.66 ? 115 ASP E CG  1 
ATOM   476  O OD1 . ASP A 1 68  ? -10.076 -3.049  -11.828 1.00 9.56  ? 115 ASP E OD1 1 
ATOM   477  O OD2 . ASP A 1 68  ? -9.490  -5.118  -11.624 1.00 11.97 ? 115 ASP E OD2 1 
ATOM   478  N N   . GLY A 1 69  ? -8.765  -0.158  -11.569 1.00 5.96  ? 116 GLY E N   1 
ATOM   479  C CA  . GLY A 1 69  ? -9.060  0.842   -10.515 1.00 9.59  ? 116 GLY E CA  1 
ATOM   480  C C   . GLY A 1 69  ? -9.951  0.388   -9.386  1.00 7.64  ? 116 GLY E C   1 
ATOM   481  O O   . GLY A 1 69  ? -10.934 1.084   -8.982  1.00 11.43 ? 116 GLY E O   1 
ATOM   482  N N   . ARG A 1 70  ? -9.690  -0.748  -8.822  1.00 8.02  ? 117 ARG E N   1 
ATOM   483  C CA  . ARG A 1 70  ? -10.390 -1.413  -7.737  1.00 8.83  ? 117 ARG E CA  1 
ATOM   484  C C   . ARG A 1 70  ? -9.394  -2.097  -6.800  1.00 9.54  ? 117 ARG E C   1 
ATOM   485  O O   . ARG A 1 70  ? -8.176  -2.156  -7.034  1.00 9.12  ? 117 ARG E O   1 
ATOM   486  C CB  . ARG A 1 70  ? -11.290 -2.539  -8.336  1.00 11.00 ? 117 ARG E CB  1 
ATOM   487  C CG  . ARG A 1 70  ? -12.191 -1.968  -9.486  1.00 6.27  ? 117 ARG E CG  1 
ATOM   488  C CD  . ARG A 1 70  ? -13.165 -3.041  -10.005 1.00 6.94  ? 117 ARG E CD  1 
ATOM   489  N NE  . ARG A 1 70  ? -12.425 -4.122  -10.668 1.00 8.78  ? 117 ARG E NE  1 
ATOM   490  C CZ  . ARG A 1 70  ? -12.849 -5.313  -11.056 1.00 12.45 ? 117 ARG E CZ  1 
ATOM   491  N NH1 . ARG A 1 70  ? -14.128 -5.693  -10.776 1.00 13.03 ? 117 ARG E NH1 1 
ATOM   492  N NH2 . ARG A 1 70  ? -12.106 -6.173  -11.781 1.00 8.37  ? 117 ARG E NH2 1 
ATOM   493  N N   . VAL A 1 71  ? -9.913  -2.619  -5.720  1.00 8.91  ? 118 VAL E N   1 
ATOM   494  C CA  . VAL A 1 71  ? -9.202  -3.362  -4.687  1.00 11.35 ? 118 VAL E CA  1 
ATOM   495  C C   . VAL A 1 71  ? -9.835  -4.781  -4.679  1.00 9.57  ? 118 VAL E C   1 
ATOM   496  O O   . VAL A 1 71  ? -11.070 -4.887  -4.599  1.00 11.49 ? 118 VAL E O   1 
ATOM   497  C CB  . VAL A 1 71  ? -9.247  -2.684  -3.319  1.00 8.65  ? 118 VAL E CB  1 
ATOM   498  C CG1 . VAL A 1 71  ? -8.539  -3.520  -2.224  1.00 12.44 ? 118 VAL E CG1 1 
ATOM   499  C CG2 . VAL A 1 71  ? -8.633  -1.280  -3.318  1.00 9.96  ? 118 VAL E CG2 1 
ATOM   500  N N   . TYR A 1 72  ? -8.971  -5.786  -4.685  1.00 9.20  ? 119 TYR E N   1 
ATOM   501  C CA  . TYR A 1 72  ? -9.456  -7.193  -4.666  1.00 12.65 ? 119 TYR E CA  1 
ATOM   502  C C   . TYR A 1 72  ? -9.832  -7.566  -3.230  1.00 13.37 ? 119 TYR E C   1 
ATOM   503  O O   . TYR A 1 72  ? -9.007  -7.307  -2.344  1.00 11.84 ? 119 TYR E O   1 
ATOM   504  C CB  . TYR A 1 72  ? -8.411  -8.115  -5.317  1.00 11.73 ? 119 TYR E CB  1 
ATOM   505  C CG  . TYR A 1 72  ? -8.937  -9.548  -5.343  1.00 14.54 ? 119 TYR E CG  1 
ATOM   506  C CD1 . TYR A 1 72  ? -10.212 -9.786  -5.925  1.00 15.60 ? 119 TYR E CD1 1 
ATOM   507  C CD2 . TYR A 1 72  ? -8.224  -10.602 -4.790  1.00 12.99 ? 119 TYR E CD2 1 
ATOM   508  C CE1 . TYR A 1 72  ? -10.724 -11.083 -5.909  1.00 19.13 ? 119 TYR E CE1 1 
ATOM   509  C CE2 . TYR A 1 72  ? -8.744  -11.904 -4.789  1.00 19.40 ? 119 TYR E CE2 1 
ATOM   510  C CZ  . TYR A 1 72  ? -9.984  -12.139 -5.359  1.00 15.97 ? 119 TYR E CZ  1 
ATOM   511  O OH  . TYR A 1 72  ? -10.474 -13.418 -5.382  1.00 24.78 ? 119 TYR E OH  1 
ATOM   512  N N   . LEU A 1 73  ? -11.044 -8.152  -3.018  1.00 13.67 ? 120 LEU E N   1 
ATOM   513  C CA  . LEU A 1 73  ? -11.447 -8.473  -1.644  1.00 15.08 ? 120 LEU E CA  1 
ATOM   514  C C   . LEU A 1 73  ? -11.165 -9.925  -1.227  1.00 15.30 ? 120 LEU E C   1 
ATOM   515  O O   . LEU A 1 73  ? -11.537 -10.277 -0.088  1.00 17.75 ? 120 LEU E O   1 
ATOM   516  C CB  . LEU A 1 73  ? -12.914 -8.028  -1.434  1.00 15.01 ? 120 LEU E CB  1 
ATOM   517  C CG  . LEU A 1 73  ? -13.181 -6.572  -1.801  1.00 11.85 ? 120 LEU E CG  1 
ATOM   518  C CD1 . LEU A 1 73  ? -14.682 -6.311  -1.766  1.00 11.01 ? 120 LEU E CD1 1 
ATOM   519  C CD2 . LEU A 1 73  ? -12.460 -5.618  -0.856  1.00 11.52 ? 120 LEU E CD2 1 
ATOM   520  N N   . TYR A 1 74  A -10.550 -10.686 -2.076  1.00 12.34 ? 120 TYR E N   1 
ATOM   521  C CA  . TYR A 1 74  A -10.138 -12.050 -1.768  1.00 14.46 ? 120 TYR E CA  1 
ATOM   522  C C   . TYR A 1 74  A -11.343 -12.946 -1.484  1.00 19.58 ? 120 TYR E C   1 
ATOM   523  O O   . TYR A 1 74  A -11.205 -13.891 -0.689  1.00 20.63 ? 120 TYR E O   1 
ATOM   524  C CB  . TYR A 1 74  A -9.103  -12.000 -0.627  1.00 16.11 ? 120 TYR E CB  1 
ATOM   525  C CG  . TYR A 1 74  A -7.741  -11.588 -1.180  1.00 18.85 ? 120 TYR E CG  1 
ATOM   526  C CD1 . TYR A 1 74  A -6.948  -12.543 -1.812  1.00 19.55 ? 120 TYR E CD1 1 
ATOM   527  C CD2 . TYR A 1 74  A -7.285  -10.272 -1.083  1.00 18.26 ? 120 TYR E CD2 1 
ATOM   528  C CE1 . TYR A 1 74  A -5.687  -12.210 -2.332  1.00 18.39 ? 120 TYR E CE1 1 
ATOM   529  C CE2 . TYR A 1 74  A -6.039  -9.935  -1.609  1.00 9.94  ? 120 TYR E CE2 1 
ATOM   530  C CZ  . TYR A 1 74  A -5.269  -10.880 -2.217  1.00 13.50 ? 120 TYR E CZ  1 
ATOM   531  O OH  . TYR A 1 74  A -4.047  -10.545 -2.733  1.00 16.27 ? 120 TYR E OH  1 
ATOM   532  N N   . ASN A 1 75  B -12.439 -12.623 -2.152  1.00 23.04 ? 120 ASN E N   1 
ATOM   533  C CA  . ASN A 1 75  B -13.678 -13.475 -1.985  1.00 25.28 ? 120 ASN E CA  1 
ATOM   534  C C   . ASN A 1 75  B -14.377 -13.495 -3.348  1.00 25.36 ? 120 ASN E C   1 
ATOM   535  O O   . ASN A 1 75  B -15.604 -13.642 -3.425  1.00 27.43 ? 120 ASN E O   1 
ATOM   536  C CB  . ASN A 1 75  B -14.561 -12.991 -0.869  1.00 25.29 ? 120 ASN E CB  1 
ATOM   537  C CG  . ASN A 1 75  B -15.082 -11.575 -1.182  1.00 29.75 ? 120 ASN E CG  1 
ATOM   538  O OD1 . ASN A 1 75  B -14.857 -11.021 -2.286  1.00 21.84 ? 120 ASN E OD1 1 
ATOM   539  N ND2 . ASN A 1 75  B -15.798 -11.041 -0.188  1.00 33.98 ? 120 ASN E ND2 1 
ATOM   540  N N   . GLY A 1 76  C -13.620 -13.284 -4.383  1.00 21.16 ? 120 GLY E N   1 
ATOM   541  C CA  . GLY A 1 76  C -14.034 -13.232 -5.764  1.00 21.49 ? 120 GLY E CA  1 
ATOM   542  C C   . GLY A 1 76  C -14.678 -11.930 -6.207  1.00 22.29 ? 120 GLY E C   1 
ATOM   543  O O   . GLY A 1 76  C -15.189 -11.857 -7.334  1.00 23.57 ? 120 GLY E O   1 
ATOM   544  N N   . SER A 1 77  D -14.679 -10.913 -5.358  1.00 21.70 ? 120 SER E N   1 
ATOM   545  C CA  . SER A 1 77  D -15.260 -9.624  -5.577  1.00 18.56 ? 120 SER E CA  1 
ATOM   546  C C   . SER A 1 77  D -14.203 -8.530  -5.384  1.00 17.97 ? 120 SER E C   1 
ATOM   547  O O   . SER A 1 77  D -13.123 -8.839  -4.865  1.00 17.00 ? 120 SER E O   1 
ATOM   548  C CB  . SER A 1 77  D -16.381 -9.332  -4.559  1.00 26.86 ? 120 SER E CB  1 
ATOM   549  O OG  . SER A 1 77  D -17.602 -9.656  -5.211  1.00 42.44 ? 120 SER E OG  1 
ATOM   550  N N   . TYR A 1 78  ? -14.579 -7.354  -5.845  1.00 17.76 ? 121 TYR E N   1 
ATOM   551  C CA  . TYR A 1 78  ? -13.666 -6.197  -5.775  1.00 13.79 ? 121 TYR E CA  1 
ATOM   552  C C   . TYR A 1 78  ? -14.386 -4.982  -5.273  1.00 16.09 ? 121 TYR E C   1 
ATOM   553  O O   . TYR A 1 78  ? -15.619 -4.838  -5.463  1.00 17.59 ? 121 TYR E O   1 
ATOM   554  C CB  . TYR A 1 78  ? -13.194 -5.852  -7.239  1.00 11.35 ? 121 TYR E CB  1 
ATOM   555  C CG  . TYR A 1 78  ? -12.407 -6.926  -7.952  1.00 14.73 ? 121 TYR E CG  1 
ATOM   556  C CD1 . TYR A 1 78  ? -13.013 -8.081  -8.486  1.00 12.88 ? 121 TYR E CD1 1 
ATOM   557  C CD2 . TYR A 1 78  ? -11.024 -6.755  -8.144  1.00 14.18 ? 121 TYR E CD2 1 
ATOM   558  C CE1 . TYR A 1 78  ? -12.229 -9.037  -9.128  1.00 10.21 ? 121 TYR E CE1 1 
ATOM   559  C CE2 . TYR A 1 78  ? -10.252 -7.704  -8.799  1.00 13.84 ? 121 TYR E CE2 1 
ATOM   560  C CZ  . TYR A 1 78  ? -10.871 -8.841  -9.285  1.00 13.26 ? 121 TYR E CZ  1 
ATOM   561  O OH  . TYR A 1 78  ? -10.093 -9.770  -9.907  1.00 13.80 ? 121 TYR E OH  1 
ATOM   562  N N   . GLN A 1 79  ? -13.630 -4.077  -4.665  1.00 10.47 ? 122 GLN E N   1 
ATOM   563  C CA  . GLN A 1 79  ? -14.221 -2.799  -4.203  1.00 9.66  ? 122 GLN E CA  1 
ATOM   564  C C   . GLN A 1 79  ? -13.793 -1.762  -5.252  1.00 11.04 ? 122 GLN E C   1 
ATOM   565  O O   . GLN A 1 79  ? -12.551 -1.685  -5.494  1.00 11.66 ? 122 GLN E O   1 
ATOM   566  C CB  . GLN A 1 79  ? -13.734 -2.376  -2.836  1.00 12.25 ? 122 GLN E CB  1 
ATOM   567  C CG  . GLN A 1 79  ? -13.929 -0.910  -2.470  1.00 12.76 ? 122 GLN E CG  1 
ATOM   568  C CD  . GLN A 1 79  ? -15.413 -0.616  -2.296  1.00 21.07 ? 122 GLN E CD  1 
ATOM   569  O OE1 . GLN A 1 79  ? -16.040 0.319   -2.844  1.00 18.97 ? 122 GLN E OE1 1 
ATOM   570  N NE2 . GLN A 1 79  ? -15.931 -1.477  -1.418  1.00 13.99 ? 122 GLN E NE2 1 
ATOM   571  N N   . ASP A 1 80  ? -14.722 -0.997  -5.794  1.00 10.97 ? 123 ASP E N   1 
ATOM   572  C CA  . ASP A 1 80  ? -14.348 0.055   -6.769  1.00 11.72 ? 123 ASP E CA  1 
ATOM   573  C C   . ASP A 1 80  ? -13.754 1.248   -5.983  1.00 9.98  ? 123 ASP E C   1 
ATOM   574  O O   . ASP A 1 80  ? -14.349 1.605   -4.966  1.00 12.38 ? 123 ASP E O   1 
ATOM   575  C CB  . ASP A 1 80  ? -15.541 0.441   -7.619  1.00 13.65 ? 123 ASP E CB  1 
ATOM   576  C CG  . ASP A 1 80  ? -15.120 1.171   -8.899  1.00 14.28 ? 123 ASP E CG  1 
ATOM   577  O OD1 . ASP A 1 80  ? -13.969 1.280   -9.295  1.00 10.81 ? 123 ASP E OD1 1 
ATOM   578  O OD2 . ASP A 1 80  ? -16.067 1.722   -9.500  1.00 15.78 ? 123 ASP E OD2 1 
ATOM   579  N N   . ILE A 1 81  ? -12.673 1.807   -6.523  1.00 7.70  ? 124 ILE E N   1 
ATOM   580  C CA  . ILE A 1 81  ? -12.051 2.969   -5.889  1.00 9.06  ? 124 ILE E CA  1 
ATOM   581  C C   . ILE A 1 81  ? -12.390 4.173   -6.774  1.00 8.40  ? 124 ILE E C   1 
ATOM   582  O O   . ILE A 1 81  ? -12.243 4.057   -8.003  1.00 10.07 ? 124 ILE E O   1 
ATOM   583  C CB  . ILE A 1 81  ? -10.519 2.798   -5.723  1.00 8.64  ? 124 ILE E CB  1 
ATOM   584  C CG1 . ILE A 1 81  ? -10.188 1.661   -4.722  1.00 12.09 ? 124 ILE E CG1 1 
ATOM   585  C CG2 . ILE A 1 81  ? -9.806  4.149   -5.358  1.00 6.82  ? 124 ILE E CG2 1 
ATOM   586  C CD1 . ILE A 1 81  ? -10.789 1.807   -3.299  1.00 9.94  ? 124 ILE E CD1 1 
ATOM   587  N N   . THR A 1 82  ? -12.782 5.243   -6.140  1.00 10.59 ? 125 THR E N   1 
ATOM   588  C CA  . THR A 1 82  ? -13.087 6.461   -6.981  1.00 12.10 ? 125 THR E CA  1 
ATOM   589  C C   . THR A 1 82  ? -12.309 7.645   -6.512  1.00 14.94 ? 125 THR E C   1 
ATOM   590  O O   . THR A 1 82  ? -11.993 8.541   -7.319  1.00 14.84 ? 125 THR E O   1 
ATOM   591  C CB  . THR A 1 82  ? -14.670 6.594   -7.043  1.00 17.08 ? 125 THR E CB  1 
ATOM   592  O OG1 . THR A 1 82  ? -15.026 7.211   -5.786  1.00 19.66 ? 125 THR E OG1 1 
ATOM   593  C CG2 . THR A 1 82  ? -15.430 5.311   -7.266  1.00 16.15 ? 125 THR E CG2 1 
ATOM   594  N N   . THR A 1 83  ? -11.928 7.693   -5.209  1.00 13.22 ? 126 THR E N   1 
ATOM   595  C CA  . THR A 1 83  ? -11.174 8.869   -4.735  1.00 11.26 ? 126 THR E CA  1 
ATOM   596  C C   . THR A 1 83  ? -10.086 8.535   -3.716  1.00 11.12 ? 126 THR E C   1 
ATOM   597  O O   . THR A 1 83  ? -10.010 7.391   -3.300  1.00 10.41 ? 126 THR E O   1 
ATOM   598  C CB  . THR A 1 83  ? -12.262 9.892   -4.158  1.00 14.46 ? 126 THR E CB  1 
ATOM   599  O OG1 . THR A 1 83  ? -11.513 11.132  -4.083  1.00 29.30 ? 126 THR E OG1 1 
ATOM   600  C CG2 . THR A 1 83  ? -12.852 9.488   -2.839  1.00 14.30 ? 126 THR E CG2 1 
ATOM   601  N N   . ALA A 1 84  ? -9.329  9.557   -3.345  1.00 9.13  ? 127 ALA E N   1 
ATOM   602  C CA  . ALA A 1 84  ? -8.277  9.354   -2.277  1.00 12.75 ? 127 ALA E CA  1 
ATOM   603  C C   . ALA A 1 84  ? -8.674  10.233  -1.109  1.00 12.05 ? 127 ALA E C   1 
ATOM   604  O O   . ALA A 1 84  ? -9.251  11.311  -1.446  1.00 17.43 ? 127 ALA E O   1 
ATOM   605  C CB  . ALA A 1 84  ? -6.850  9.632   -2.754  1.00 8.98  ? 127 ALA E CB  1 
ATOM   606  N N   . GLY A 1 85  ? -8.422  9.884   0.148   1.00 11.09 ? 128 GLY E N   1 
ATOM   607  C CA  . GLY A 1 85  ? -8.783  10.797  1.244   1.00 12.15 ? 128 GLY E CA  1 
ATOM   608  C C   . GLY A 1 85  ? -7.776  10.679  2.369   1.00 11.51 ? 128 GLY E C   1 
ATOM   609  O O   . GLY A 1 85  ? -6.784  9.948   2.210   1.00 13.09 ? 128 GLY E O   1 
ATOM   610  N N   . ASN A 1 86  ? -8.068  11.393  3.448   1.00 11.69 ? 129 ASN E N   1 
ATOM   611  C CA  . ASN A 1 86  ? -7.192  11.363  4.631   1.00 12.44 ? 129 ASN E CA  1 
ATOM   612  C C   . ASN A 1 86  ? -7.919  10.579  5.729   1.00 12.51 ? 129 ASN E C   1 
ATOM   613  O O   . ASN A 1 86  ? -9.114  10.779  5.872   1.00 16.39 ? 129 ASN E O   1 
ATOM   614  C CB  . ASN A 1 86  ? -6.852  12.773  5.104   1.00 18.23 ? 129 ASN E CB  1 
ATOM   615  C CG  . ASN A 1 86  ? -5.941  13.497  4.088   1.00 21.73 ? 129 ASN E CG  1 
ATOM   616  O OD1 . ASN A 1 86  ? -4.827  12.990  3.854   1.00 25.38 ? 129 ASN E OD1 1 
ATOM   617  N ND2 . ASN A 1 86  ? -6.516  14.557  3.547   1.00 31.04 ? 129 ASN E ND2 1 
ATOM   618  N N   . ALA A 1 87  ? -7.159  9.762   6.427   1.00 12.85 ? 130 ALA E N   1 
ATOM   619  C CA  . ALA A 1 87  ? -7.743  8.963   7.511   1.00 13.84 ? 130 ALA E CA  1 
ATOM   620  C C   . ALA A 1 87  ? -8.017  9.824   8.737   1.00 13.58 ? 130 ALA E C   1 
ATOM   621  O O   . ALA A 1 87  ? -7.413  10.895  8.941   1.00 12.60 ? 130 ALA E O   1 
ATOM   622  C CB  . ALA A 1 87  ? -6.779  7.796   7.754   1.00 14.29 ? 130 ALA E CB  1 
ATOM   623  N N   . PHE A 1 88  ? -8.935  9.299   9.578   1.00 11.13 ? 131 PHE E N   1 
ATOM   624  C CA  . PHE A 1 88  ? -9.288  9.988   10.824  1.00 9.57  ? 131 PHE E CA  1 
ATOM   625  C C   . PHE A 1 88  ? -9.371  8.892   11.917  1.00 8.11  ? 131 PHE E C   1 
ATOM   626  O O   . PHE A 1 88  ? -9.679  7.769   11.638  1.00 11.32 ? 131 PHE E O   1 
ATOM   627  C CB  . PHE A 1 88  ? -10.552 10.841  10.735  1.00 9.68  ? 131 PHE E CB  1 
ATOM   628  C CG  . PHE A 1 88  ? -11.791 10.128  10.333  1.00 10.05 ? 131 PHE E CG  1 
ATOM   629  C CD1 . PHE A 1 88  ? -12.175 10.082  8.978   1.00 12.33 ? 131 PHE E CD1 1 
ATOM   630  C CD2 . PHE A 1 88  ? -12.612 9.497   11.313  1.00 12.35 ? 131 PHE E CD2 1 
ATOM   631  C CE1 . PHE A 1 88  ? -13.344 9.432   8.598   1.00 10.95 ? 131 PHE E CE1 1 
ATOM   632  C CE2 . PHE A 1 88  ? -13.779 8.831   10.901  1.00 12.23 ? 131 PHE E CE2 1 
ATOM   633  C CZ  . PHE A 1 88  ? -14.159 8.848   9.554   1.00 12.59 ? 131 PHE E CZ  1 
ATOM   634  N N   . VAL A 1 89  ? -8.996  9.357   13.112  1.00 13.03 ? 132 VAL E N   1 
ATOM   635  C CA  . VAL A 1 89  ? -8.974  8.411   14.292  1.00 10.99 ? 132 VAL E CA  1 
ATOM   636  C C   . VAL A 1 89  ? -10.399 7.900   14.525  1.00 9.70  ? 132 VAL E C   1 
ATOM   637  O O   . VAL A 1 89  ? -11.339 8.735   14.557  1.00 11.35 ? 132 VAL E O   1 
ATOM   638  C CB  . VAL A 1 89  ? -8.393  9.159   15.480  1.00 12.29 ? 132 VAL E CB  1 
ATOM   639  C CG1 . VAL A 1 89  ? -8.565  8.296   16.755  1.00 20.02 ? 132 VAL E CG1 1 
ATOM   640  C CG2 . VAL A 1 89  ? -6.914  9.543   15.353  1.00 13.07 ? 132 VAL E CG2 1 
ATOM   641  N N   . GLY A 1 90  ? -10.520 6.599   14.623  1.00 11.88 ? 133 GLY E N   1 
ATOM   642  C CA  . GLY A 1 90  ? -11.821 5.942   14.818  1.00 13.43 ? 133 GLY E CA  1 
ATOM   643  C C   . GLY A 1 90  ? -12.446 5.456   13.516  1.00 12.24 ? 133 GLY E C   1 
ATOM   644  O O   . GLY A 1 90  ? -13.524 4.774   13.539  1.00 12.66 ? 133 GLY E O   1 
ATOM   645  N N   . GLN A 1 91  ? -11.853 5.784   12.371  1.00 8.64  ? 134 GLN E N   1 
ATOM   646  C CA  . GLN A 1 91  ? -12.452 5.314   11.103  1.00 7.47  ? 134 GLN E CA  1 
ATOM   647  C C   . GLN A 1 91  ? -12.326 3.840   10.910  1.00 9.80  ? 134 GLN E C   1 
ATOM   648  O O   . GLN A 1 91  ? -11.323 3.174   11.144  1.00 10.86 ? 134 GLN E O   1 
ATOM   649  C CB  . GLN A 1 91  ? -11.710 6.046   9.986   1.00 9.58  ? 134 GLN E CB  1 
ATOM   650  C CG  . GLN A 1 91  ? -12.216 5.783   8.581   1.00 6.75  ? 134 GLN E CG  1 
ATOM   651  C CD  . GLN A 1 91  ? -11.504 6.690   7.615   1.00 10.10 ? 134 GLN E CD  1 
ATOM   652  O OE1 . GLN A 1 91  ? -10.361 7.115   7.897   1.00 13.14 ? 134 GLN E OE1 1 
ATOM   653  N NE2 . GLN A 1 91  ? -12.111 7.046   6.477   1.00 11.86 ? 134 GLN E NE2 1 
ATOM   654  N N   . ALA A 1 92  ? -13.426 3.240   10.442  1.00 9.01  ? 135 ALA E N   1 
ATOM   655  C CA  . ALA A 1 92  ? -13.565 1.822   10.089  1.00 11.09 ? 135 ALA E CA  1 
ATOM   656  C C   . ALA A 1 92  ? -12.803 1.657   8.760   1.00 12.37 ? 135 ALA E C   1 
ATOM   657  O O   . ALA A 1 92  ? -13.160 2.403   7.813   1.00 8.34  ? 135 ALA E O   1 
ATOM   658  C CB  . ALA A 1 92  ? -15.059 1.531   9.976   1.00 7.65  ? 135 ALA E CB  1 
ATOM   659  N N   . VAL A 1 93  ? -11.803 0.803   8.723   1.00 11.09 ? 136 VAL E N   1 
ATOM   660  C CA  . VAL A 1 93  ? -11.035 0.630   7.475   1.00 8.40  ? 136 VAL E CA  1 
ATOM   661  C C   . VAL A 1 93  ? -10.852 -0.843  7.161   1.00 10.70 ? 136 VAL E C   1 
ATOM   662  O O   . VAL A 1 93  ? -11.052 -1.731  8.002   1.00 9.80  ? 136 VAL E O   1 
ATOM   663  C CB  . VAL A 1 93  ? -9.654  1.358   7.603   1.00 10.29 ? 136 VAL E CB  1 
ATOM   664  C CG1 . VAL A 1 93  ? -9.815  2.868   7.712   1.00 9.45  ? 136 VAL E CG1 1 
ATOM   665  C CG2 . VAL A 1 93  ? -8.832  0.803   8.749   1.00 7.43  ? 136 VAL E CG2 1 
ATOM   666  N N   . GLN A 1 94  ? -10.421 -1.122  5.956   1.00 6.94  ? 137 GLN E N   1 
ATOM   667  C CA  . GLN A 1 94  ? -10.115 -2.460  5.461   1.00 10.80 ? 137 GLN E CA  1 
ATOM   668  C C   . GLN A 1 94  ? -8.712  -2.391  4.812   1.00 12.98 ? 137 GLN E C   1 
ATOM   669  O O   . GLN A 1 94  ? -8.345  -1.285  4.341   1.00 11.28 ? 137 GLN E O   1 
ATOM   670  C CB  . GLN A 1 94  ? -11.117 -2.983  4.460   1.00 13.27 ? 137 GLN E CB  1 
ATOM   671  C CG  . GLN A 1 94  ? -12.435 -3.314  5.135   1.00 13.51 ? 137 GLN E CG  1 
ATOM   672  C CD  . GLN A 1 94  ? -13.449 -3.741  4.101   1.00 20.30 ? 137 GLN E CD  1 
ATOM   673  O OE1 . GLN A 1 94  ? -13.785 -3.020  3.148   1.00 20.43 ? 137 GLN E OE1 1 
ATOM   674  N NE2 . GLN A 1 94  ? -13.958 -4.946  4.291   1.00 20.26 ? 137 GLN E NE2 1 
ATOM   675  N N   . ARG A 1 95  ? -8.061  -3.545  4.807   1.00 11.20 ? 138 ARG E N   1 
ATOM   676  C CA  . ARG A 1 95  ? -6.711  -3.605  4.223   1.00 12.15 ? 138 ARG E CA  1 
ATOM   677  C C   . ARG A 1 95  ? -6.713  -4.858  3.376   1.00 11.26 ? 138 ARG E C   1 
ATOM   678  O O   . ARG A 1 95  ? -7.279  -5.840  3.874   1.00 13.39 ? 138 ARG E O   1 
ATOM   679  C CB  . ARG A 1 95  ? -5.661  -3.716  5.376   1.00 9.18  ? 138 ARG E CB  1 
ATOM   680  C CG  . ARG A 1 95  ? -4.265  -3.898  4.758   1.00 10.97 ? 138 ARG E CG  1 
ATOM   681  C CD  . ARG A 1 95  ? -3.224  -4.402  5.724   1.00 11.00 ? 138 ARG E CD  1 
ATOM   682  N NE  . ARG A 1 95  ? -3.569  -5.732  6.187   1.00 18.12 ? 138 ARG E NE  1 
ATOM   683  C CZ  . ARG A 1 95  ? -3.763  -6.879  5.579   1.00 16.39 ? 138 ARG E CZ  1 
ATOM   684  N NH1 . ARG A 1 95  ? -3.643  -7.217  4.311   1.00 13.79 ? 138 ARG E NH1 1 
ATOM   685  N NH2 . ARG A 1 95  ? -4.125  -7.906  6.398   1.00 15.91 ? 138 ARG E NH2 1 
ATOM   686  N N   . SER A 1 96  ? -6.137  -4.858  2.188   1.00 7.15  ? 139 SER E N   1 
ATOM   687  C CA  . SER A 1 96  ? -6.061  -6.020  1.307   1.00 6.94  ? 139 SER E CA  1 
ATOM   688  C C   . SER A 1 96  ? -4.577  -6.237  1.017   1.00 9.42  ? 139 SER E C   1 
ATOM   689  O O   . SER A 1 96  ? -3.800  -5.246  0.765   1.00 6.70  ? 139 SER E O   1 
ATOM   690  C CB  . SER A 1 96  ? -6.837  -5.763  -0.011  1.00 8.22  ? 139 SER E CB  1 
ATOM   691  O OG  . SER A 1 96  ? -6.685  -6.888  -0.856  1.00 10.69 ? 139 SER E OG  1 
ATOM   692  N N   . GLY A 1 97  ? -4.151  -7.473  1.046   1.00 10.12 ? 140 GLY E N   1 
ATOM   693  C CA  . GLY A 1 97  ? -2.671  -7.745  0.819   1.00 10.75 ? 140 GLY E CA  1 
ATOM   694  C C   . GLY A 1 97  ? -2.576  -9.210  0.430   1.00 11.31 ? 140 GLY E C   1 
ATOM   695  O O   . GLY A 1 97  ? -3.452  -9.999  0.775   1.00 12.26 ? 140 GLY E O   1 
ATOM   696  N N   . SER A 1 98  ? -1.488  -9.543  -0.227  1.00 9.44  ? 141 SER E N   1 
ATOM   697  C CA  . SER A 1 98  ? -1.287  -10.879 -0.784  1.00 10.37 ? 141 SER E CA  1 
ATOM   698  C C   . SER A 1 98  ? -0.891  -11.956 0.211   1.00 13.51 ? 141 SER E C   1 
ATOM   699  O O   . SER A 1 98  ? -0.972  -13.095 -0.270  1.00 11.78 ? 141 SER E O   1 
ATOM   700  C CB  . SER A 1 98  ? -0.455  -10.734 -2.049  1.00 14.68 ? 141 SER E CB  1 
ATOM   701  O OG  . SER A 1 98  ? 0.894   -10.372 -1.778  1.00 14.87 ? 141 SER E OG  1 
ATOM   702  N N   . THR A 1 99  ? -0.597  -11.666 1.454   1.00 11.09 ? 142 THR E N   1 
ATOM   703  C CA  . THR A 1 99  ? -0.273  -12.801 2.360   1.00 12.38 ? 142 THR E CA  1 
ATOM   704  C C   . THR A 1 99  ? -1.534  -13.185 3.113   1.00 14.64 ? 142 THR E C   1 
ATOM   705  O O   . THR A 1 99  ? -1.931  -14.366 3.130   1.00 18.31 ? 142 THR E O   1 
ATOM   706  C CB  . THR A 1 99  ? 0.855   -12.398 3.384   1.00 13.42 ? 142 THR E CB  1 
ATOM   707  O OG1 . THR A 1 99  ? 1.987   -12.197 2.533   1.00 13.85 ? 142 THR E OG1 1 
ATOM   708  C CG2 . THR A 1 99  ? 1.027   -13.543 4.387   1.00 15.62 ? 142 THR E CG2 1 
ATOM   709  N N   . THR A 1 100 ? -2.150  -12.191 3.711   1.00 13.52 ? 143 THR E N   1 
ATOM   710  C CA  . THR A 1 100 ? -3.338  -12.403 4.551   1.00 13.01 ? 143 THR E CA  1 
ATOM   711  C C   . THR A 1 100 ? -4.650  -12.069 3.948   1.00 11.94 ? 143 THR E C   1 
ATOM   712  O O   . THR A 1 100 ? -5.657  -12.287 4.670   1.00 16.99 ? 143 THR E O   1 
ATOM   713  C CB  . THR A 1 100 ? -3.123  -11.622 5.904   1.00 13.55 ? 143 THR E CB  1 
ATOM   714  O OG1 . THR A 1 100 ? -2.945  -10.247 5.483   1.00 16.11 ? 143 THR E OG1 1 
ATOM   715  C CG2 . THR A 1 100 ? -1.918  -12.122 6.676   1.00 12.46 ? 143 THR E CG2 1 
ATOM   716  N N   . GLY A 1 101 ? -4.702  -11.571 2.720   1.00 12.65 ? 156 GLY E N   1 
ATOM   717  C CA  . GLY A 1 101 ? -5.999  -11.252 2.114   1.00 13.32 ? 156 GLY E CA  1 
ATOM   718  C C   . GLY A 1 101 ? -6.645  -9.996  2.619   1.00 13.28 ? 156 GLY E C   1 
ATOM   719  O O   . GLY A 1 101 ? -5.959  -8.954  2.680   1.00 13.99 ? 156 GLY E O   1 
ATOM   720  N N   . LEU A 1 102 ? -7.946  -10.048 2.977   1.00 10.80 ? 157 LEU E N   1 
ATOM   721  C CA  . LEU A 1 102 ? -8.669  -8.842  3.438   1.00 9.34  ? 157 LEU E CA  1 
ATOM   722  C C   . LEU A 1 102 ? -8.841  -8.881  4.935   1.00 14.32 ? 157 LEU E C   1 
ATOM   723  O O   . LEU A 1 102 ? -9.225  -9.978  5.457   1.00 17.06 ? 157 LEU E O   1 
ATOM   724  C CB  . LEU A 1 102 ? -10.005 -8.751  2.656   1.00 14.82 ? 157 LEU E CB  1 
ATOM   725  C CG  . LEU A 1 102 ? -10.833 -7.495  3.006   1.00 16.52 ? 157 LEU E CG  1 
ATOM   726  C CD1 . LEU A 1 102 ? -10.274 -6.245  2.373   1.00 15.21 ? 157 LEU E CD1 1 
ATOM   727  C CD2 . LEU A 1 102 ? -12.245 -7.830  2.528   1.00 23.37 ? 157 LEU E CD2 1 
ATOM   728  N N   . ARG A 1 103 ? -8.607  -7.840  5.645   1.00 9.64  ? 158 ARG E N   1 
ATOM   729  C CA  . ARG A 1 103 ? -8.749  -7.727  7.097   1.00 13.37 ? 158 ARG E CA  1 
ATOM   730  C C   . ARG A 1 103 ? -9.332  -6.354  7.375   1.00 12.89 ? 158 ARG E C   1 
ATOM   731  O O   . ARG A 1 103 ? -9.156  -5.401  6.584   1.00 16.25 ? 158 ARG E O   1 
ATOM   732  C CB  . ARG A 1 103 ? -7.446  -7.948  7.900   1.00 14.88 ? 158 ARG E CB  1 
ATOM   733  C CG  . ARG A 1 103 ? -6.861  -9.334  7.662   1.00 19.15 ? 158 ARG E CG  1 
ATOM   734  C CD  . ARG A 1 103 ? -7.605  -10.461 8.341   1.00 21.15 ? 158 ARG E CD  1 
ATOM   735  N NE  . ARG A 1 103 ? -7.252  -11.676 7.542   1.00 32.61 ? 158 ARG E NE  1 
ATOM   736  C CZ  . ARG A 1 103 ? -6.893  -12.781 8.209   1.00 31.15 ? 158 ARG E CZ  1 
ATOM   737  N NH1 . ARG A 1 103 ? -7.115  -12.867 9.528   1.00 32.97 ? 158 ARG E NH1 1 
ATOM   738  N NH2 . ARG A 1 103 ? -6.278  -13.739 7.526   1.00 33.87 ? 158 ARG E NH2 1 
ATOM   739  N N   . SER A 1 104 ? -10.030 -6.284  8.508   1.00 13.14 ? 159 SER E N   1 
ATOM   740  C CA  . SER A 1 104 ? -10.665 -4.980  8.849   1.00 11.44 ? 159 SER E CA  1 
ATOM   741  C C   . SER A 1 104 ? -10.301 -4.549  10.236  1.00 16.55 ? 159 SER E C   1 
ATOM   742  O O   . SER A 1 104 ? -9.777  -5.338  11.056  1.00 16.51 ? 159 SER E O   1 
ATOM   743  C CB  . SER A 1 104 ? -12.153 -5.193  8.500   1.00 17.51 ? 159 SER E CB  1 
ATOM   744  O OG  . SER A 1 104 ? -12.732 -5.745  9.625   1.00 27.28 ? 159 SER E OG  1 
ATOM   745  N N   . GLY A 1 105 ? -10.525 -3.266  10.525  1.00 11.81 ? 160 GLY E N   1 
ATOM   746  C CA  . GLY A 1 105 ? -10.204 -2.700  11.848  1.00 12.68 ? 160 GLY E CA  1 
ATOM   747  C C   . GLY A 1 105 ? -10.476 -1.202  11.856  1.00 12.65 ? 160 GLY E C   1 
ATOM   748  O O   . GLY A 1 105 ? -11.404 -0.775  11.138  1.00 14.69 ? 160 GLY E O   1 
ATOM   749  N N   . SER A 1 106 ? -9.714  -0.493  12.672  1.00 8.98  ? 161 SER E N   1 
ATOM   750  C CA  . SER A 1 106 ? -9.995  0.965   12.721  1.00 11.49 ? 161 SER E CA  1 
ATOM   751  C C   . SER A 1 106 ? -8.679  1.661   12.966  1.00 12.76 ? 161 SER E C   1 
ATOM   752  O O   . SER A 1 106 ? -7.687  1.069   13.407  1.00 11.56 ? 161 SER E O   1 
ATOM   753  C CB  . SER A 1 106 ? -11.141 1.172   13.713  1.00 18.30 ? 161 SER E CB  1 
ATOM   754  O OG  . SER A 1 106 ? -10.608 1.113   14.972  1.00 23.28 ? 161 SER E OG  1 
ATOM   755  N N   . VAL A 1 107 ? -8.687  2.942   12.570  1.00 11.78 ? 162 VAL E N   1 
ATOM   756  C CA  . VAL A 1 107 ? -7.527  3.812   12.718  1.00 11.11 ? 162 VAL E CA  1 
ATOM   757  C C   . VAL A 1 107 ? -7.437  4.207   14.197  1.00 13.25 ? 162 VAL E C   1 
ATOM   758  O O   . VAL A 1 107 ? -8.429  4.693   14.780  1.00 15.63 ? 162 VAL E O   1 
ATOM   759  C CB  . VAL A 1 107 ? -7.708  5.042   11.822  1.00 10.05 ? 162 VAL E CB  1 
ATOM   760  C CG1 . VAL A 1 107 ? -6.526  6.019   12.061  1.00 10.43 ? 162 VAL E CG1 1 
ATOM   761  C CG2 . VAL A 1 107 ? -7.844  4.687   10.363  1.00 8.38  ? 162 VAL E CG2 1 
ATOM   762  N N   . THR A 1 108 ? -6.258  4.052   14.753  1.00 13.06 ? 163 THR E N   1 
ATOM   763  C CA  . THR A 1 108 ? -6.000  4.390   16.175  1.00 11.86 ? 163 THR E CA  1 
ATOM   764  C C   . THR A 1 108 ? -5.046  5.539   16.356  1.00 16.01 ? 163 THR E C   1 
ATOM   765  O O   . THR A 1 108 ? -4.960  6.067   17.498  1.00 15.90 ? 163 THR E O   1 
ATOM   766  C CB  . THR A 1 108 ? -5.565  3.065   16.896  1.00 13.89 ? 163 THR E CB  1 
ATOM   767  O OG1 . THR A 1 108 ? -4.358  2.654   16.165  1.00 18.43 ? 163 THR E OG1 1 
ATOM   768  C CG2 . THR A 1 108 ? -6.608  1.927   16.863  1.00 12.18 ? 163 THR E CG2 1 
ATOM   769  N N   . GLY A 1 109 ? -4.366  6.059   15.326  1.00 11.50 ? 164 GLY E N   1 
ATOM   770  C CA  . GLY A 1 109 ? -3.428  7.202   15.537  1.00 14.87 ? 164 GLY E CA  1 
ATOM   771  C C   . GLY A 1 109 ? -2.982  7.708   14.175  1.00 12.62 ? 164 GLY E C   1 
ATOM   772  O O   . GLY A 1 109 ? -3.080  6.970   13.177  1.00 14.06 ? 164 GLY E O   1 
ATOM   773  N N   . LEU A 1 110 ? -2.513  8.909   14.133  1.00 16.27 ? 165 LEU E N   1 
ATOM   774  C CA  . LEU A 1 110 ? -2.056  9.555   12.934  1.00 13.76 ? 165 LEU E CA  1 
ATOM   775  C C   . LEU A 1 110 ? -0.649  10.100  13.176  1.00 17.00 ? 165 LEU E C   1 
ATOM   776  O O   . LEU A 1 110 ? -0.254  10.303  14.346  1.00 18.08 ? 165 LEU E O   1 
ATOM   777  C CB  . LEU A 1 110 ? -3.024  10.685  12.596  1.00 15.48 ? 165 LEU E CB  1 
ATOM   778  C CG  . LEU A 1 110 ? -4.451  10.292  12.244  1.00 13.06 ? 165 LEU E CG  1 
ATOM   779  C CD1 . LEU A 1 110 ? -5.198  11.540  11.808  1.00 20.32 ? 165 LEU E CD1 1 
ATOM   780  C CD2 . LEU A 1 110 ? -4.438  9.241   11.126  1.00 17.58 ? 165 LEU E CD2 1 
ATOM   781  N N   . ASN A 1 111 ? -0.024  10.341  12.072  1.00 15.22 ? 166 ASN E N   1 
ATOM   782  C CA  . ASN A 1 111 ? 1.351   10.905  12.168  1.00 16.99 ? 166 ASN E CA  1 
ATOM   783  C C   . ASN A 1 111 ? 2.261   10.177  13.147  1.00 14.79 ? 166 ASN E C   1 
ATOM   784  O O   . ASN A 1 111 ? 3.036   10.848  13.879  1.00 17.38 ? 166 ASN E O   1 
ATOM   785  C CB  . ASN A 1 111 ? 1.166   12.388  12.522  1.00 24.50 ? 166 ASN E CB  1 
ATOM   786  C CG  . ASN A 1 111 ? 2.346   13.160  11.931  1.00 40.13 ? 166 ASN E CG  1 
ATOM   787  O OD1 . ASN A 1 111 ? 2.108   14.191  11.267  1.00 53.09 ? 166 ASN E OD1 1 
ATOM   788  N ND2 . ASN A 1 111 ? 3.598   12.724  12.077  1.00 44.24 ? 166 ASN E ND2 1 
ATOM   789  N N   . ALA A 1 112 ? 2.272   8.872   13.143  1.00 11.96 ? 167 ALA E N   1 
ATOM   790  C CA  . ALA A 1 112 ? 3.159   8.067   14.014  1.00 11.94 ? 167 ALA E CA  1 
ATOM   791  C C   . ALA A 1 112 ? 4.548   7.933   13.382  1.00 15.52 ? 167 ALA E C   1 
ATOM   792  O O   . ALA A 1 112 ? 4.688   7.859   12.141  1.00 11.79 ? 167 ALA E O   1 
ATOM   793  C CB  . ALA A 1 112 ? 2.493   6.720   14.225  1.00 16.55 ? 167 ALA E CB  1 
ATOM   794  N N   . THR A 1 113 ? 5.557   7.960   14.227  1.00 15.46 ? 168 THR E N   1 
ATOM   795  C CA  . THR A 1 113 ? 6.957   7.767   13.880  1.00 16.16 ? 168 THR E CA  1 
ATOM   796  C C   . THR A 1 113 ? 7.234   6.283   14.107  1.00 18.89 ? 168 THR E C   1 
ATOM   797  O O   . THR A 1 113 ? 6.891   5.728   15.220  1.00 17.97 ? 168 THR E O   1 
ATOM   798  C CB  . THR A 1 113 ? 7.942   8.634   14.745  1.00 13.40 ? 168 THR E CB  1 
ATOM   799  O OG1 . THR A 1 113 ? 7.592   9.984   14.366  1.00 17.66 ? 168 THR E OG1 1 
ATOM   800  C CG2 . THR A 1 113 ? 9.443   8.325   14.489  1.00 15.08 ? 168 THR E CG2 1 
ATOM   801  N N   . VAL A 1 114 ? 7.806   5.616   13.115  1.00 15.13 ? 169 VAL E N   1 
ATOM   802  C CA  . VAL A 1 114 ? 8.075   4.181   13.244  1.00 12.51 ? 169 VAL E CA  1 
ATOM   803  C C   . VAL A 1 114 ? 9.538   3.887   12.944  1.00 14.08 ? 169 VAL E C   1 
ATOM   804  O O   . VAL A 1 114 ? 10.027  4.131   11.854  1.00 14.34 ? 169 VAL E O   1 
ATOM   805  C CB  . VAL A 1 114 ? 7.208   3.295   12.313  1.00 19.02 ? 169 VAL E CB  1 
ATOM   806  C CG1 . VAL A 1 114 ? 7.346   1.809   12.658  1.00 16.34 ? 169 VAL E CG1 1 
ATOM   807  C CG2 . VAL A 1 114 ? 5.760   3.766   12.314  1.00 18.15 ? 169 VAL E CG2 1 
ATOM   808  N N   . ASN A 1 115 ? 10.170  3.321   13.953  1.00 16.00 ? 170 ASN E N   1 
ATOM   809  C CA  . ASN A 1 115 ? 11.585  2.934   13.830  1.00 13.61 ? 170 ASN E CA  1 
ATOM   810  C C   . ASN A 1 115 ? 11.656  1.476   13.464  1.00 15.47 ? 170 ASN E C   1 
ATOM   811  O O   . ASN A 1 115 ? 11.265  0.612   14.263  1.00 17.86 ? 170 ASN E O   1 
ATOM   812  C CB  . ASN A 1 115 ? 12.259  3.244   15.176  1.00 19.59 ? 170 ASN E CB  1 
ATOM   813  C CG  . ASN A 1 115 ? 13.760  3.020   15.110  1.00 15.68 ? 170 ASN E CG  1 
ATOM   814  O OD1 . ASN A 1 115 ? 14.332  2.198   14.392  1.00 22.77 ? 170 ASN E OD1 1 
ATOM   815  N ND2 . ASN A 1 115 ? 14.424  3.812   15.944  1.00 31.88 ? 170 ASN E ND2 1 
ATOM   816  N N   . TYR A 1 116 ? 12.162  1.169   12.290  1.00 12.30 ? 171 TYR E N   1 
ATOM   817  C CA  . TYR A 1 116 ? 12.371  -0.159  11.766  1.00 15.14 ? 171 TYR E CA  1 
ATOM   818  C C   . TYR A 1 116 ? 13.848  -0.635  11.970  1.00 15.54 ? 171 TYR E C   1 
ATOM   819  O O   . TYR A 1 116 ? 14.314  -1.547  11.260  1.00 15.17 ? 171 TYR E O   1 
ATOM   820  C CB  . TYR A 1 116 ? 12.028  -0.212  10.272  1.00 10.65 ? 171 TYR E CB  1 
ATOM   821  C CG  . TYR A 1 116 ? 10.572  -0.063  9.954   1.00 11.85 ? 171 TYR E CG  1 
ATOM   822  C CD1 . TYR A 1 116 ? 10.218  0.774   8.872   1.00 11.25 ? 171 TYR E CD1 1 
ATOM   823  C CD2 . TYR A 1 116 ? 9.564   -0.711  10.645  1.00 9.79  ? 171 TYR E CD2 1 
ATOM   824  C CE1 . TYR A 1 116 ? 8.885   0.922   8.454   1.00 8.86  ? 171 TYR E CE1 1 
ATOM   825  C CE2 . TYR A 1 116 ? 8.209   -0.544  10.254  1.00 11.28 ? 171 TYR E CE2 1 
ATOM   826  C CZ  . TYR A 1 116 ? 7.897   0.265   9.159   1.00 12.91 ? 171 TYR E CZ  1 
ATOM   827  O OH  . TYR A 1 116 ? 6.577   0.390   8.812   1.00 11.94 ? 171 TYR E OH  1 
ATOM   828  N N   . GLY A 1 117 ? 14.526  -0.023  12.929  1.00 18.31 ? 172 GLY E N   1 
ATOM   829  C CA  . GLY A 1 117 ? 15.916  -0.464  13.210  1.00 19.35 ? 172 GLY E CA  1 
ATOM   830  C C   . GLY A 1 117 ? 16.850  -0.329  12.035  1.00 15.79 ? 172 GLY E C   1 
ATOM   831  O O   . GLY A 1 117 ? 17.017  0.765   11.500  1.00 18.94 ? 172 GLY E O   1 
ATOM   832  N N   . SER A 1 118 ? 17.456  -1.445  11.607  1.00 18.03 ? 173 SER E N   1 
ATOM   833  C CA  . SER A 1 118 ? 18.428  -1.353  10.493  1.00 18.66 ? 173 SER E CA  1 
ATOM   834  C C   . SER A 1 118 ? 17.814  -0.766  9.235   1.00 18.11 ? 173 SER E C   1 
ATOM   835  O O   . SER A 1 118 ? 18.595  -0.173  8.448   1.00 16.04 ? 173 SER E O   1 
ATOM   836  C CB  . SER A 1 118 ? 19.155  -2.660  10.260  1.00 20.83 ? 173 SER E CB  1 
ATOM   837  O OG  . SER A 1 118 ? 18.199  -3.708  10.333  1.00 34.77 ? 173 SER E OG  1 
ATOM   838  N N   . SER A 1 119 ? 16.519  -0.896  9.047   1.00 18.06 ? 174 SER E N   1 
ATOM   839  C CA  . SER A 1 119 ? 15.838  -0.356  7.820   1.00 16.00 ? 174 SER E CA  1 
ATOM   840  C C   . SER A 1 119 ? 15.552  1.117   7.858   1.00 13.24 ? 174 SER E C   1 
ATOM   841  O O   . SER A 1 119 ? 15.219  1.721   6.800   1.00 15.94 ? 174 SER E O   1 
ATOM   842  C CB  . SER A 1 119 ? 14.546  -1.123  7.509   1.00 15.58 ? 174 SER E CB  1 
ATOM   843  O OG  . SER A 1 119 ? 14.844  -2.435  7.092   1.00 21.73 ? 174 SER E OG  1 
ATOM   844  N N   . GLY A 1 120 ? 15.633  1.723   9.010   1.00 14.35 ? 175 GLY E N   1 
ATOM   845  C CA  . GLY A 1 120 ? 15.440  3.175   9.156   1.00 15.49 ? 175 GLY E CA  1 
ATOM   846  C C   . GLY A 1 120 ? 14.095  3.531   9.818   1.00 9.62  ? 175 GLY E C   1 
ATOM   847  O O   . GLY A 1 120 ? 13.390  2.659   10.300  1.00 14.08 ? 175 GLY E O   1 
ATOM   848  N N   . ILE A 1 121 ? 13.915  4.835   9.846   1.00 10.81 ? 176 ILE E N   1 
ATOM   849  C CA  . ILE A 1 121 ? 12.738  5.432   10.491  1.00 9.54  ? 176 ILE E CA  1 
ATOM   850  C C   . ILE A 1 121 ? 11.840  6.066   9.460   1.00 10.82 ? 176 ILE E C   1 
ATOM   851  O O   . ILE A 1 121 ? 12.343  6.701   8.520   1.00 9.72  ? 176 ILE E O   1 
ATOM   852  C CB  . ILE A 1 121 ? 13.215  6.489   11.531  1.00 16.30 ? 176 ILE E CB  1 
ATOM   853  C CG1 . ILE A 1 121 ? 14.310  5.836   12.464  1.00 18.68 ? 176 ILE E CG1 1 
ATOM   854  C CG2 . ILE A 1 121 ? 12.063  7.091   12.392  1.00 14.16 ? 176 ILE E CG2 1 
ATOM   855  C CD1 . ILE A 1 121 ? 14.952  6.945   13.342  1.00 22.06 ? 176 ILE E CD1 1 
ATOM   856  N N   . VAL A 1 122 ? 10.523  5.841   9.682   1.00 10.96 ? 177 VAL E N   1 
ATOM   857  C CA  . VAL A 1 122 ? 9.536   6.489   8.780   1.00 10.56 ? 177 VAL E CA  1 
ATOM   858  C C   . VAL A 1 122 ? 8.695   7.388   9.683   1.00 10.14 ? 177 VAL E C   1 
ATOM   859  O O   . VAL A 1 122 ? 8.490   7.120   10.884  1.00 12.97 ? 177 VAL E O   1 
ATOM   860  C CB  . VAL A 1 122 ? 8.738   5.474   7.952   1.00 12.76 ? 177 VAL E CB  1 
ATOM   861  C CG1 . VAL A 1 122 ? 9.679   4.614   7.119   1.00 10.87 ? 177 VAL E CG1 1 
ATOM   862  C CG2 . VAL A 1 122 ? 7.889   4.607   8.835   1.00 13.40 ? 177 VAL E CG2 1 
ATOM   863  N N   . TYR A 1 123 ? 8.230   8.478   9.207   1.00 8.42  ? 178 TYR E N   1 
ATOM   864  C CA  . TYR A 1 123 ? 7.439   9.480   9.858   1.00 10.50 ? 178 TYR E CA  1 
ATOM   865  C C   . TYR A 1 123 ? 6.077   9.654   9.141   1.00 10.75 ? 178 TYR E C   1 
ATOM   866  O O   . TYR A 1 123 ? 5.961   9.363   7.931   1.00 9.24  ? 178 TYR E O   1 
ATOM   867  C CB  . TYR A 1 123 ? 8.133   10.889  9.783   1.00 13.26 ? 178 TYR E CB  1 
ATOM   868  C CG  . TYR A 1 123 ? 9.529   10.824  10.322  1.00 17.18 ? 178 TYR E CG  1 
ATOM   869  C CD1 . TYR A 1 123 ? 10.668  10.725  9.488   1.00 16.09 ? 178 TYR E CD1 1 
ATOM   870  C CD2 . TYR A 1 123 ? 9.681   10.807  11.725  1.00 20.69 ? 178 TYR E CD2 1 
ATOM   871  C CE1 . TYR A 1 123 ? 11.952  10.685  10.069  1.00 18.32 ? 178 TYR E CE1 1 
ATOM   872  C CE2 . TYR A 1 123 ? 10.952  10.745  12.290  1.00 22.71 ? 178 TYR E CE2 1 
ATOM   873  C CZ  . TYR A 1 123 ? 12.071  10.694  11.466  1.00 22.67 ? 178 TYR E CZ  1 
ATOM   874  O OH  . TYR A 1 123 ? 13.258  10.619  12.138  1.00 25.00 ? 178 TYR E OH  1 
ATOM   875  N N   . GLY A 1 124 ? 5.163   10.157  9.953   1.00 9.88  ? 179 GLY E N   1 
ATOM   876  C CA  . GLY A 1 124 ? 3.839   10.539  9.506   1.00 15.57 ? 179 GLY E CA  1 
ATOM   877  C C   . GLY A 1 124 ? 2.953   9.396   9.111   1.00 13.62 ? 179 GLY E C   1 
ATOM   878  O O   . GLY A 1 124 ? 2.132   9.632   8.213   1.00 14.52 ? 179 GLY E O   1 
ATOM   879  N N   . MET A 1 125 ? 3.084   8.265   9.749   1.00 8.86  ? 180 MET E N   1 
ATOM   880  C CA  . MET A 1 125 ? 2.305   7.085   9.367   1.00 9.68  ? 180 MET E CA  1 
ATOM   881  C C   . MET A 1 125 ? 0.953   6.989   10.089  1.00 11.76 ? 180 MET E C   1 
ATOM   882  O O   . MET A 1 125 ? 0.755   7.366   11.244  1.00 13.25 ? 180 MET E O   1 
ATOM   883  C CB  . MET A 1 125 ? 3.103   5.797   9.600   1.00 11.76 ? 180 MET E CB  1 
ATOM   884  C CG  . MET A 1 125 ? 4.549   5.957   9.159   1.00 13.41 ? 180 MET E CG  1 
ATOM   885  S SD  . MET A 1 125 ? 4.467   5.875   7.289   1.00 22.57 ? 180 MET E SD  1 
ATOM   886  C CE  . MET A 1 125 ? 4.349   4.152   7.204   1.00 15.29 ? 180 MET E CE  1 
ATOM   887  N N   . ILE A 1 126 ? 0.040   6.432   9.308   1.00 11.66 ? 181 ILE E N   1 
ATOM   888  C CA  . ILE A 1 126 ? -1.328  6.155   9.853   1.00 11.72 ? 181 ILE E CA  1 
ATOM   889  C C   . ILE A 1 126 ? -1.120  4.887   10.711  1.00 13.70 ? 181 ILE E C   1 
ATOM   890  O O   . ILE A 1 126 ? -0.419  3.945   10.295  1.00 13.60 ? 181 ILE E O   1 
ATOM   891  C CB  . ILE A 1 126 ? -2.364  5.855   8.745   1.00 9.16  ? 181 ILE E CB  1 
ATOM   892  C CG1 . ILE A 1 126 ? -2.540  7.090   7.798   1.00 9.89  ? 181 ILE E CG1 1 
ATOM   893  C CG2 . ILE A 1 126 ? -3.721  5.405   9.320   1.00 8.41  ? 181 ILE E CG2 1 
ATOM   894  C CD1 . ILE A 1 126 ? -3.230  6.631   6.410   1.00 13.75 ? 181 ILE E CD1 1 
ATOM   895  N N   . GLN A 1 127 ? -1.746  4.882   11.888  1.00 11.18 ? 182 GLN E N   1 
ATOM   896  C CA  . GLN A 1 127 ? -1.650  3.708   12.749  1.00 11.50 ? 182 GLN E CA  1 
ATOM   897  C C   . GLN A 1 127 ? -3.009  2.999   12.845  1.00 8.07  ? 182 GLN E C   1 
ATOM   898  O O   . GLN A 1 127 ? -4.044  3.736   13.001  1.00 11.84 ? 182 GLN E O   1 
ATOM   899  C CB  . GLN A 1 127 ? -1.144  4.158   14.133  1.00 13.10 ? 182 GLN E CB  1 
ATOM   900  C CG  . GLN A 1 127 ? -1.372  2.929   15.077  1.00 18.60 ? 182 GLN E CG  1 
ATOM   901  C CD  . GLN A 1 127 ? -0.627  3.085   16.373  1.00 26.28 ? 182 GLN E CD  1 
ATOM   902  O OE1 . GLN A 1 127 ? -0.135  4.120   16.803  1.00 27.31 ? 182 GLN E OE1 1 
ATOM   903  N NE2 . GLN A 1 127 ? -0.488  1.963   17.103  1.00 36.21 ? 182 GLN E NE2 1 
ATOM   904  N N   . THR A 1 128 ? -3.036  1.696   12.781  1.00 13.51 ? 183 THR E N   1 
ATOM   905  C CA  . THR A 1 128 ? -4.305  0.950   12.900  1.00 11.42 ? 183 THR E CA  1 
ATOM   906  C C   . THR A 1 128 ? -4.155  -0.325  13.741  1.00 11.71 ? 183 THR E C   1 
ATOM   907  O O   . THR A 1 128 ? -3.015  -0.761  13.923  1.00 12.67 ? 183 THR E O   1 
ATOM   908  C CB  . THR A 1 128 ? -5.002  0.518   11.559  1.00 8.22  ? 183 THR E CB  1 
ATOM   909  O OG1 . THR A 1 128 ? -4.379  -0.715  11.135  1.00 12.11 ? 183 THR E OG1 1 
ATOM   910  C CG2 . THR A 1 128 ? -4.926  1.612   10.475  1.00 9.42  ? 183 THR E CG2 1 
ATOM   911  N N   . ASN A 1 129 ? -5.301  -0.913  14.080  1.00 11.02 ? 184 ASN E N   1 
ATOM   912  C CA  . ASN A 1 129 ? -5.307  -2.171  14.836  1.00 13.88 ? 184 ASN E CA  1 
ATOM   913  C C   . ASN A 1 129 ? -5.558  -3.319  13.871  1.00 16.14 ? 184 ASN E C   1 
ATOM   914  O O   . ASN A 1 129 ? -6.031  -4.398  14.220  1.00 15.28 ? 184 ASN E O   1 
ATOM   915  C CB  . ASN A 1 129 ? -6.269  -2.091  16.035  1.00 18.38 ? 184 ASN E CB  1 
ATOM   916  C CG  . ASN A 1 129 ? -7.720  -1.927  15.614  1.00 19.97 ? 184 ASN E CG  1 
ATOM   917  O OD1 . ASN A 1 129 ? -7.998  -2.107  14.436  1.00 14.20 ? 184 ASN E OD1 1 
ATOM   918  N ND2 . ASN A 1 129 ? -8.634  -1.604  16.531  1.00 21.12 ? 184 ASN E ND2 1 
ATOM   919  N N   . VAL A 1 130 ? -5.275  -3.100  12.554  1.00 18.06 ? 190 VAL E N   1 
ATOM   920  C CA  . VAL A 1 130 ? -5.474  -4.175  11.575  1.00 14.01 ? 190 VAL E CA  1 
ATOM   921  C C   . VAL A 1 130 ? -4.185  -5.001  11.535  1.00 17.10 ? 190 VAL E C   1 
ATOM   922  O O   . VAL A 1 130 ? -3.078  -4.429  11.508  1.00 15.47 ? 190 VAL E O   1 
ATOM   923  C CB  . VAL A 1 130 ? -5.867  -3.653  10.168  1.00 15.43 ? 190 VAL E CB  1 
ATOM   924  C CG1 . VAL A 1 130 ? -6.016  -4.845  9.204   1.00 13.33 ? 190 VAL E CG1 1 
ATOM   925  C CG2 . VAL A 1 130 ? -7.003  -2.696  10.192  1.00 12.35 ? 190 VAL E CG2 1 
ATOM   926  N N   . CYS A 1 131 ? -4.338  -6.324  11.438  1.00 15.55 ? 191 CYS E N   1 
ATOM   927  C CA  . CYS A 1 131 ? -3.153  -7.192  11.383  1.00 14.95 ? 191 CYS E CA  1 
ATOM   928  C C   . CYS A 1 131 ? -2.603  -7.230  9.953   1.00 14.93 ? 191 CYS E C   1 
ATOM   929  O O   . CYS A 1 131 ? -3.384  -6.931  9.016   1.00 15.19 ? 191 CYS E O   1 
ATOM   930  C CB  . CYS A 1 131 ? -3.534  -8.601  11.898  1.00 12.80 ? 191 CYS E CB  1 
ATOM   931  S SG  . CYS A 1 131 ? -4.642  -9.527  10.792  1.00 17.75 ? 191 CYS E SG  1 
ATOM   932  N N   . ALA A 1 132 ? -1.332  -7.587  9.807   1.00 11.21 ? 192 ALA E N   1 
ATOM   933  C CA  . ALA A 1 132 ? -0.710  -7.770  8.487   1.00 14.45 ? 192 ALA E CA  1 
ATOM   934  C C   . ALA A 1 132 ? 0.473   -8.696  8.688   1.00 11.53 ? 192 ALA E C   1 
ATOM   935  O O   . ALA A 1 132 ? 0.883   -8.882  9.860   1.00 14.61 ? 192 ALA E O   1 
ATOM   936  C CB  . ALA A 1 132 ? -0.349  -6.425  7.800   1.00 10.02 ? 192 ALA E CB  1 
ATOM   937  N N   . GLN A 1 133 A 1.016   -9.261  7.641   1.00 13.23 ? 192 GLN E N   1 
ATOM   938  C CA  . GLN A 1 133 A 2.211   -10.166 7.701   1.00 12.60 ? 192 GLN E CA  1 
ATOM   939  C C   . GLN A 1 133 A 3.108   -9.827  6.516   1.00 13.35 ? 192 GLN E C   1 
ATOM   940  O O   . GLN A 1 133 A 2.720   -9.110  5.559   1.00 12.08 ? 192 GLN E O   1 
ATOM   941  C CB  . GLN A 1 133 A 1.724   -11.618 7.708   1.00 15.18 ? 192 GLN E CB  1 
ATOM   942  C CG  . GLN A 1 133 A 0.768   -11.865 8.872   1.00 19.47 ? 192 GLN E CG  1 
ATOM   943  C CD  . GLN A 1 133 A 0.263   -13.269 9.093   1.00 26.06 ? 192 GLN E CD  1 
ATOM   944  O OE1 . GLN A 1 133 A -0.456  -13.574 10.072  1.00 20.96 ? 192 GLN E OE1 1 
ATOM   945  N NE2 . GLN A 1 133 A 0.676   -14.152 8.187   1.00 18.25 ? 192 GLN E NE2 1 
ATOM   946  N N   . PRO A 1 134 B 4.345   -10.288 6.554   1.00 12.04 ? 192 PRO E N   1 
ATOM   947  C CA  . PRO A 1 134 B 5.347   -10.057 5.506   1.00 13.24 ? 192 PRO E CA  1 
ATOM   948  C C   . PRO A 1 134 B 4.704   -10.482 4.207   1.00 11.02 ? 192 PRO E C   1 
ATOM   949  O O   . PRO A 1 134 B 4.104   -11.545 4.126   1.00 11.22 ? 192 PRO E O   1 
ATOM   950  C CB  . PRO A 1 134 B 6.566   -10.927 5.875   1.00 12.85 ? 192 PRO E CB  1 
ATOM   951  C CG  . PRO A 1 134 B 6.462   -10.919 7.379   1.00 13.08 ? 192 PRO E CG  1 
ATOM   952  C CD  . PRO A 1 134 B 4.949   -11.094 7.661   1.00 16.54 ? 192 PRO E CD  1 
ATOM   953  N N   . GLY A 1 135 ? 4.893   -9.564  3.189   1.00 9.72  ? 193 GLY E N   1 
ATOM   954  C CA  . GLY A 1 135 ? 4.242   -9.902  1.894   1.00 10.79 ? 193 GLY E CA  1 
ATOM   955  C C   . GLY A 1 135 ? 3.039   -8.934  1.728   1.00 11.02 ? 193 GLY E C   1 
ATOM   956  O O   . GLY A 1 135 ? 2.734   -8.665  0.568   1.00 8.10  ? 193 GLY E O   1 
ATOM   957  N N   . ASP A 1 136 ? 2.458   -8.495  2.813   1.00 8.16  ? 194 ASP E N   1 
ATOM   958  C CA  . ASP A 1 136 ? 1.308   -7.574  2.709   1.00 10.59 ? 194 ASP E CA  1 
ATOM   959  C C   . ASP A 1 136 ? 1.667   -6.138  2.365   1.00 8.78  ? 194 ASP E C   1 
ATOM   960  O O   . ASP A 1 136 ? 0.773   -5.319  2.079   1.00 7.65  ? 194 ASP E O   1 
ATOM   961  C CB  . ASP A 1 136 ? 0.549   -7.598  4.036   1.00 9.34  ? 194 ASP E CB  1 
ATOM   962  C CG  . ASP A 1 136 ? -0.363  -8.860  4.130   1.00 14.54 ? 194 ASP E CG  1 
ATOM   963  O OD1 . ASP A 1 136 ? -0.671  -9.266  5.264   1.00 10.74 ? 194 ASP E OD1 1 
ATOM   964  O OD2 . ASP A 1 136 ? -0.739  -9.446  3.133   1.00 8.73  ? 194 ASP E OD2 1 
ATOM   965  N N   . SER A 1 137 ? 2.931   -5.742  2.534   1.00 11.50 ? 195 SER E N   1 
ATOM   966  C CA  . SER A 1 137 ? 3.365   -4.378  2.274   1.00 9.45  ? 195 SER E CA  1 
ATOM   967  C C   . SER A 1 137 ? 3.009   -3.889  0.832   1.00 5.85  ? 195 SER E C   1 
ATOM   968  O O   . SER A 1 137 ? 3.111   -4.695  -0.060  1.00 8.76  ? 195 SER E O   1 
ATOM   969  C CB  . SER A 1 137 ? 4.920   -4.231  2.339   1.00 12.53 ? 195 SER E CB  1 
ATOM   970  O OG  . SER A 1 137 ? 5.114   -4.129  3.761   1.00 24.81 ? 195 SER E OG  1 
ATOM   971  N N   . GLY A 1 138 ? 2.680   -2.642  0.833   1.00 6.82  ? 196 GLY E N   1 
ATOM   972  C CA  . GLY A 1 138 ? 2.328   -1.894  -0.364  1.00 4.62  ? 196 GLY E CA  1 
ATOM   973  C C   . GLY A 1 138 ? 0.818   -2.018  -0.611  1.00 11.55 ? 196 GLY E C   1 
ATOM   974  O O   . GLY A 1 138 ? 0.320   -1.186  -1.429  1.00 8.49  ? 196 GLY E O   1 
ATOM   975  N N   . GLY A 1 139 ? 0.201   -2.980  0.053   1.00 6.65  ? 197 GLY E N   1 
ATOM   976  C CA  . GLY A 1 139 ? -1.252  -3.231  -0.216  1.00 11.39 ? 197 GLY E CA  1 
ATOM   977  C C   . GLY A 1 139 ? -2.140  -2.087  0.248   1.00 10.84 ? 197 GLY E C   1 
ATOM   978  O O   . GLY A 1 139 ? -1.787  -1.170  0.996   1.00 10.10 ? 197 GLY E O   1 
ATOM   979  N N   . SER A 1 140 ? -3.389  -2.124  -0.138  1.00 6.32  ? 198 SER E N   1 
ATOM   980  C CA  . SER A 1 140 ? -4.358  -1.066  0.045   1.00 6.28  ? 198 SER E CA  1 
ATOM   981  C C   . SER A 1 140 ? -5.005  -0.880  1.393   1.00 8.18  ? 198 SER E C   1 
ATOM   982  O O   . SER A 1 140 ? -5.455  -1.929  1.873   1.00 8.45  ? 198 SER E O   1 
ATOM   983  C CB  . SER A 1 140 ? -5.524  -1.387  -0.967  1.00 9.06  ? 198 SER E CB  1 
ATOM   984  O OG  . SER A 1 140 ? -5.065  -2.026  -2.146  1.00 7.40  ? 198 SER E OG  1 
ATOM   985  N N   . LEU A 1 141 ? -5.077  0.335   1.879   1.00 7.08  ? 199 LEU E N   1 
ATOM   986  C CA  . LEU A 1 141 ? -5.788  0.681   3.111   1.00 7.65  ? 199 LEU E CA  1 
ATOM   987  C C   . LEU A 1 141 ? -6.920  1.580   2.478   1.00 9.49  ? 199 LEU E C   1 
ATOM   988  O O   . LEU A 1 141 ? -6.570  2.533   1.766   1.00 6.46  ? 199 LEU E O   1 
ATOM   989  C CB  . LEU A 1 141 ? -5.035  1.432   4.200   1.00 10.55 ? 199 LEU E CB  1 
ATOM   990  C CG  . LEU A 1 141 ? -5.911  1.578   5.484   1.00 7.96  ? 199 LEU E CG  1 
ATOM   991  C CD1 . LEU A 1 141 ? -5.898  0.299   6.310   1.00 9.85  ? 199 LEU E CD1 1 
ATOM   992  C CD2 . LEU A 1 141 ? -5.333  2.720   6.282   1.00 10.89 ? 199 LEU E CD2 1 
ATOM   993  N N   . PHE A 1 142 ? -8.155  1.186   2.763   1.00 6.96  ? 200 PHE E N   1 
ATOM   994  C CA  . PHE A 1 142 ? -9.277  1.968   2.156   1.00 8.26  ? 200 PHE E CA  1 
ATOM   995  C C   . PHE A 1 142 ? -10.510 1.891   3.077   1.00 9.81  ? 200 PHE E C   1 
ATOM   996  O O   . PHE A 1 142 ? -10.591 1.122   4.041   1.00 11.04 ? 200 PHE E O   1 
ATOM   997  C CB  . PHE A 1 142 ? -9.601  1.367   0.756   1.00 6.78  ? 200 PHE E CB  1 
ATOM   998  C CG  . PHE A 1 142 ? -9.993  -0.081  0.770   1.00 10.50 ? 200 PHE E CG  1 
ATOM   999  C CD1 . PHE A 1 142 ? -11.377 -0.396  0.603   1.00 12.47 ? 200 PHE E CD1 1 
ATOM   1000 C CD2 . PHE A 1 142 ? -9.094  -1.125  0.978   1.00 11.08 ? 200 PHE E CD2 1 
ATOM   1001 C CE1 . PHE A 1 142 ? -11.835 -1.702  0.634   1.00 11.10 ? 200 PHE E CE1 1 
ATOM   1002 C CE2 . PHE A 1 142 ? -9.531  -2.455  0.999   1.00 12.48 ? 200 PHE E CE2 1 
ATOM   1003 C CZ  . PHE A 1 142 ? -10.913 -2.729  0.820   1.00 12.11 ? 200 PHE E CZ  1 
ATOM   1004 N N   . ALA A 1 143 ? -11.461 2.722   2.737   1.00 9.89  ? 201 ALA E N   1 
ATOM   1005 C CA  . ALA A 1 143 ? -12.782 2.818   3.433   1.00 13.65 ? 201 ALA E CA  1 
ATOM   1006 C C   . ALA A 1 143 ? -13.801 2.959   2.299   1.00 7.86  ? 201 ALA E C   1 
ATOM   1007 O O   . ALA A 1 143 ? -13.898 4.059   1.731   1.00 10.20 ? 201 ALA E O   1 
ATOM   1008 C CB  . ALA A 1 143 ? -12.780 3.963   4.439   1.00 12.54 ? 201 ALA E CB  1 
ATOM   1009 N N   . GLY A 1 144 ? -14.404 1.858   1.936   1.00 10.89 ? 202 GLY E N   1 
ATOM   1010 C CA  . GLY A 1 144 ? -15.424 1.992   0.787   1.00 12.58 ? 202 GLY E CA  1 
ATOM   1011 C C   . GLY A 1 144 ? -14.589 2.323   -0.459  1.00 12.82 ? 202 GLY E C   1 
ATOM   1012 O O   . GLY A 1 144 ? -13.512 1.727   -0.732  1.00 12.68 ? 202 GLY E O   1 
ATOM   1013 N N   . SER A 1 145 ? -15.081 3.312   -1.185  1.00 9.92  ? 207 SER E N   1 
ATOM   1014 C CA  . SER A 1 145 ? -14.404 3.661   -2.471  1.00 8.75  ? 207 SER E CA  1 
ATOM   1015 C C   . SER A 1 145 ? -13.322 4.744   -2.342  1.00 11.69 ? 207 SER E C   1 
ATOM   1016 O O   . SER A 1 145 ? -12.875 5.293   -3.328  1.00 9.38  ? 207 SER E O   1 
ATOM   1017 C CB  . SER A 1 145 ? -15.513 3.999   -3.466  1.00 12.15 ? 207 SER E CB  1 
ATOM   1018 O OG  . SER A 1 145 ? -16.040 5.258   -3.041  1.00 14.53 ? 207 SER E OG  1 
ATOM   1019 N N   . THR A 1 146 ? -12.964 5.010   -1.067  1.00 8.68  ? 208 THR E N   1 
ATOM   1020 C CA  . THR A 1 146 ? -11.921 6.051   -0.842  1.00 6.51  ? 208 THR E CA  1 
ATOM   1021 C C   . THR A 1 146 ? -10.594 5.368   -0.432  1.00 13.62 ? 208 THR E C   1 
ATOM   1022 O O   . THR A 1 146 ? -10.566 4.623   0.557   1.00 8.90  ? 208 THR E O   1 
ATOM   1023 C CB  . THR A 1 146 ? -12.364 7.031   0.304   1.00 12.85 ? 208 THR E CB  1 
ATOM   1024 O OG1 . THR A 1 146 ? -13.680 7.625   0.023   1.00 11.73 ? 208 THR E OG1 1 
ATOM   1025 C CG2 . THR A 1 146 ? -11.221 8.050   0.624   1.00 11.19 ? 208 THR E CG2 1 
ATOM   1026 N N   . ALA A 1 147 ? -9.571  5.661   -1.225  1.00 7.72  ? 209 ALA E N   1 
ATOM   1027 C CA  . ALA A 1 147 ? -8.196  5.173   -0.965  1.00 8.96  ? 209 ALA E CA  1 
ATOM   1028 C C   . ALA A 1 147 ? -7.592  6.017   0.156   1.00 9.33  ? 209 ALA E C   1 
ATOM   1029 O O   . ALA A 1 147 ? -7.724  7.276   0.130   1.00 7.70  ? 209 ALA E O   1 
ATOM   1030 C CB  . ALA A 1 147 ? -7.339  5.349   -2.233  1.00 7.41  ? 209 ALA E CB  1 
ATOM   1031 N N   . LEU A 1 148 ? -6.914  5.366   1.137   1.00 6.78  ? 210 LEU E N   1 
ATOM   1032 C CA  . LEU A 1 148 ? -6.313  6.044   2.241   1.00 5.71  ? 210 LEU E CA  1 
ATOM   1033 C C   . LEU A 1 148 ? -4.795  5.804   2.449   1.00 5.93  ? 210 LEU E C   1 
ATOM   1034 O O   . LEU A 1 148 ? -4.204  6.792   2.873   1.00 10.59 ? 210 LEU E O   1 
ATOM   1035 C CB  . LEU A 1 148 ? -6.989  5.572   3.567   1.00 7.13  ? 210 LEU E CB  1 
ATOM   1036 C CG  . LEU A 1 148 ? -8.538  5.813   3.570   1.00 7.60  ? 210 LEU E CG  1 
ATOM   1037 C CD1 . LEU A 1 148 ? -9.109  5.034   4.761   1.00 10.43 ? 210 LEU E CD1 1 
ATOM   1038 C CD2 . LEU A 1 148 ? -8.827  7.286   3.642   1.00 8.53  ? 210 LEU E CD2 1 
ATOM   1039 N N   . GLY A 1 149 ? -4.330  4.612   2.246   1.00 5.40  ? 211 GLY E N   1 
ATOM   1040 C CA  . GLY A 1 149 ? -2.896  4.373   2.501   1.00 8.37  ? 211 GLY E CA  1 
ATOM   1041 C C   . GLY A 1 149 ? -2.347  3.136   1.886   1.00 6.93  ? 211 GLY E C   1 
ATOM   1042 O O   . GLY A 1 149 ? -3.004  2.365   1.187   1.00 6.94  ? 211 GLY E O   1 
ATOM   1043 N N   . LEU A 1 150 ? -0.994  2.997   2.107   1.00 7.35  ? 212 LEU E N   1 
ATOM   1044 C CA  . LEU A 1 150 ? -0.248  1.842   1.566   1.00 6.79  ? 212 LEU E CA  1 
ATOM   1045 C C   . LEU A 1 150 ? 0.385   1.141   2.797   1.00 6.46  ? 212 LEU E C   1 
ATOM   1046 O O   . LEU A 1 150 ? 1.093   1.793   3.581   1.00 9.36  ? 212 LEU E O   1 
ATOM   1047 C CB  . LEU A 1 150 ? 0.794   2.308   0.587   1.00 6.41  ? 212 LEU E CB  1 
ATOM   1048 C CG  . LEU A 1 150 ? 0.335   3.284   -0.494  1.00 6.95  ? 212 LEU E CG  1 
ATOM   1049 C CD1 . LEU A 1 150 ? 1.553   4.064   -1.030  1.00 7.23  ? 212 LEU E CD1 1 
ATOM   1050 C CD2 . LEU A 1 150 ? -0.310  2.475   -1.625  1.00 10.94 ? 212 LEU E CD2 1 
ATOM   1051 N N   . THR A 1 151 ? 0.186   -0.143  2.845   1.00 5.77  ? 213 THR E N   1 
ATOM   1052 C CA  . THR A 1 151 ? 0.765   -0.898  4.018   1.00 5.02  ? 213 THR E CA  1 
ATOM   1053 C C   . THR A 1 151 ? 2.294   -0.768  4.079   1.00 7.09  ? 213 THR E C   1 
ATOM   1054 O O   . THR A 1 151 ? 2.989   -1.133  3.129   1.00 7.44  ? 213 THR E O   1 
ATOM   1055 C CB  . THR A 1 151 ? 0.362   -2.401  3.965   1.00 7.02  ? 213 THR E CB  1 
ATOM   1056 O OG1 . THR A 1 151 ? -1.081  -2.419  3.776   1.00 8.94  ? 213 THR E OG1 1 
ATOM   1057 C CG2 . THR A 1 151 ? 0.705   -3.151  5.273   1.00 6.80  ? 213 THR E CG2 1 
ATOM   1058 N N   . SER A 1 152 ? 2.792   -0.367  5.253   1.00 9.74  ? 214 SER E N   1 
ATOM   1059 C CA  . SER A 1 152 ? 4.257   -0.238  5.434   1.00 6.67  ? 214 SER E CA  1 
ATOM   1060 C C   . SER A 1 152 ? 4.804   -1.347  6.315   1.00 10.73 ? 214 SER E C   1 
ATOM   1061 O O   . SER A 1 152 ? 5.690   -2.147  5.906   1.00 13.07 ? 214 SER E O   1 
ATOM   1062 C CB  . SER A 1 152 ? 4.559   1.145   5.987   1.00 7.05  ? 214 SER E CB  1 
ATOM   1063 O OG  . SER A 1 152 ? 5.978   1.263   6.291   1.00 12.76 ? 214 SER E OG  1 
ATOM   1064 N N   . GLY A 1 153 ? 4.269   -1.433  7.515   1.00 9.71  ? 215 GLY E N   1 
ATOM   1065 C CA  . GLY A 1 153 ? 4.844   -2.497  8.459   1.00 8.99  ? 215 GLY E CA  1 
ATOM   1066 C C   . GLY A 1 153 ? 4.017   -2.490  9.735   1.00 12.66 ? 215 GLY E C   1 
ATOM   1067 O O   . GLY A 1 153 ? 2.894   -1.976  9.813   1.00 11.70 ? 215 GLY E O   1 
ATOM   1068 N N   . GLY A 1 154 ? 4.643   -3.136  10.745  1.00 15.80 ? 216 GLY E N   1 
ATOM   1069 C CA  . GLY A 1 154 ? 3.954   -3.225  12.072  1.00 15.57 ? 216 GLY E CA  1 
ATOM   1070 C C   . GLY A 1 154 ? 4.551   -4.347  12.909  1.00 17.92 ? 216 GLY E C   1 
ATOM   1071 O O   . GLY A 1 154 ? 5.661   -4.803  12.670  1.00 13.60 ? 216 GLY E O   1 
ATOM   1072 N N   . SER A 1 155 ? 3.763   -4.727  13.890  1.00 17.02 ? 217 SER E N   1 
ATOM   1073 C CA  . SER A 1 155 ? 4.121   -5.802  14.859  1.00 18.69 ? 217 SER E CA  1 
ATOM   1074 C C   . SER A 1 155 ? 2.964   -6.791  14.887  1.00 20.92 ? 217 SER E C   1 
ATOM   1075 O O   . SER A 1 155 ? 1.811   -6.510  14.480  1.00 15.60 ? 217 SER E O   1 
ATOM   1076 C CB  . SER A 1 155 ? 4.437   -5.139  16.182  1.00 19.34 ? 217 SER E CB  1 
ATOM   1077 O OG  . SER A 1 155 ? 3.272   -4.465  16.625  1.00 28.18 ? 217 SER E OG  1 
ATOM   1078 N N   . GLY A 1 156 ? 3.263   -7.975  15.337  1.00 18.31 ? 218 GLY E N   1 
ATOM   1079 C CA  . GLY A 1 156 ? 2.310   -9.083  15.464  1.00 22.13 ? 218 GLY E CA  1 
ATOM   1080 C C   . GLY A 1 156 ? 2.044   -9.760  14.140  1.00 19.72 ? 218 GLY E C   1 
ATOM   1081 O O   . GLY A 1 156 ? 2.856   -9.713  13.194  1.00 24.17 ? 218 GLY E O   1 
ATOM   1082 N N   . ASN A 1 157 ? 0.854   -10.393 14.127  1.00 21.65 ? 219 ASN E N   1 
ATOM   1083 C CA  . ASN A 1 157 ? 0.388   -11.133 12.988  1.00 19.00 ? 219 ASN E CA  1 
ATOM   1084 C C   . ASN A 1 157 ? -1.138  -11.329 13.010  1.00 18.83 ? 219 ASN E C   1 
ATOM   1085 O O   . ASN A 1 157 ? -1.778  -10.859 13.938  1.00 19.55 ? 219 ASN E O   1 
ATOM   1086 C CB  . ASN A 1 157 ? 1.183   -12.456 12.872  1.00 29.58 ? 219 ASN E CB  1 
ATOM   1087 C CG  . ASN A 1 157 ? 0.970   -13.210 14.207  1.00 33.44 ? 219 ASN E CG  1 
ATOM   1088 O OD1 . ASN A 1 157 ? -0.121  -13.781 14.343  1.00 35.36 ? 219 ASN E OD1 1 
ATOM   1089 N ND2 . ASN A 1 157 ? 1.972   -13.101 15.078  1.00 36.20 ? 219 ASN E ND2 1 
ATOM   1090 N N   . CYS A 1 158 ? -1.614  -11.995 11.980  1.00 20.05 ? 220 CYS E N   1 
ATOM   1091 C CA  . CYS A 1 158 ? -3.080  -12.167 11.855  1.00 22.17 ? 220 CYS E CA  1 
ATOM   1092 C C   . CYS A 1 158 ? -3.655  -13.259 12.722  1.00 27.66 ? 220 CYS E C   1 
ATOM   1093 O O   . CYS A 1 158 ? -4.892  -13.499 12.602  1.00 27.62 ? 220 CYS E O   1 
ATOM   1094 C CB  . CYS A 1 158 ? -3.410  -12.287 10.375  1.00 20.93 ? 220 CYS E CB  1 
ATOM   1095 S SG  . CYS A 1 158 ? -3.396  -10.632 9.613   1.00 17.31 ? 220 CYS E SG  1 
ATOM   1096 N N   . ARG A 1 159 ? -2.827  -13.862 13.558  1.00 29.16 ? 221 ARG E N   1 
ATOM   1097 C CA  . ARG A 1 159 ? -3.449  -14.920 14.434  1.00 31.03 ? 221 ARG E CA  1 
ATOM   1098 C C   . ARG A 1 159 ? -3.571  -14.328 15.818  1.00 35.25 ? 221 ARG E C   1 
ATOM   1099 O O   . ARG A 1 159 ? -4.571  -14.582 16.506  1.00 38.20 ? 221 ARG E O   1 
ATOM   1100 C CB  . ARG A 1 159 ? -2.651  -16.208 14.378  1.00 33.87 ? 221 ARG E CB  1 
ATOM   1101 N N   . THR A 1 160 ? -2.567  -13.534 16.158  1.00 33.51 ? 222 THR E N   1 
ATOM   1102 C CA  . THR A 1 160 ? -2.547  -12.912 17.510  1.00 36.09 ? 222 THR E CA  1 
ATOM   1103 C C   . THR A 1 160 ? -2.993  -11.475 17.482  1.00 35.76 ? 222 THR E C   1 
ATOM   1104 O O   . THR A 1 160 ? -3.291  -10.863 18.537  1.00 36.17 ? 222 THR E O   1 
ATOM   1105 C CB  . THR A 1 160 ? -1.099  -13.185 18.080  1.00 37.95 ? 222 THR E CB  1 
ATOM   1106 O OG1 . THR A 1 160 ? -0.190  -12.092 17.697  1.00 43.96 ? 222 THR E OG1 1 
ATOM   1107 C CG2 . THR A 1 160 ? -0.581  -14.550 17.585  1.00 40.87 ? 222 THR E CG2 1 
ATOM   1108 N N   . GLY A 1 161 ? -3.017  -10.976 16.247  1.00 33.58 ? 223 GLY E N   1 
ATOM   1109 C CA  . GLY A 1 161 ? -3.397  -9.563  15.965  1.00 30.23 ? 223 GLY E CA  1 
ATOM   1110 C C   . GLY A 1 161 ? -2.086  -8.762  16.122  1.00 30.68 ? 223 GLY E C   1 
ATOM   1111 O O   . GLY A 1 161 ? -1.038  -9.350  16.479  1.00 27.17 ? 223 GLY E O   1 
ATOM   1112 N N   . GLY A 1 162 ? -2.215  -7.469  15.846  1.00 28.04 ? 224 GLY E N   1 
ATOM   1113 C CA  . GLY A 1 162 ? -1.009  -6.609  15.971  1.00 26.04 ? 224 GLY E CA  1 
ATOM   1114 C C   . GLY A 1 162 ? -1.428  -5.211  15.554  1.00 24.35 ? 224 GLY E C   1 
ATOM   1115 O O   . GLY A 1 162 ? -2.630  -4.967  15.416  1.00 22.22 ? 224 GLY E O   1 
ATOM   1116 N N   . THR A 1 163 ? -0.419  -4.365  15.432  1.00 19.43 ? 225 THR E N   1 
ATOM   1117 C CA  . THR A 1 163 ? -0.534  -2.960  15.070  1.00 16.83 ? 225 THR E CA  1 
ATOM   1118 C C   . THR A 1 163 ? 0.133   -2.772  13.706  1.00 18.40 ? 225 THR E C   1 
ATOM   1119 O O   . THR A 1 163 ? 1.210   -3.404  13.520  1.00 17.61 ? 225 THR E O   1 
ATOM   1120 C CB  . THR A 1 163 ? 0.216   -2.097  16.139  1.00 18.69 ? 225 THR E CB  1 
ATOM   1121 O OG1 . THR A 1 163 ? -0.480  -2.424  17.353  1.00 25.15 ? 225 THR E OG1 1 
ATOM   1122 C CG2 . THR A 1 163 ? 0.261   -0.577  15.905  1.00 18.97 ? 225 THR E CG2 1 
ATOM   1123 N N   . THR A 1 164 ? -0.503  -1.992  12.859  1.00 13.74 ? 226 THR E N   1 
ATOM   1124 C CA  . THR A 1 164 ? 0.106   -1.789  11.525  1.00 14.52 ? 226 THR E CA  1 
ATOM   1125 C C   . THR A 1 164 ? 0.087   -0.304  11.226  1.00 10.42 ? 226 THR E C   1 
ATOM   1126 O O   . THR A 1 164 ? -0.723  0.468   11.727  1.00 10.73 ? 226 THR E O   1 
ATOM   1127 C CB  . THR A 1 164 ? -0.515  -2.713  10.442  1.00 16.34 ? 226 THR E CB  1 
ATOM   1128 O OG1 . THR A 1 164 ? -1.926  -2.362  10.413  1.00 15.53 ? 226 THR E OG1 1 
ATOM   1129 C CG2 . THR A 1 164 ? -0.263  -4.197  10.757  1.00 16.80 ? 226 THR E CG2 1 
ATOM   1130 N N   . PHE A 1 165 ? 1.143   0.044   10.403  1.00 9.16  ? 227 PHE E N   1 
ATOM   1131 C CA  . PHE A 1 165 ? 1.338   1.444   9.999   1.00 6.23  ? 227 PHE E CA  1 
ATOM   1132 C C   . PHE A 1 165 ? 1.242   1.577   8.466   1.00 8.79  ? 227 PHE E C   1 
ATOM   1133 O O   . PHE A 1 165 ? 1.736   0.652   7.793   1.00 8.27  ? 227 PHE E O   1 
ATOM   1134 C CB  . PHE A 1 165 ? 2.763   1.914   10.425  1.00 10.76 ? 227 PHE E CB  1 
ATOM   1135 C CG  . PHE A 1 165 ? 2.840   1.750   11.949  1.00 10.14 ? 227 PHE E CG  1 
ATOM   1136 C CD1 . PHE A 1 165 ? 3.397   0.589   12.457  1.00 14.97 ? 227 PHE E CD1 1 
ATOM   1137 C CD2 . PHE A 1 165 ? 2.339   2.755   12.740  1.00 13.07 ? 227 PHE E CD2 1 
ATOM   1138 C CE1 . PHE A 1 165 ? 3.492   0.440   13.857  1.00 15.40 ? 227 PHE E CE1 1 
ATOM   1139 C CE2 . PHE A 1 165 ? 2.405   2.626   14.155  1.00 17.71 ? 227 PHE E CE2 1 
ATOM   1140 C CZ  . PHE A 1 165 ? 2.981   1.445   14.676  1.00 16.99 ? 227 PHE E CZ  1 
ATOM   1141 N N   . TYR A 1 166 ? 0.646   2.660   8.033   1.00 7.76  ? 228 TYR E N   1 
ATOM   1142 C CA  . TYR A 1 166 ? 0.459   2.894   6.585   1.00 8.22  ? 228 TYR E CA  1 
ATOM   1143 C C   . TYR A 1 166 ? 0.928   4.271   6.159   1.00 6.29  ? 228 TYR E C   1 
ATOM   1144 O O   . TYR A 1 166 ? 0.713   5.268   6.859   1.00 9.11  ? 228 TYR E O   1 
ATOM   1145 C CB  . TYR A 1 166 ? -1.103  2.914   6.239   1.00 7.53  ? 228 TYR E CB  1 
ATOM   1146 C CG  . TYR A 1 166 ? -1.646  1.551   6.688   1.00 8.31  ? 228 TYR E CG  1 
ATOM   1147 C CD1 . TYR A 1 166 ? -1.924  0.531   5.761   1.00 10.46 ? 228 TYR E CD1 1 
ATOM   1148 C CD2 . TYR A 1 166 ? -1.848  1.301   8.017   1.00 9.07  ? 228 TYR E CD2 1 
ATOM   1149 C CE1 . TYR A 1 166 ? -2.342  -0.735  6.165   1.00 5.73  ? 228 TYR E CE1 1 
ATOM   1150 C CE2 . TYR A 1 166 ? -2.297  0.036   8.460   1.00 8.29  ? 228 TYR E CE2 1 
ATOM   1151 C CZ  . TYR A 1 166 ? -2.508  -0.958  7.538   1.00 10.21 ? 228 TYR E CZ  1 
ATOM   1152 O OH  . TYR A 1 166 ? -2.928  -2.179  8.052   1.00 13.05 ? 228 TYR E OH  1 
ATOM   1153 N N   . GLN A 1 167 ? 1.471   4.304   4.976   1.00 6.83  ? 229 GLN E N   1 
ATOM   1154 C CA  . GLN A 1 167 ? 1.885   5.594   4.331   1.00 6.07  ? 229 GLN E CA  1 
ATOM   1155 C C   . GLN A 1 167 ? 0.587   6.210   3.796   1.00 5.29  ? 229 GLN E C   1 
ATOM   1156 O O   . GLN A 1 167 ? -0.182  5.577   3.008   1.00 9.43  ? 229 GLN E O   1 
ATOM   1157 C CB  . GLN A 1 167 ? 2.816   5.265   3.172   1.00 3.07  ? 229 GLN E CB  1 
ATOM   1158 C CG  . GLN A 1 167 ? 3.050   6.425   2.173   1.00 6.92  ? 229 GLN E CG  1 
ATOM   1159 C CD  . GLN A 1 167 ? 3.869   7.570   2.732   1.00 7.19  ? 229 GLN E CD  1 
ATOM   1160 O OE1 . GLN A 1 167 ? 4.991   7.388   3.183   1.00 6.49  ? 229 GLN E OE1 1 
ATOM   1161 N NE2 . GLN A 1 167 ? 3.273   8.787   2.633   1.00 9.61  ? 229 GLN E NE2 1 
ATOM   1162 N N   . PRO A 1 168 ? 0.281   7.433   4.141   1.00 8.23  ? 230 PRO E N   1 
ATOM   1163 C CA  . PRO A 1 168 ? -0.903  8.137   3.658   1.00 4.49  ? 230 PRO E CA  1 
ATOM   1164 C C   . PRO A 1 168 ? -0.781  8.229   2.110   1.00 6.84  ? 230 PRO E C   1 
ATOM   1165 O O   . PRO A 1 168 ? 0.307   8.615   1.584   1.00 5.19  ? 230 PRO E O   1 
ATOM   1166 C CB  . PRO A 1 168 ? -0.885  9.460   4.353   1.00 8.52  ? 230 PRO E CB  1 
ATOM   1167 C CG  . PRO A 1 168 ? -0.034  9.206   5.581   1.00 10.25 ? 230 PRO E CG  1 
ATOM   1168 C CD  . PRO A 1 168 ? 1.059   8.269   5.083   1.00 9.07  ? 230 PRO E CD  1 
ATOM   1169 N N   . VAL A 1 169 ? -1.835  7.802   1.410   1.00 4.46  ? 231 VAL E N   1 
ATOM   1170 C CA  . VAL A 1 169 ? -1.782  7.774   -0.072  1.00 7.93  ? 231 VAL E CA  1 
ATOM   1171 C C   . VAL A 1 169 ? -1.741  9.154   -0.725  1.00 7.67  ? 231 VAL E C   1 
ATOM   1172 O O   . VAL A 1 169 ? -1.156  9.304   -1.840  1.00 7.07  ? 231 VAL E O   1 
ATOM   1173 C CB  . VAL A 1 169 ? -2.954  6.836   -0.604  1.00 10.13 ? 231 VAL E CB  1 
ATOM   1174 C CG1 . VAL A 1 169 ? -4.273  7.529   -0.623  1.00 5.73  ? 231 VAL E CG1 1 
ATOM   1175 C CG2 . VAL A 1 169 ? -2.531  6.250   -1.962  1.00 11.92 ? 231 VAL E CG2 1 
ATOM   1176 N N   . THR A 1 170 ? -2.349  10.148  -0.121  1.00 7.29  ? 232 THR E N   1 
ATOM   1177 C CA  . THR A 1 170 ? -2.333  11.498  -0.709  1.00 10.36 ? 232 THR E CA  1 
ATOM   1178 C C   . THR A 1 170 ? -0.898  12.029  -0.835  1.00 8.85  ? 232 THR E C   1 
ATOM   1179 O O   . THR A 1 170 ? -0.671  12.716  -1.847  1.00 10.17 ? 232 THR E O   1 
ATOM   1180 C CB  . THR A 1 170 ? -3.262  12.486  0.051   1.00 12.31 ? 232 THR E CB  1 
ATOM   1181 O OG1 . THR A 1 170 ? -2.722  12.362  1.430   1.00 18.74 ? 232 THR E OG1 1 
ATOM   1182 C CG2 . THR A 1 170 ? -4.742  12.072  0.075   1.00 18.05 ? 232 THR E CG2 1 
ATOM   1183 N N   . GLU A 1 171 ? 0.029   11.714  0.068   1.00 8.74  ? 233 GLU E N   1 
ATOM   1184 C CA  . GLU A 1 171 ? 1.390   12.229  -0.061  1.00 13.56 ? 233 GLU E CA  1 
ATOM   1185 C C   . GLU A 1 171 ? 2.074   11.581  -1.254  1.00 8.71  ? 233 GLU E C   1 
ATOM   1186 O O   . GLU A 1 171 ? 2.746   12.300  -1.990  1.00 10.97 ? 233 GLU E O   1 
ATOM   1187 C CB  . GLU A 1 171 ? 2.144   12.070  1.250   1.00 15.93 ? 233 GLU E CB  1 
ATOM   1188 C CG  . GLU A 1 171 ? 3.541   12.515  1.411   1.00 34.55 ? 233 GLU E CG  1 
ATOM   1189 C CD  . GLU A 1 171 ? 4.343   12.147  2.638   1.00 37.72 ? 233 GLU E CD  1 
ATOM   1190 O OE1 . GLU A 1 171 ? 4.091   11.316  3.491   1.00 34.02 ? 233 GLU E OE1 1 
ATOM   1191 O OE2 . GLU A 1 171 ? 5.391   12.881  2.674   1.00 50.04 ? 233 GLU E OE2 1 
ATOM   1192 N N   . ALA A 1 172 ? 1.882   10.327  -1.462  1.00 8.56  ? 234 ALA E N   1 
ATOM   1193 C CA  . ALA A 1 172 ? 2.415   9.558   -2.612  1.00 7.96  ? 234 ALA E CA  1 
ATOM   1194 C C   . ALA A 1 172 ? 1.798   10.087  -3.900  1.00 8.12  ? 234 ALA E C   1 
ATOM   1195 O O   . ALA A 1 172 ? 2.528   10.329  -4.864  1.00 10.94 ? 234 ALA E O   1 
ATOM   1196 C CB  . ALA A 1 172 ? 2.110   8.082   -2.349  1.00 10.47 ? 234 ALA E CB  1 
ATOM   1197 N N   . LEU A 1 173 ? 0.490   10.351  -3.974  1.00 8.84  ? 235 LEU E N   1 
ATOM   1198 C CA  . LEU A 1 173 ? -0.126  10.874  -5.199  1.00 8.53  ? 235 LEU E CA  1 
ATOM   1199 C C   . LEU A 1 173 ? 0.447   12.251  -5.563  1.00 12.52 ? 235 LEU E C   1 
ATOM   1200 O O   . LEU A 1 173 ? 0.724   12.544  -6.724  1.00 13.96 ? 235 LEU E O   1 
ATOM   1201 C CB  . LEU A 1 173 ? -1.640  10.982  -5.020  1.00 10.38 ? 235 LEU E CB  1 
ATOM   1202 C CG  . LEU A 1 173 ? -2.343  9.609   -4.902  1.00 9.66  ? 235 LEU E CG  1 
ATOM   1203 C CD1 . LEU A 1 173 ? -3.768  9.860   -4.462  1.00 12.78 ? 235 LEU E CD1 1 
ATOM   1204 C CD2 . LEU A 1 173 ? -2.337  8.807   -6.183  1.00 8.63  ? 235 LEU E CD2 1 
ATOM   1205 N N   . SER A 1 174 A 0.604   13.110  -4.556  1.00 14.81 ? 235 SER E N   1 
ATOM   1206 C CA  . SER A 1 174 A 1.133   14.464  -4.873  1.00 16.74 ? 235 SER E CA  1 
ATOM   1207 C C   . SER A 1 174 A 2.620   14.385  -5.195  1.00 16.26 ? 235 SER E C   1 
ATOM   1208 O O   . SER A 1 174 A 3.048   15.201  -6.027  1.00 14.38 ? 235 SER E O   1 
ATOM   1209 C CB  . SER A 1 174 A 0.749   15.465  -3.808  1.00 14.65 ? 235 SER E CB  1 
ATOM   1210 O OG  . SER A 1 174 A 1.482   15.184  -2.683  1.00 27.69 ? 235 SER E OG  1 
ATOM   1211 N N   . ALA A 1 175 ? 3.392   13.505  -4.644  1.00 14.42 ? 236 ALA E N   1 
ATOM   1212 C CA  . ALA A 1 175 ? 4.831   13.384  -4.959  1.00 14.21 ? 236 ALA E CA  1 
ATOM   1213 C C   . ALA A 1 175 ? 5.005   13.147  -6.442  1.00 12.96 ? 236 ALA E C   1 
ATOM   1214 O O   . ALA A 1 175 ? 6.004   13.525  -7.065  1.00 14.02 ? 236 ALA E O   1 
ATOM   1215 C CB  . ALA A 1 175 ? 5.416   12.192  -4.136  1.00 12.53 ? 236 ALA E CB  1 
ATOM   1216 N N   . TYR A 1 176 ? 4.070   12.375  -7.027  1.00 10.14 ? 237 TYR E N   1 
ATOM   1217 C CA  . TYR A 1 176 ? 4.174   11.974  -8.449  1.00 10.11 ? 237 TYR E CA  1 
ATOM   1218 C C   . TYR A 1 176 ? 3.184   12.625  -9.368  1.00 7.04  ? 237 TYR E C   1 
ATOM   1219 O O   . TYR A 1 176 ? 3.225   12.222  -10.579 1.00 10.56 ? 237 TYR E O   1 
ATOM   1220 C CB  . TYR A 1 176 ? 4.136   10.402  -8.543  1.00 9.05  ? 237 TYR E CB  1 
ATOM   1221 C CG  . TYR A 1 176 ? 5.192   9.719   -7.704  1.00 9.70  ? 237 TYR E CG  1 
ATOM   1222 C CD1 . TYR A 1 176 ? 6.568   10.074  -7.829  1.00 11.17 ? 237 TYR E CD1 1 
ATOM   1223 C CD2 . TYR A 1 176 ? 4.854   8.749   -6.794  1.00 8.26  ? 237 TYR E CD2 1 
ATOM   1224 C CE1 . TYR A 1 176 ? 7.547   9.456   -7.039  1.00 14.48 ? 237 TYR E CE1 1 
ATOM   1225 C CE2 . TYR A 1 176 ? 5.808   8.068   -5.983  1.00 7.90  ? 237 TYR E CE2 1 
ATOM   1226 C CZ  . TYR A 1 176 ? 7.183   8.465   -6.138  1.00 7.80  ? 237 TYR E CZ  1 
ATOM   1227 O OH  . TYR A 1 176 ? 8.117   7.819   -5.375  1.00 11.93 ? 237 TYR E OH  1 
ATOM   1228 N N   . GLY A 1 177 ? 2.327   13.495  -8.865  1.00 9.19  ? 238 GLY E N   1 
ATOM   1229 C CA  . GLY A 1 177 ? 1.287   14.128  -9.739  1.00 12.28 ? 238 GLY E CA  1 
ATOM   1230 C C   . GLY A 1 177 ? 0.321   13.056  -10.277 1.00 11.69 ? 238 GLY E C   1 
ATOM   1231 O O   . GLY A 1 177 ? -0.021  13.047  -11.506 1.00 13.16 ? 238 GLY E O   1 
ATOM   1232 N N   . ALA A 1 178 ? -0.053  12.143  -9.415  1.00 9.76  ? 239 ALA E N   1 
ATOM   1233 C CA  . ALA A 1 178 ? -0.929  11.012  -9.852  1.00 8.87  ? 239 ALA E CA  1 
ATOM   1234 C C   . ALA A 1 178 ? -2.327  11.164  -9.305  1.00 10.67 ? 239 ALA E C   1 
ATOM   1235 O O   . ALA A 1 178 ? -2.538  11.879  -8.301  1.00 10.62 ? 239 ALA E O   1 
ATOM   1236 C CB  . ALA A 1 178 ? -0.256  9.757   -9.340  1.00 7.19  ? 239 ALA E CB  1 
ATOM   1237 N N   . THR A 1 179 ? -3.275  10.527  -9.944  1.00 10.31 ? 240 THR E N   1 
ATOM   1238 C CA  . THR A 1 179 ? -4.675  10.506  -9.489  1.00 9.95  ? 240 THR E CA  1 
ATOM   1239 C C   . THR A 1 179 ? -5.105  9.032   -9.490  1.00 10.34 ? 240 THR E C   1 
ATOM   1240 O O   . THR A 1 179 ? -4.673  8.309   -10.412 1.00 11.58 ? 240 THR E O   1 
ATOM   1241 C CB  . THR A 1 179 ? -5.603  11.425  -10.344 1.00 18.43 ? 240 THR E CB  1 
ATOM   1242 O OG1 . THR A 1 179 ? -5.529  10.957  -11.719 1.00 22.18 ? 240 THR E OG1 1 
ATOM   1243 C CG2 . THR A 1 179 ? -5.200  12.891  -10.352 1.00 22.20 ? 240 THR E CG2 1 
ATOM   1244 N N   . VAL A 1 180 ? -5.886  8.623   -8.493  1.00 10.09 ? 241 VAL E N   1 
ATOM   1245 C CA  . VAL A 1 180 ? -6.335  7.242   -8.422  1.00 11.46 ? 241 VAL E CA  1 
ATOM   1246 C C   . VAL A 1 180 ? -7.328  6.949   -9.565  1.00 10.08 ? 241 VAL E C   1 
ATOM   1247 O O   . VAL A 1 180 ? -8.057  7.839   -10.005 1.00 9.89  ? 241 VAL E O   1 
ATOM   1248 C CB  . VAL A 1 180 ? -6.945  6.810   -7.056  1.00 15.00 ? 241 VAL E CB  1 
ATOM   1249 C CG1 . VAL A 1 180 ? -5.909  6.867   -5.972  1.00 17.92 ? 241 VAL E CG1 1 
ATOM   1250 C CG2 . VAL A 1 180 ? -8.195  7.545   -6.697  1.00 14.67 ? 241 VAL E CG2 1 
ATOM   1251 N N   . LEU A 1 181 ? -7.251  5.716   -10.041 1.00 9.32  ? 242 LEU E N   1 
ATOM   1252 C CA  . LEU A 1 181 ? -8.161  5.280   -11.144 1.00 9.35  ? 242 LEU E CA  1 
ATOM   1253 C C   . LEU A 1 181 ? -9.429  4.644   -10.473 1.00 14.56 ? 242 LEU E C   1 
ATOM   1254 O O   . LEU A 1 181 ? -9.272  3.994   -9.460  1.00 12.73 ? 242 LEU E O   1 
ATOM   1255 C CB  . LEU A 1 181 ? -7.484  4.314   -12.066 1.00 8.15  ? 242 LEU E CB  1 
ATOM   1256 C CG  . LEU A 1 181 ? -6.386  4.787   -12.989 1.00 8.96  ? 242 LEU E CG  1 
ATOM   1257 C CD1 . LEU A 1 181 ? -5.703  3.535   -13.546 1.00 9.88  ? 242 LEU E CD1 1 
ATOM   1258 C CD2 . LEU A 1 181 ? -6.873  5.684   -14.090 1.00 15.58 ? 242 LEU E CD2 1 
ATOM   1259 O OXT . LEU A 1 181 ? -10.526 4.803   -10.999 1.00 14.50 ? 242 LEU E OXT 1 
HETATM 1260 C C   . ACE B 2 1   ? 9.004   -4.318  16.036  1.00 36.72 ? 5   ACE P C   1 
HETATM 1261 O O   . ACE B 2 1   ? 8.946   -5.341  15.347  1.00 37.57 ? 5   ACE P O   1 
HETATM 1262 C CH3 . ACE B 2 1   ? 9.588   -4.301  17.419  1.00 39.74 ? 5   ACE P CH3 1 
ATOM   1263 N N   . PRO B 2 2   ? 8.556   -3.062  15.644  1.00 30.07 ? 4   PRO P N   1 
ATOM   1264 C CA  . PRO B 2 2   ? 7.870   -3.090  14.321  1.00 25.16 ? 4   PRO P CA  1 
ATOM   1265 C C   . PRO B 2 2   ? 8.919   -3.361  13.275  1.00 23.18 ? 4   PRO P C   1 
ATOM   1266 O O   . PRO B 2 2   ? 10.154  -3.139  13.472  1.00 18.89 ? 4   PRO P O   1 
ATOM   1267 C CB  . PRO B 2 2   ? 7.164   -1.758  14.239  1.00 26.75 ? 4   PRO P CB  1 
ATOM   1268 C CG  . PRO B 2 2   ? 8.147   -0.815  14.895  1.00 27.39 ? 4   PRO P CG  1 
ATOM   1269 C CD  . PRO B 2 2   ? 8.683   -1.609  16.075  1.00 26.08 ? 4   PRO P CD  1 
ATOM   1270 N N   . ALA B 2 3   ? 8.432   -3.867  12.157  1.00 21.09 ? 3   ALA P N   1 
ATOM   1271 C CA  . ALA B 2 3   ? 9.276   -4.205  10.998  1.00 20.57 ? 3   ALA P CA  1 
ATOM   1272 C C   . ALA B 2 3   ? 8.470   -4.004  9.710   1.00 17.83 ? 3   ALA P C   1 
ATOM   1273 O O   . ALA B 2 3   ? 7.231   -4.086  9.728   1.00 14.64 ? 3   ALA P O   1 
ATOM   1274 C CB  . ALA B 2 3   ? 9.683   -5.676  11.067  1.00 21.35 ? 3   ALA P CB  1 
ATOM   1275 N N   . PRO B 2 4   ? 9.207   -3.813  8.643   1.00 16.26 ? 2   PRO P N   1 
ATOM   1276 C CA  . PRO B 2 4   ? 8.607   -3.620  7.313   1.00 13.96 ? 2   PRO P CA  1 
ATOM   1277 C C   . PRO B 2 4   ? 8.015   -4.936  6.856   1.00 16.32 ? 2   PRO P C   1 
ATOM   1278 O O   . PRO B 2 4   ? 8.723   -5.977  7.006   1.00 16.09 ? 2   PRO P O   1 
ATOM   1279 C CB  . PRO B 2 4   ? 9.759   -3.190  6.412   1.00 15.54 ? 2   PRO P CB  1 
ATOM   1280 C CG  . PRO B 2 4   ? 10.953  -2.970  7.327   1.00 16.88 ? 2   PRO P CG  1 
ATOM   1281 C CD  . PRO B 2 4   ? 10.685  -3.739  8.591   1.00 18.82 ? 2   PRO P CD  1 
ATOM   1282 N N   . PHE B 2 5   ? 6.789   -4.935  6.375   1.00 10.52 ? 1   PHE P N   1 
ATOM   1283 C CA  . PHE B 2 5   ? 6.179   -6.170  5.871   1.00 14.43 ? 1   PHE P CA  1 
ATOM   1284 C C   . PHE B 2 5   ? 6.500   -6.313  4.348   1.00 13.94 ? 1   PHE P C   1 
ATOM   1285 O O   . PHE B 2 5   ? 5.643   -6.996  3.667   1.00 16.43 ? 1   PHE P O   1 
ATOM   1286 C CB  . PHE B 2 5   ? 4.695   -6.240  6.212   1.00 14.76 ? 1   PHE P CB  1 
ATOM   1287 C CG  . PHE B 2 5   ? 4.442   -6.473  7.700   1.00 18.21 ? 1   PHE P CG  1 
ATOM   1288 C CD1 . PHE B 2 5   ? 5.426   -7.070  8.480   1.00 21.80 ? 1   PHE P CD1 1 
ATOM   1289 C CD2 . PHE B 2 5   ? 3.204   -6.140  8.237   1.00 19.03 ? 1   PHE P CD2 1 
ATOM   1290 C CE1 . PHE B 2 5   ? 5.192   -7.308  9.847   1.00 23.78 ? 1   PHE P CE1 1 
ATOM   1291 C CE2 . PHE B 2 5   ? 2.955   -6.373  9.610   1.00 26.45 ? 1   PHE P CE2 1 
ATOM   1292 C CZ  . PHE B 2 5   ? 3.964   -6.962  10.407  1.00 21.60 ? 1   PHE P CZ  1 
ATOM   1293 O OXT . PHE B 2 5   ? 7.567   -5.904  3.727   1.00 13.15 ? 1   PHE P OXT 1 
HETATM 1294 O O   . HOH C 3 .   ? 13.439  3.731   -11.028 0.80 18.47 ? 243 HOH E O   1 
HETATM 1295 O O   . HOH C 3 .   ? -7.507  -6.929  -12.318 1.00 17.01 ? 244 HOH E O   1 
HETATM 1296 O O   . HOH C 3 .   ? -11.306 11.501  14.619  0.90 24.00 ? 245 HOH E O   1 
HETATM 1297 O O   . HOH C 3 .   ? -7.603  -8.947  -10.628 1.00 17.45 ? 246 HOH E O   1 
HETATM 1298 O O   . HOH C 3 .   ? -8.405  12.216  13.745  1.00 19.29 ? 247 HOH E O   1 
HETATM 1299 O O   . HOH C 3 .   ? -7.885  -12.210 -8.531  0.55 19.00 ? 248 HOH E O   1 
HETATM 1300 O O   . HOH C 3 .   ? 1.293   -4.144  -16.340 1.00 9.23  ? 249 HOH E O   1 
HETATM 1301 O O   . HOH C 3 .   ? -10.494 13.083  2.905   0.55 28.00 ? 250 HOH E O   1 
HETATM 1302 O O   . HOH C 3 .   ? -3.334  10.421  16.661  0.87 22.15 ? 251 HOH E O   1 
HETATM 1303 O O   . HOH C 3 .   ? 17.287  -0.101  -6.332  0.50 23.78 ? 252 HOH E O   1 
HETATM 1304 O O   . HOH C 3 .   ? -2.388  -11.938 -4.993  1.00 19.22 ? 253 HOH E O   1 
HETATM 1305 O O   . HOH C 3 .   ? -3.855  -8.288  -14.691 0.90 19.00 ? 254 HOH E O   1 
HETATM 1306 O O   . HOH C 3 .   ? 3.459   16.769  10.811  0.38 30.00 ? 255 HOH E O   1 
HETATM 1307 O O   . HOH C 3 .   ? -5.062  12.241  8.321   0.59 21.67 ? 256 HOH E O   1 
HETATM 1308 O O   . HOH C 3 .   ? 0.914   -6.973  -16.288 1.00 19.49 ? 257 HOH E O   1 
HETATM 1309 O O   . HOH C 3 .   ? -0.699  -11.211 -8.730  0.83 15.73 ? 258 HOH E O   1 
HETATM 1310 O O   . HOH C 3 .   ? -10.415 2.709   17.305  0.70 28.00 ? 259 HOH E O   1 
HETATM 1311 O O   . HOH C 3 .   ? 0.411   8.676   16.606  0.70 25.00 ? 260 HOH E O   1 
HETATM 1312 O O   . HOH C 3 .   ? 9.343   -3.559  -17.675 0.87 11.62 ? 261 HOH E O   1 
HETATM 1313 O O   . HOH C 3 .   ? 6.243   -6.326  -17.311 0.86 12.80 ? 262 HOH E O   1 
HETATM 1314 O O   . HOH C 3 .   ? 8.012   10.538  18.170  0.38 28.78 ? 263 HOH E O   1 
HETATM 1315 O O   . HOH C 3 .   ? -4.332  9.943   5.652   1.00 21.07 ? 264 HOH E O   1 
HETATM 1316 O O   . HOH C 3 .   ? -1.259  16.157  -0.245  0.60 22.19 ? 265 HOH E O   1 
HETATM 1317 O O   . HOH C 3 .   ? -0.623  10.060  9.419   1.00 14.67 ? 266 HOH E O   1 
HETATM 1318 O O   . HOH C 3 .   ? 5.773   11.323  12.439  1.00 14.06 ? 267 HOH E O   1 
HETATM 1319 O O   . HOH C 3 .   ? 14.516  -9.895  -5.179  0.80 25.00 ? 268 HOH E O   1 
HETATM 1320 O O   . HOH C 3 .   ? -3.890  9.703   2.691   1.00 15.18 ? 269 HOH E O   1 
HETATM 1321 O O   . HOH C 3 .   ? 1.711   12.750  4.111   0.60 25.00 ? 270 HOH E O   1 
HETATM 1322 O O   . HOH C 3 .   ? 15.085  -8.656  -7.945  0.62 19.80 ? 271 HOH E O   1 
HETATM 1323 O O   . HOH C 3 .   ? 5.129   6.720   16.988  0.40 30.00 ? 272 HOH E O   1 
HETATM 1324 O O   . HOH C 3 .   ? 10.525  -8.687  -12.754 0.41 17.13 ? 273 HOH E O   1 
HETATM 1325 O O   . HOH C 3 .   ? -3.228  0.559   17.573  1.00 25.74 ? 274 HOH E O   1 
HETATM 1326 O O   . HOH C 3 .   ? -1.739  14.665  -7.728  0.80 25.52 ? 275 HOH E O   1 
HETATM 1327 O O   . HOH C 3 .   ? -14.720 -0.468  3.564   0.81 22.59 ? 276 HOH E O   1 
HETATM 1328 O O   . HOH C 3 .   ? -2.143  13.059  -13.323 1.00 28.22 ? 277 HOH E O   1 
HETATM 1329 O O   . HOH C 3 .   ? 15.416  9.669   10.899  0.80 19.00 ? 278 HOH E O   1 
HETATM 1330 O O   . HOH C 3 .   ? -13.626 4.610   -10.917 0.50 14.36 ? 279 HOH E O   1 
HETATM 1331 O O   . HOH C 3 .   ? -7.302  9.187   -14.847 0.45 30.00 ? 280 HOH E O   1 
HETATM 1332 O O   . HOH C 3 .   ? -15.785 -3.005  0.627   0.40 28.00 ? 281 HOH E O   1 
HETATM 1333 O O   . HOH C 3 .   ? 16.894  5.063   16.419  0.52 25.65 ? 282 HOH E O   1 
HETATM 1334 O O   . HOH C 3 .   ? 9.579   11.637  -2.487  0.80 15.66 ? 283 HOH E O   1 
HETATM 1335 O O   . HOH C 3 .   ? -11.902 3.070   -9.946  1.00 5.97  ? 284 HOH E O   1 
HETATM 1336 O O   . HOH C 3 .   ? 14.587  8.226   8.095   1.00 17.91 ? 285 HOH E O   1 
HETATM 1337 O O   . HOH C 3 .   ? 0.889   -5.618  18.353  0.40 28.00 ? 286 HOH E O   1 
HETATM 1338 O O   . HOH C 3 .   ? -7.239  2.984   -8.002  1.00 10.22 ? 287 HOH E O   1 
HETATM 1339 O O   . HOH C 3 .   ? -4.980  -6.998  15.178  0.91 16.20 ? 288 HOH E O   1 
HETATM 1340 O O   . HOH C 3 .   ? -10.680 -8.780  9.975   0.66 15.09 ? 289 HOH E O   1 
HETATM 1341 O O   . HOH C 3 .   ? -7.325  -7.475  11.737  1.00 23.91 ? 290 HOH E O   1 
HETATM 1342 O O   . HOH C 3 .   ? -2.216  12.656  -22.006 0.45 32.00 ? 291 HOH E O   1 
HETATM 1343 O O   . HOH C 3 .   ? -12.184 1.995   -12.291 0.50 26.88 ? 292 HOH E O   1 
HETATM 1344 O O   . HOH C 3 .   ? 16.376  6.372   8.748   1.00 18.04 ? 293 HOH E O   1 
HETATM 1345 O O   . HOH C 3 .   ? 10.214  9.338   -4.924  1.00 8.42  ? 294 HOH E O   1 
HETATM 1346 O O   . HOH C 3 .   ? -6.389  0.190   -7.437  1.00 9.57  ? 295 HOH E O   1 
HETATM 1347 O O   . HOH C 3 .   ? 0.244   -7.444  12.412  1.00 20.65 ? 296 HOH E O   1 
HETATM 1348 O O   . HOH C 3 .   ? 16.589  3.260   12.842  0.80 24.00 ? 297 HOH E O   1 
HETATM 1349 O O   . HOH C 3 .   ? -11.952 -1.633  -12.975 1.00 12.38 ? 298 HOH E O   1 
HETATM 1350 O O   . HOH C 3 .   ? -1.907  -4.990  2.637   1.00 15.66 ? 299 HOH E O   1 
HETATM 1351 O O   . HOH C 3 .   ? 6.074   8.033   -12.238 0.80 22.38 ? 300 HOH E O   1 
HETATM 1352 O O   . HOH C 3 .   ? 8.365   9.173   -12.029 0.75 18.50 ? 301 HOH E O   1 
HETATM 1353 O O   . HOH C 3 .   ? 6.594   7.488   -15.914 0.79 15.69 ? 302 HOH E O   1 
HETATM 1354 O O   . HOH C 3 .   ? -17.704 -13.137 -4.140  0.38 25.00 ? 303 HOH E O   1 
HETATM 1355 O O   . HOH C 3 .   ? -9.279  -12.595 3.028   0.60 13.93 ? 304 HOH E O   1 
HETATM 1356 O O   . HOH C 3 .   ? 15.796  0.234   1.650   1.00 16.00 ? 305 HOH E O   1 
HETATM 1357 O O   . HOH C 3 .   ? 13.740  -2.838  4.139   0.50 28.00 ? 306 HOH E O   1 
HETATM 1358 O O   . HOH C 3 .   ? 9.169   -11.711 -0.320  0.65 26.00 ? 307 HOH E O   1 
HETATM 1359 O O   . HOH C 3 .   ? 14.566  -2.035  1.210   0.65 26.00 ? 308 HOH E O   1 
HETATM 1360 O O   . HOH C 3 .   ? 1.526   2.460   -18.727 0.92 26.99 ? 309 HOH E O   1 
HETATM 1361 O O   . HOH C 3 .   ? -14.180 8.910   14.679  0.90 25.00 ? 310 HOH E O   1 
HETATM 1362 O O   . HOH C 3 .   ? -6.508  13.146  15.575  0.65 32.00 ? 311 HOH E O   1 
HETATM 1363 O O   . HOH C 3 .   ? -5.936  -15.597 5.240   0.38 28.00 ? 312 HOH E O   1 
HETATM 1364 O O   . HOH C 3 .   ? -11.189 -12.338 -9.924  0.72 25.00 ? 313 HOH E O   1 
HETATM 1365 O O   . HOH C 3 .   ? -12.431 -16.562 -3.489  0.60 28.00 ? 314 HOH E O   1 
HETATM 1366 O O   . HOH C 3 .   ? -11.257 12.727  5.698   0.80 28.00 ? 315 HOH E O   1 
HETATM 1367 O O   . HOH C 3 .   ? -8.789  -15.252 -4.262  0.90 24.00 ? 316 HOH E O   1 
HETATM 1368 O O   . HOH C 3 .   ? 3.698   -15.148 7.806   0.45 16.94 ? 317 HOH E O   1 
HETATM 1369 O O   . HOH C 3 .   ? 8.562   -10.186 2.774   0.37 17.33 ? 318 HOH E O   1 
HETATM 1370 O O   . HOH C 3 .   ? -3.418  -10.629 -11.525 0.50 24.00 ? 319 HOH E O   1 
HETATM 1371 O O   . HOH C 3 .   ? 4.622   -14.277 4.336   0.60 28.00 ? 320 HOH E O   1 
HETATM 1372 O O   . HOH C 3 .   ? 2.203   -9.480  -10.428 1.00 18.02 ? 321 HOH E O   1 
HETATM 1373 O O   . HOH C 3 .   ? -0.692  -8.079  -14.406 0.51 20.34 ? 322 HOH E O   1 
HETATM 1374 O O   . HOH C 3 .   ? -0.892  -3.448  -23.252 0.56 24.88 ? 323 HOH E O   1 
HETATM 1375 O O   . HOH C 3 .   ? 5.002   -1.785  -22.259 0.88 18.43 ? 324 HOH E O   1 
HETATM 1376 O O   . HOH C 3 .   ? -5.043  -7.407  -20.924 0.41 23.45 ? 325 HOH E O   1 
HETATM 1377 O O   . HOH C 3 .   ? -1.088  -11.218 -11.735 0.35 30.00 ? 326 HOH E O   1 
HETATM 1378 O O   . HOH C 3 .   ? 0.965   -9.795  -12.472 0.55 18.64 ? 327 HOH E O   1 
HETATM 1379 O O   . HOH C 3 .   ? -14.333 2.184   13.983  0.42 18.27 ? 328 HOH E O   1 
HETATM 1380 O O   . HOH C 3 .   ? 17.210  -3.017  -10.668 0.90 19.00 ? 329 HOH E O   1 
HETATM 1381 O O   . HOH C 3 .   ? -2.644  11.111  7.363   0.60 25.00 ? 330 HOH E O   1 
HETATM 1382 O O   . HOH C 3 .   ? 4.856   9.070   17.052  0.61 23.68 ? 331 HOH E O   1 
HETATM 1383 O O   . HOH C 3 .   ? -16.028 6.339   0.562   1.00 21.95 ? 332 HOH E O   1 
HETATM 1384 O O   . HOH C 3 .   ? 9.055   -6.035  -16.031 0.80 25.00 ? 333 HOH E O   1 
HETATM 1385 O O   . HOH C 3 .   ? 6.489   13.467  11.960  0.38 30.00 ? 334 HOH E O   1 
HETATM 1386 O O   . HOH C 3 .   ? -15.087 7.632   -2.375  0.70 24.35 ? 335 HOH E O   1 
HETATM 1387 O O   . HOH C 3 .   ? 2.210   6.380   17.340  0.35 32.00 ? 336 HOH E O   1 
HETATM 1388 O O   . HOH C 3 .   ? -9.321  12.181  -5.178  0.55 20.00 ? 337 HOH E O   1 
HETATM 1389 O O   . HOH C 3 .   ? -3.175  14.326  -3.100  0.57 26.32 ? 338 HOH E O   1 
HETATM 1390 O O   . HOH C 3 .   ? 2.475   11.753  6.714   0.59 17.45 ? 339 HOH E O   1 
HETATM 1391 O O   . HOH C 3 .   ? -14.701 0.774   6.073   0.76 18.13 ? 340 HOH E O   1 
HETATM 1392 O O   . HOH C 3 .   ? 9.110   -11.739 -10.825 0.65 25.33 ? 341 HOH E O   1 
HETATM 1393 O O   . HOH C 3 .   ? -11.757 -1.749  15.501  0.38 30.00 ? 342 HOH E O   1 
HETATM 1394 O O   . HOH C 3 .   ? -6.862  11.044  -6.876  0.91 18.15 ? 343 HOH E O   1 
HETATM 1395 O O   . HOH C 3 .   ? 4.386   14.455  -1.098  0.71 17.01 ? 344 HOH E O   1 
HETATM 1396 O O   . HOH C 3 .   ? 9.104   5.877   17.465  0.54 20.31 ? 345 HOH E O   1 
HETATM 1397 O O   . HOH C 3 .   ? 2.643   17.179  -8.070  0.61 24.85 ? 346 HOH E O   1 
HETATM 1398 O O   . HOH C 3 .   ? -14.424 -1.898  8.366   0.38 30.40 ? 347 HOH E O   1 
HETATM 1399 O O   . HOH C 3 .   ? 5.783   9.611   5.271   0.70 24.44 ? 348 HOH E O   1 
HETATM 1400 O O   . HOH C 3 .   ? 6.459   13.119  0.184   0.75 16.19 ? 349 HOH E O   1 
HETATM 1401 O O   . HOH C 3 .   ? -3.197  -2.765  17.744  0.50 19.91 ? 350 HOH E O   1 
HETATM 1402 O O   . HOH C 3 .   ? 9.696   13.661  0.896   0.35 22.08 ? 351 HOH E O   1 
HETATM 1403 O O   . HOH C 3 .   ? -17.246 -3.229  2.668   0.39 28.39 ? 352 HOH E O   1 
HETATM 1404 O O   . HOH C 3 .   ? -4.416  11.873  -14.529 0.42 28.00 ? 353 HOH E O   1 
HETATM 1405 O O   . HOH C 3 .   ? 0.669   14.893  -13.156 0.56 18.47 ? 354 HOH E O   1 
HETATM 1406 O O   . HOH C 3 .   ? 17.032  9.971   14.205  0.55 26.00 ? 355 HOH E O   1 
HETATM 1407 O O   . HOH C 3 .   ? -8.742  -5.538  13.673  0.50 18.22 ? 356 HOH E O   1 
HETATM 1408 O O   . HOH C 3 .   ? -4.663  -4.876  17.756  0.40 19.94 ? 357 HOH E O   1 
HETATM 1409 O O   . HOH C 3 .   ? -17.547 -1.452  -5.210  0.85 19.18 ? 358 HOH E O   1 
HETATM 1410 O O   . HOH C 3 .   ? 4.413   13.519  -12.655 0.70 20.04 ? 359 HOH E O   1 
HETATM 1411 O O   . HOH C 3 .   ? 4.319   -1.491  17.348  0.62 21.48 ? 360 HOH E O   1 
HETATM 1412 O O   . HOH C 3 .   ? -15.968 -6.054  2.051   0.68 28.83 ? 361 HOH E O   1 
HETATM 1413 O O   . HOH C 3 .   ? -6.402  -9.011  14.386  0.60 24.81 ? 362 HOH E O   1 
HETATM 1414 O O   . HOH C 3 .   ? -0.546  -8.925  19.405  0.60 24.52 ? 363 HOH E O   1 
HETATM 1415 O O   . HOH C 3 .   ? -12.121 -10.016 6.334   0.50 26.65 ? 364 HOH E O   1 
HETATM 1416 O O   . HOH C 3 .   ? 5.408   10.545  -12.130 0.50 18.43 ? 365 HOH E O   1 
HETATM 1417 O O   . HOH C 3 .   ? 4.204   -6.835  19.937  0.40 17.00 ? 366 HOH E O   1 
HETATM 1418 O O   . HOH C 3 .   ? -17.988 -8.323  -1.280  0.54 27.02 ? 367 HOH E O   1 
HETATM 1419 O O   . HOH C 3 .   ? -17.084 -3.728  -7.793  0.50 28.31 ? 368 HOH E O   1 
HETATM 1420 O O   . HOH C 3 .   ? 1.475   12.081  -21.356 0.40 28.20 ? 369 HOH E O   1 
HETATM 1421 O O   . HOH C 3 .   ? 4.311   1.967   2.671   0.60 16.51 ? 370 HOH E O   1 
HETATM 1422 O O   . HOH C 3 .   ? 3.710   9.443   -17.276 0.62 21.76 ? 371 HOH E O   1 
HETATM 1423 O O   . HOH C 3 .   ? -4.150  5.073   -19.626 0.73 15.18 ? 372 HOH E O   1 
HETATM 1424 O O   . HOH C 3 .   ? -11.889 -12.105 1.956   0.70 16.89 ? 373 HOH E O   1 
HETATM 1425 O O   . HOH C 3 .   ? 19.283  2.956   8.279   0.38 24.76 ? 374 HOH E O   1 
HETATM 1426 O O   . HOH C 3 .   ? 12.734  7.791   -12.206 0.74 15.68 ? 375 HOH E O   1 
HETATM 1427 O O   . HOH C 3 .   ? 0.032   3.853   -19.747 0.58 11.89 ? 376 HOH E O   1 
HETATM 1428 O O   . HOH C 3 .   ? -7.855  -3.381  -15.942 0.45 20.58 ? 377 HOH E O   1 
HETATM 1429 O O   . HOH C 3 .   ? 8.082   6.460   -17.943 0.89 20.74 ? 378 HOH E O   1 
HETATM 1430 O O   . HOH C 3 .   ? -2.063  4.245   -20.203 0.45 28.01 ? 379 HOH E O   1 
HETATM 1431 O O   . HOH C 3 .   ? -3.080  -4.314  -23.607 0.50 28.00 ? 380 HOH E O   1 
HETATM 1432 O O   . HOH C 3 .   ? -6.757  5.921   19.702  0.37 24.44 ? 381 HOH E O   1 
HETATM 1433 O O   . HOH C 3 .   ? 4.295   -12.430 -10.165 0.60 28.00 ? 382 HOH E O   1 
HETATM 1434 O O   . HOH C 3 .   ? 4.641   -10.576 -16.164 0.64 14.76 ? 383 HOH E O   1 
HETATM 1435 O O   . HOH C 3 .   ? 8.527   -13.715 -5.869  0.45 28.95 ? 384 HOH E O   1 
HETATM 1436 O O   . HOH C 3 .   ? -13.872 -2.068  11.416  0.60 28.06 ? 385 HOH E O   1 
HETATM 1437 O O   . HOH C 3 .   ? 7.554   11.674  6.039   0.64 28.50 ? 386 HOH E O   1 
HETATM 1438 O O   . HOH C 3 .   ? -16.454 -5.316  -9.475  0.56 15.41 ? 387 HOH E O   1 
HETATM 1439 O O   . HOH C 3 .   ? -16.322 -14.652 -8.801  0.56 20.00 ? 388 HOH E O   1 
HETATM 1440 O O   . HOH C 3 .   ? -8.449  13.937  11.602  0.50 28.00 ? 389 HOH E O   1 
HETATM 1441 O O   . HOH C 3 .   ? -3.346  -15.735 5.896   0.55 18.09 ? 390 HOH E O   1 
HETATM 1442 O O   . HOH C 3 .   ? 7.742   -8.061  1.572   0.50 16.27 ? 391 HOH E O   1 
HETATM 1443 O O   . HOH C 3 .   ? -8.016  13.440  9.084   0.52 24.59 ? 392 HOH E O   1 
HETATM 1444 O O   . HOH C 3 .   ? 15.913  2.815   -12.167 0.48 20.51 ? 393 HOH E O   1 
HETATM 1445 O O   . HOH C 3 .   ? 17.960  1.816   -12.123 0.47 22.34 ? 394 HOH E O   1 
HETATM 1446 O O   . HOH C 3 .   ? -1.974  12.929  5.669   0.51 16.43 ? 395 HOH E O   1 
HETATM 1447 O O   . HOH C 3 .   ? -4.888  13.314  -6.594  0.50 20.95 ? 396 HOH E O   1 
HETATM 1448 O O   . HOH C 3 .   ? -11.462 10.504  -10.503 0.49 16.32 ? 397 HOH E O   1 
HETATM 1449 O O   . HOH C 3 .   ? 2.700   -1.113  19.025  0.40 28.50 ? 398 HOH E O   1 
HETATM 1450 O O   . HOH C 3 .   ? 8.812   2.472   16.437  0.70 20.04 ? 399 HOH E O   1 
HETATM 1451 O O   . HOH C 3 .   ? 19.206  -1.069  5.451   0.38 26.17 ? 400 HOH E O   1 
HETATM 1452 O O   . HOH C 3 .   ? 4.190   -11.086 11.110  0.58 20.09 ? 401 HOH E O   1 
HETATM 1453 O O   . HOH C 3 .   ? -7.961  -6.050  -18.248 0.40 26.66 ? 402 HOH E O   1 
HETATM 1454 O O   . HOH C 3 .   ? 3.033   1.999   -20.417 0.54 19.81 ? 403 HOH E O   1 
HETATM 1455 O O   . HOH C 3 .   ? 4.008   -13.779 10.572  0.49 28.48 ? 404 HOH E O   1 
HETATM 1456 O O   . HOH C 3 .   ? -4.786  -12.491 -6.772  0.50 23.64 ? 405 HOH E O   1 
HETATM 1457 O O   . HOH C 3 .   ? 16.704  -5.825  -0.393  0.41 20.31 ? 406 HOH E O   1 
HETATM 1458 O O   . HOH C 3 .   ? 6.937   -15.075 8.280   0.38 28.15 ? 407 HOH E O   1 
HETATM 1459 O O   . HOH C 3 .   ? -5.761  15.888  0.986   0.39 29.85 ? 408 HOH E O   1 
HETATM 1460 O O   . HOH C 3 .   ? 0.410   -14.495 -2.642  0.40 17.42 ? 409 HOH E O   1 
HETATM 1461 O O   . HOH C 3 .   ? 1.262   -16.798 1.423   0.45 29.53 ? 410 HOH E O   1 
HETATM 1462 O O   . HOH C 3 .   ? 18.492  -4.227  -4.076  0.50 22.18 ? 411 HOH E O   1 
HETATM 1463 O O   . HOH C 3 .   ? 16.525  -3.551  -14.205 0.50 22.94 ? 412 HOH E O   1 
HETATM 1464 O O   . HOH C 3 .   ? 17.178  -5.820  -9.959  0.45 29.85 ? 413 HOH E O   1 
HETATM 1465 O O   . HOH C 3 .   ? 11.137  14.720  10.582  0.50 24.92 ? 414 HOH E O   1 
HETATM 1466 O O   . HOH C 3 .   ? -9.208  11.260  -7.667  0.44 28.65 ? 415 HOH E O   1 
HETATM 1467 O O   . HOH C 3 .   ? 4.829   4.290   17.010  0.39 28.88 ? 416 HOH E O   1 
HETATM 1468 O O   . HOH C 3 .   ? -18.528 -0.042  0.395   0.60 19.69 ? 417 HOH E O   1 
HETATM 1469 O O   . HOH C 3 .   ? 13.641  9.963   14.958  0.41 19.65 ? 418 HOH E O   1 
HETATM 1470 O O   . HOH C 3 .   ? 9.738   14.487  3.559   0.38 28.05 ? 419 HOH E O   1 
HETATM 1471 O O   . HOH C 3 .   ? 5.655   8.800   -21.891 0.45 21.66 ? 420 HOH E O   1 
HETATM 1472 O O   . HOH C 3 .   ? -10.487 -14.698 6.748   0.41 17.09 ? 421 HOH E O   1 
HETATM 1473 O O   . HOH C 3 .   ? 17.109  -3.935  12.738  0.45 22.11 ? 422 HOH E O   1 
HETATM 1474 O O   . HOH C 3 .   ? -16.618 -16.011 -2.324  0.39 16.13 ? 423 HOH E O   1 
HETATM 1475 O O   . HOH D 3 .   ? 12.136  -2.344  14.837  0.38 30.52 ? 356 HOH P O   1 
HETATM 1476 O O   . HOH D 3 .   ? 7.627   -7.319  13.568  0.60 30.23 ? 357 HOH P O   1 
HETATM 1477 O O   . HOH D 3 .   ? 10.588  -6.331  4.494   0.38 19.50 ? 361 HOH P O   1 
# 
